data_6V7D
#
_entry.id   6V7D
#
_cell.length_a   53.660
_cell.length_b   285.720
_cell.length_c   67.230
_cell.angle_alpha   90.000
_cell.angle_beta   90.100
_cell.angle_gamma   90.000
#
_symmetry.space_group_name_H-M   'P 1 21 1'
#
loop_
_entity.id
_entity.type
_entity.pdbx_description
1 polymer Arginase-1
2 non-polymer 'MANGANESE (II) ION'
3 non-polymer {3-[(3aR,4R,5S,6aR)-4-azaniumyl-4-carboxyoctahydrocyclopenta[b]pyrrol-1-ium-5-yl]propyl}(trihydroxy)borate(1-)
4 water water
#
_entity_poly.entity_id   1
_entity_poly.type   'polypeptide(L)'
_entity_poly.pdbx_seq_one_letter_code
;MSAKSRTIGIIGAPFSKGQPRGGVEEGPTVLRKAGLLEKLKEQECDVKDYGDLPFADIPNDSPFQIVKNPRSVGKASEQL
AGKVAEVKKNGRISLVLGGDHSLAIGSISGHARVHPDLGVIWVDAHTDINTPLTTTSGNLHGQPVSFLLKELKGKIPDVP
GFSWVTPCISAKDIVYIGLRDVDPGEHYILKTLGIKYFSMTEVDRLGIGKVMEETLSYLLGRKKRPIHLSFDVDGLDPSF
TPATGTPVVGGLTYREGLYITEEIYKTGLLSGLDIMEVNPSLGKTPEEVTRTVNTAVAITLACFGLAREGNHKPIDYLNP
PK
;
_entity_poly.pdbx_strand_id   A,B,C,D,E,F
#
# COMPACT_ATOMS: atom_id res chain seq x y z
N SER A 2 -44.67 20.61 -18.34
CA SER A 2 -44.22 19.81 -17.20
C SER A 2 -42.74 20.02 -16.94
N ALA A 3 -42.29 19.66 -15.71
CA ALA A 3 -40.89 19.75 -15.29
C ALA A 3 -40.01 18.84 -16.18
N LYS A 4 -38.73 19.21 -16.36
CA LYS A 4 -37.76 18.42 -17.15
C LYS A 4 -37.73 16.96 -16.65
N SER A 5 -37.77 16.76 -15.30
CA SER A 5 -37.76 15.43 -14.66
C SER A 5 -39.04 14.61 -14.91
N ARG A 6 -40.08 15.24 -15.47
CA ARG A 6 -41.35 14.59 -15.80
C ARG A 6 -41.69 14.75 -17.30
N THR A 7 -40.69 15.03 -18.15
CA THR A 7 -40.86 15.22 -19.62
C THR A 7 -40.17 14.06 -20.29
N ILE A 8 -40.98 13.16 -20.87
CA ILE A 8 -40.55 11.84 -21.33
C ILE A 8 -40.80 11.54 -22.82
N GLY A 9 -39.85 10.83 -23.41
CA GLY A 9 -39.94 10.26 -24.75
C GLY A 9 -39.88 8.75 -24.64
N ILE A 10 -41.01 8.06 -24.93
CA ILE A 10 -41.12 6.61 -24.82
C ILE A 10 -40.72 5.91 -26.11
N ILE A 11 -39.82 4.93 -25.98
CA ILE A 11 -39.34 4.10 -27.08
C ILE A 11 -39.57 2.62 -26.75
N GLY A 12 -40.36 1.96 -27.60
CA GLY A 12 -40.57 0.51 -27.46
C GLY A 12 -39.43 -0.20 -28.19
N ALA A 13 -38.79 -1.18 -27.53
CA ALA A 13 -37.72 -1.93 -28.18
C ALA A 13 -38.02 -3.46 -28.09
N PRO A 14 -38.96 -3.96 -28.94
CA PRO A 14 -39.33 -5.39 -28.87
C PRO A 14 -38.28 -6.29 -29.50
N PHE A 15 -37.19 -6.53 -28.78
CA PHE A 15 -36.05 -7.34 -29.27
C PHE A 15 -35.65 -8.42 -28.28
N SER A 16 -35.41 -9.65 -28.75
CA SER A 16 -35.09 -10.80 -27.90
C SER A 16 -33.80 -11.54 -28.25
N LYS A 17 -33.20 -11.28 -29.43
CA LYS A 17 -32.04 -12.02 -29.93
C LYS A 17 -30.69 -11.82 -29.17
N GLY A 18 -30.65 -11.00 -28.12
CA GLY A 18 -29.51 -10.88 -27.22
C GLY A 18 -29.47 -12.04 -26.21
N GLN A 19 -30.52 -12.87 -26.23
CA GLN A 19 -30.63 -14.02 -25.34
C GLN A 19 -31.47 -15.18 -25.99
N PRO A 20 -31.42 -16.44 -25.46
CA PRO A 20 -32.14 -17.52 -26.14
C PRO A 20 -33.60 -17.74 -25.74
N ARG A 21 -34.10 -17.06 -24.70
CA ARG A 21 -35.50 -17.31 -24.28
C ARG A 21 -36.53 -16.38 -24.96
N GLY A 22 -37.43 -16.98 -25.71
CA GLY A 22 -38.47 -16.24 -26.42
C GLY A 22 -39.47 -15.62 -25.46
N GLY A 23 -39.98 -14.46 -25.84
CA GLY A 23 -41.01 -13.76 -25.09
C GLY A 23 -40.64 -12.37 -24.60
N VAL A 24 -39.34 -12.08 -24.39
CA VAL A 24 -38.88 -10.77 -23.89
C VAL A 24 -39.20 -9.63 -24.94
N GLU A 25 -39.41 -9.98 -26.23
CA GLU A 25 -39.82 -9.01 -27.27
C GLU A 25 -41.25 -8.48 -26.97
N GLU A 26 -42.03 -9.21 -26.15
CA GLU A 26 -43.40 -8.82 -25.74
C GLU A 26 -43.44 -7.83 -24.56
N GLY A 27 -42.28 -7.58 -23.92
CA GLY A 27 -42.12 -6.62 -22.83
C GLY A 27 -42.77 -5.28 -23.10
N PRO A 28 -42.50 -4.59 -24.26
CA PRO A 28 -43.17 -3.30 -24.53
C PRO A 28 -44.69 -3.42 -24.60
N THR A 29 -45.23 -4.50 -25.20
CA THR A 29 -46.66 -4.77 -25.33
C THR A 29 -47.33 -4.91 -23.96
N VAL A 30 -46.77 -5.76 -23.09
CA VAL A 30 -47.37 -5.98 -21.75
C VAL A 30 -47.26 -4.73 -20.85
N LEU A 31 -46.16 -3.96 -20.95
CA LEU A 31 -46.00 -2.72 -20.17
C LEU A 31 -46.99 -1.64 -20.63
N ARG A 32 -47.28 -1.58 -21.97
CA ARG A 32 -48.24 -0.63 -22.53
C ARG A 32 -49.66 -1.01 -22.15
N LYS A 33 -49.99 -2.33 -22.19
CA LYS A 33 -51.33 -2.85 -21.87
C LYS A 33 -51.67 -2.59 -20.40
N ALA A 34 -50.64 -2.59 -19.51
CA ALA A 34 -50.80 -2.31 -18.09
C ALA A 34 -51.12 -0.82 -17.81
N GLY A 35 -51.09 0.01 -18.86
CA GLY A 35 -51.41 1.44 -18.80
C GLY A 35 -50.28 2.36 -18.37
N LEU A 36 -49.01 1.99 -18.66
CA LEU A 36 -47.84 2.78 -18.29
C LEU A 36 -47.92 4.26 -18.74
N LEU A 37 -48.24 4.50 -20.02
CA LEU A 37 -48.36 5.84 -20.59
C LEU A 37 -49.44 6.67 -19.94
N GLU A 38 -50.62 6.06 -19.69
CA GLU A 38 -51.75 6.73 -19.05
C GLU A 38 -51.41 7.09 -17.60
N LYS A 39 -50.81 6.12 -16.84
CA LYS A 39 -50.41 6.31 -15.44
C LYS A 39 -49.39 7.43 -15.31
N LEU A 40 -48.45 7.54 -16.28
CA LEU A 40 -47.46 8.61 -16.26
C LEU A 40 -48.13 9.98 -16.47
N LYS A 41 -49.10 10.07 -17.40
CA LYS A 41 -49.86 11.31 -17.66
C LYS A 41 -50.70 11.72 -16.44
N GLU A 42 -51.18 10.72 -15.65
CA GLU A 42 -51.94 10.90 -14.40
C GLU A 42 -51.08 11.52 -13.27
N GLN A 43 -49.74 11.45 -13.38
CA GLN A 43 -48.86 12.03 -12.38
C GLN A 43 -48.07 13.25 -12.93
N GLU A 44 -48.79 14.05 -13.76
CA GLU A 44 -48.36 15.30 -14.37
C GLU A 44 -47.08 15.16 -15.24
N CYS A 45 -46.99 14.07 -16.02
CA CYS A 45 -45.88 13.88 -16.96
C CYS A 45 -46.30 14.31 -18.37
N ASP A 46 -45.34 14.89 -19.12
CA ASP A 46 -45.46 15.29 -20.51
C ASP A 46 -44.89 14.10 -21.24
N VAL A 47 -45.77 13.25 -21.79
CA VAL A 47 -45.38 12.00 -22.46
C VAL A 47 -45.57 12.08 -23.97
N LYS A 48 -44.50 11.75 -24.70
CA LYS A 48 -44.50 11.65 -26.14
C LYS A 48 -44.08 10.24 -26.48
N ASP A 49 -44.90 9.53 -27.25
CA ASP A 49 -44.66 8.16 -27.65
C ASP A 49 -44.03 8.11 -29.02
N TYR A 50 -42.76 7.68 -29.07
CA TYR A 50 -42.00 7.55 -30.31
C TYR A 50 -42.23 6.18 -30.98
N GLY A 51 -43.19 5.42 -30.46
CA GLY A 51 -43.59 4.11 -30.95
C GLY A 51 -42.63 2.98 -30.69
N ASP A 52 -42.94 1.78 -31.23
CA ASP A 52 -42.10 0.58 -31.09
C ASP A 52 -41.21 0.45 -32.32
N LEU A 53 -39.90 0.25 -32.09
CA LEU A 53 -38.96 0.11 -33.20
C LEU A 53 -39.18 -1.18 -33.97
N PRO A 54 -39.21 -1.11 -35.32
CA PRO A 54 -39.36 -2.33 -36.11
C PRO A 54 -37.98 -2.99 -36.26
N PHE A 55 -37.85 -4.22 -35.81
CA PHE A 55 -36.56 -4.92 -35.94
C PHE A 55 -36.63 -5.98 -37.05
N ALA A 56 -36.15 -5.59 -38.24
CA ALA A 56 -36.15 -6.43 -39.43
C ALA A 56 -35.31 -7.68 -39.24
N ASP A 57 -35.81 -8.83 -39.71
CA ASP A 57 -35.15 -10.12 -39.64
C ASP A 57 -33.86 -10.11 -40.45
N ILE A 58 -32.78 -10.68 -39.87
CA ILE A 58 -31.48 -10.86 -40.50
C ILE A 58 -31.35 -12.39 -40.61
N PRO A 59 -31.77 -12.97 -41.76
CA PRO A 59 -31.79 -14.44 -41.90
C PRO A 59 -30.45 -15.16 -41.86
N ASN A 60 -29.36 -14.64 -42.48
CA ASN A 60 -28.06 -15.35 -42.45
C ASN A 60 -27.11 -14.73 -41.41
N ASP A 61 -27.58 -14.67 -40.16
CA ASP A 61 -26.81 -14.07 -39.07
C ASP A 61 -25.98 -15.12 -38.30
N SER A 62 -24.90 -15.58 -38.96
CA SER A 62 -23.96 -16.60 -38.48
C SER A 62 -23.25 -16.14 -37.18
N PRO A 63 -22.93 -17.04 -36.25
CA PRO A 63 -22.32 -16.59 -35.00
C PRO A 63 -20.88 -16.13 -35.15
N PHE A 64 -20.48 -15.16 -34.30
CA PHE A 64 -19.09 -14.71 -34.23
C PHE A 64 -18.56 -15.64 -33.13
N GLN A 65 -17.77 -16.67 -33.52
CA GLN A 65 -17.27 -17.71 -32.61
C GLN A 65 -18.52 -18.36 -31.89
N ILE A 66 -18.71 -18.14 -30.58
CA ILE A 66 -19.86 -18.67 -29.82
C ILE A 66 -20.99 -17.62 -29.67
N VAL A 67 -20.66 -16.34 -29.94
CA VAL A 67 -21.55 -15.17 -29.82
C VAL A 67 -22.68 -15.27 -30.84
N LYS A 68 -23.91 -15.42 -30.32
CA LYS A 68 -25.15 -15.64 -31.09
C LYS A 68 -25.81 -14.35 -31.57
N ASN A 69 -26.39 -14.41 -32.78
CA ASN A 69 -27.13 -13.34 -33.48
C ASN A 69 -26.36 -11.98 -33.45
N PRO A 70 -25.07 -11.91 -33.82
CA PRO A 70 -24.34 -10.62 -33.67
C PRO A 70 -24.84 -9.45 -34.52
N ARG A 71 -25.18 -9.70 -35.81
CA ARG A 71 -25.68 -8.66 -36.71
C ARG A 71 -27.06 -8.16 -36.24
N SER A 72 -27.94 -9.06 -35.79
CA SER A 72 -29.27 -8.71 -35.27
C SER A 72 -29.18 -7.83 -34.03
N VAL A 73 -28.33 -8.24 -33.04
CA VAL A 73 -28.10 -7.49 -31.80
C VAL A 73 -27.46 -6.11 -32.09
N GLY A 74 -26.42 -6.10 -32.92
CA GLY A 74 -25.72 -4.87 -33.29
C GLY A 74 -26.61 -3.88 -34.01
N LYS A 75 -27.44 -4.38 -34.96
CA LYS A 75 -28.38 -3.53 -35.74
C LYS A 75 -29.50 -2.99 -34.86
N ALA A 76 -30.07 -3.83 -33.98
CA ALA A 76 -31.11 -3.38 -33.06
C ALA A 76 -30.59 -2.22 -32.19
N SER A 77 -29.35 -2.35 -31.68
CA SER A 77 -28.72 -1.30 -30.84
C SER A 77 -28.35 -0.09 -31.64
N GLU A 78 -27.97 -0.27 -32.91
CA GLU A 78 -27.66 0.86 -33.80
C GLU A 78 -28.91 1.72 -34.02
N GLN A 79 -30.06 1.08 -34.26
CA GLN A 79 -31.36 1.74 -34.50
C GLN A 79 -31.77 2.51 -33.24
N LEU A 80 -31.64 1.83 -32.08
CA LEU A 80 -32.00 2.37 -30.78
C LEU A 80 -31.16 3.57 -30.41
N ALA A 81 -29.85 3.51 -30.72
CA ALA A 81 -28.95 4.64 -30.50
C ALA A 81 -29.44 5.90 -31.24
N GLY A 82 -29.81 5.74 -32.51
CA GLY A 82 -30.34 6.83 -33.35
C GLY A 82 -31.60 7.42 -32.74
N LYS A 83 -32.53 6.53 -32.31
CA LYS A 83 -33.81 6.91 -31.73
C LYS A 83 -33.65 7.63 -30.37
N VAL A 84 -32.80 7.12 -29.48
CA VAL A 84 -32.53 7.71 -28.16
C VAL A 84 -31.94 9.11 -28.33
N ALA A 85 -30.96 9.25 -29.25
CA ALA A 85 -30.32 10.55 -29.55
C ALA A 85 -31.36 11.58 -30.02
N GLU A 86 -32.34 11.15 -30.82
CA GLU A 86 -33.44 11.98 -31.33
C GLU A 86 -34.30 12.48 -30.16
N VAL A 87 -34.67 11.56 -29.25
CA VAL A 87 -35.49 11.84 -28.05
C VAL A 87 -34.75 12.84 -27.15
N LYS A 88 -33.43 12.61 -26.93
CA LYS A 88 -32.57 13.48 -26.14
C LYS A 88 -32.46 14.88 -26.72
N LYS A 89 -32.38 15.00 -28.06
CA LYS A 89 -32.32 16.29 -28.78
C LYS A 89 -33.61 17.10 -28.61
N ASN A 90 -34.75 16.42 -28.40
CA ASN A 90 -36.07 17.01 -28.17
C ASN A 90 -36.29 17.45 -26.69
N GLY A 91 -35.21 17.43 -25.87
CA GLY A 91 -35.25 17.80 -24.46
C GLY A 91 -36.15 16.91 -23.60
N ARG A 92 -36.10 15.59 -23.85
CA ARG A 92 -36.92 14.65 -23.09
C ARG A 92 -36.06 13.55 -22.53
N ILE A 93 -36.53 12.94 -21.45
CA ILE A 93 -35.89 11.78 -20.82
C ILE A 93 -36.28 10.57 -21.68
N SER A 94 -35.29 9.84 -22.21
CA SER A 94 -35.59 8.65 -22.99
C SER A 94 -35.99 7.51 -22.06
N LEU A 95 -37.12 6.85 -22.37
CA LEU A 95 -37.67 5.73 -21.63
C LEU A 95 -37.76 4.54 -22.57
N VAL A 96 -36.78 3.63 -22.46
CA VAL A 96 -36.70 2.45 -23.30
C VAL A 96 -37.40 1.27 -22.64
N LEU A 97 -38.42 0.72 -23.33
CA LEU A 97 -39.13 -0.44 -22.87
C LEU A 97 -38.57 -1.65 -23.59
N GLY A 98 -37.85 -2.49 -22.85
CA GLY A 98 -37.24 -3.71 -23.41
C GLY A 98 -38.18 -4.90 -23.38
N GLY A 99 -37.79 -6.03 -23.98
CA GLY A 99 -36.52 -6.21 -24.68
C GLY A 99 -35.41 -6.65 -23.77
N ASP A 100 -34.45 -7.44 -24.32
CA ASP A 100 -33.32 -7.93 -23.53
C ASP A 100 -32.30 -6.80 -23.30
N HIS A 101 -31.42 -6.97 -22.31
CA HIS A 101 -30.46 -5.96 -21.91
C HIS A 101 -29.33 -5.67 -22.92
N SER A 102 -29.19 -6.44 -24.03
CA SER A 102 -28.17 -6.10 -25.04
C SER A 102 -28.46 -4.70 -25.63
N LEU A 103 -29.76 -4.29 -25.57
CA LEU A 103 -30.25 -3.00 -26.07
C LEU A 103 -29.62 -1.78 -25.34
N ALA A 104 -29.02 -1.99 -24.13
CA ALA A 104 -28.33 -0.95 -23.37
C ALA A 104 -27.14 -0.39 -24.17
N ILE A 105 -26.56 -1.19 -25.10
CA ILE A 105 -25.47 -0.73 -25.99
C ILE A 105 -26.01 0.51 -26.74
N GLY A 106 -27.15 0.34 -27.41
CA GLY A 106 -27.79 1.40 -28.16
C GLY A 106 -28.35 2.52 -27.30
N SER A 107 -29.04 2.20 -26.20
N SER A 107 -29.01 2.18 -26.20
CA SER A 107 -29.62 3.22 -25.32
CA SER A 107 -29.61 3.14 -25.26
C SER A 107 -28.58 4.16 -24.68
C SER A 107 -28.59 4.14 -24.67
N ILE A 108 -27.48 3.60 -24.14
CA ILE A 108 -26.40 4.41 -23.53
C ILE A 108 -25.59 5.13 -24.62
N SER A 109 -25.25 4.43 -25.74
CA SER A 109 -24.51 5.06 -26.85
C SER A 109 -25.25 6.30 -27.37
N GLY A 110 -26.56 6.14 -27.63
CA GLY A 110 -27.45 7.20 -28.10
C GLY A 110 -27.56 8.37 -27.16
N HIS A 111 -27.62 8.07 -25.87
CA HIS A 111 -27.74 9.07 -24.80
C HIS A 111 -26.42 9.87 -24.67
N ALA A 112 -25.27 9.19 -24.74
CA ALA A 112 -23.94 9.82 -24.67
C ALA A 112 -23.65 10.76 -25.84
N ARG A 113 -24.30 10.54 -26.99
CA ARG A 113 -24.15 11.40 -28.17
C ARG A 113 -24.64 12.84 -27.88
N VAL A 114 -25.68 12.98 -27.05
CA VAL A 114 -26.24 14.28 -26.68
C VAL A 114 -25.68 14.75 -25.32
N HIS A 115 -25.42 13.81 -24.38
CA HIS A 115 -24.86 14.11 -23.05
C HIS A 115 -23.62 13.22 -22.78
N PRO A 116 -22.43 13.61 -23.26
CA PRO A 116 -21.24 12.75 -23.07
C PRO A 116 -20.75 12.62 -21.62
N ASP A 117 -21.21 13.52 -20.73
CA ASP A 117 -20.85 13.57 -19.32
C ASP A 117 -21.79 12.72 -18.43
N LEU A 118 -22.69 11.91 -19.04
CA LEU A 118 -23.64 11.07 -18.32
C LEU A 118 -22.96 10.06 -17.35
N GLY A 119 -23.66 9.75 -16.26
CA GLY A 119 -23.25 8.78 -15.26
C GLY A 119 -24.24 7.64 -15.22
N VAL A 120 -23.78 6.37 -15.20
CA VAL A 120 -24.66 5.19 -15.28
C VAL A 120 -24.87 4.50 -13.93
N ILE A 121 -26.14 4.25 -13.57
CA ILE A 121 -26.54 3.42 -12.43
C ILE A 121 -27.11 2.16 -13.11
N TRP A 122 -26.50 0.99 -12.83
CA TRP A 122 -26.87 -0.29 -13.44
C TRP A 122 -27.45 -1.22 -12.38
N VAL A 123 -28.80 -1.33 -12.34
CA VAL A 123 -29.53 -2.18 -11.39
C VAL A 123 -29.78 -3.54 -12.03
N ASP A 124 -29.18 -4.60 -11.44
CA ASP A 124 -29.17 -5.93 -12.03
C ASP A 124 -28.57 -6.92 -11.04
N ALA A 125 -28.91 -8.21 -11.20
CA ALA A 125 -28.31 -9.29 -10.43
C ALA A 125 -26.90 -9.52 -11.01
N HIS A 126 -26.73 -9.19 -12.28
CA HIS A 126 -25.52 -9.40 -13.12
C HIS A 126 -24.79 -8.14 -13.52
N THR A 127 -23.50 -8.31 -13.90
CA THR A 127 -22.64 -7.23 -14.35
C THR A 127 -22.79 -6.92 -15.83
N ASP A 128 -23.15 -7.92 -16.68
CA ASP A 128 -23.34 -7.77 -18.15
C ASP A 128 -22.09 -7.15 -18.82
N ILE A 129 -20.92 -7.47 -18.26
CA ILE A 129 -19.63 -6.92 -18.66
C ILE A 129 -18.73 -7.96 -19.34
N ASN A 130 -19.26 -9.15 -19.69
CA ASN A 130 -18.45 -10.13 -20.42
C ASN A 130 -18.06 -9.55 -21.77
N THR A 131 -16.89 -9.89 -22.30
CA THR A 131 -16.53 -9.42 -23.64
C THR A 131 -16.93 -10.56 -24.61
N PRO A 132 -16.98 -10.36 -25.93
CA PRO A 132 -17.25 -11.50 -26.84
C PRO A 132 -16.27 -12.68 -26.69
N LEU A 133 -15.13 -12.47 -25.98
CA LEU A 133 -14.11 -13.50 -25.74
C LEU A 133 -14.16 -14.13 -24.33
N THR A 134 -14.70 -13.42 -23.32
CA THR A 134 -14.80 -13.98 -21.95
C THR A 134 -16.15 -14.72 -21.77
N THR A 135 -17.16 -14.37 -22.57
CA THR A 135 -18.50 -15.00 -22.51
C THR A 135 -18.41 -16.52 -22.67
N THR A 136 -19.21 -17.25 -21.91
CA THR A 136 -19.27 -18.72 -22.04
C THR A 136 -20.62 -19.14 -22.67
N SER A 137 -21.67 -18.35 -22.46
CA SER A 137 -23.00 -18.63 -22.99
C SER A 137 -23.15 -18.10 -24.43
N GLY A 138 -22.39 -17.05 -24.77
CA GLY A 138 -22.44 -16.41 -26.09
C GLY A 138 -23.67 -15.54 -26.29
N ASN A 139 -24.40 -15.21 -25.19
CA ASN A 139 -25.63 -14.39 -25.24
C ASN A 139 -25.27 -12.93 -24.99
N LEU A 140 -25.49 -12.08 -25.99
CA LEU A 140 -25.06 -10.68 -25.97
C LEU A 140 -25.69 -9.84 -24.88
N HIS A 141 -26.85 -10.28 -24.28
CA HIS A 141 -27.48 -9.50 -23.23
C HIS A 141 -26.60 -9.45 -21.94
N GLY A 142 -25.54 -10.26 -21.90
CA GLY A 142 -24.57 -10.34 -20.82
C GLY A 142 -23.24 -9.71 -21.19
N GLN A 143 -23.21 -8.93 -22.26
CA GLN A 143 -21.97 -8.26 -22.70
C GLN A 143 -22.12 -6.76 -23.00
N PRO A 144 -23.27 -6.05 -22.76
CA PRO A 144 -23.36 -4.65 -23.18
C PRO A 144 -22.36 -3.69 -22.53
N VAL A 145 -22.09 -3.85 -21.23
CA VAL A 145 -21.15 -2.94 -20.56
C VAL A 145 -19.74 -3.01 -21.21
N SER A 146 -19.31 -4.19 -21.68
CA SER A 146 -17.97 -4.32 -22.30
C SER A 146 -17.80 -3.48 -23.57
N PHE A 147 -18.87 -3.37 -24.39
CA PHE A 147 -18.85 -2.61 -25.63
C PHE A 147 -18.81 -1.10 -25.38
N LEU A 148 -19.35 -0.66 -24.22
CA LEU A 148 -19.47 0.74 -23.82
C LEU A 148 -18.26 1.34 -23.10
N LEU A 149 -17.45 0.50 -22.39
CA LEU A 149 -16.32 0.99 -21.60
C LEU A 149 -15.07 1.37 -22.39
N LYS A 150 -14.55 2.59 -22.14
CA LYS A 150 -13.33 3.11 -22.80
C LYS A 150 -12.10 2.27 -22.47
N GLU A 151 -11.99 1.79 -21.22
CA GLU A 151 -10.86 0.98 -20.74
C GLU A 151 -10.78 -0.40 -21.38
N LEU A 152 -11.90 -0.87 -22.00
CA LEU A 152 -11.95 -2.16 -22.66
C LEU A 152 -11.72 -2.06 -24.18
N LYS A 153 -11.27 -0.87 -24.67
CA LYS A 153 -10.91 -0.62 -26.07
C LYS A 153 -9.61 -1.41 -26.32
N GLY A 154 -9.58 -2.17 -27.41
CA GLY A 154 -8.48 -3.07 -27.76
C GLY A 154 -8.73 -4.49 -27.24
N LYS A 155 -9.71 -4.62 -26.33
CA LYS A 155 -10.10 -5.88 -25.69
C LYS A 155 -11.31 -6.48 -26.38
N ILE A 156 -12.11 -5.64 -27.08
CA ILE A 156 -13.30 -6.10 -27.79
C ILE A 156 -12.89 -6.40 -29.23
N PRO A 157 -13.10 -7.66 -29.75
CA PRO A 157 -12.74 -7.94 -31.15
C PRO A 157 -13.74 -7.36 -32.16
N ASP A 158 -13.39 -7.40 -33.45
CA ASP A 158 -14.26 -6.91 -34.52
C ASP A 158 -15.47 -7.85 -34.72
N VAL A 159 -16.56 -7.58 -33.97
CA VAL A 159 -17.79 -8.36 -34.03
C VAL A 159 -18.70 -7.79 -35.14
N PRO A 160 -19.20 -8.62 -36.10
CA PRO A 160 -20.10 -8.09 -37.14
C PRO A 160 -21.37 -7.53 -36.52
N GLY A 161 -21.70 -6.32 -36.95
CA GLY A 161 -22.87 -5.55 -36.51
C GLY A 161 -22.51 -4.49 -35.49
N PHE A 162 -21.25 -4.47 -35.02
CA PHE A 162 -20.84 -3.51 -33.96
C PHE A 162 -19.74 -2.52 -34.37
N SER A 163 -19.42 -2.39 -35.67
CA SER A 163 -18.39 -1.43 -36.11
C SER A 163 -18.78 0.04 -35.84
N TRP A 164 -20.10 0.32 -35.68
CA TRP A 164 -20.62 1.66 -35.39
C TRP A 164 -20.32 2.11 -33.95
N VAL A 165 -20.07 1.14 -33.04
CA VAL A 165 -19.87 1.34 -31.60
C VAL A 165 -18.57 2.07 -31.29
N THR A 166 -18.69 3.14 -30.50
CA THR A 166 -17.55 3.89 -29.98
C THR A 166 -17.69 3.85 -28.45
N PRO A 167 -16.71 3.32 -27.67
CA PRO A 167 -16.86 3.31 -26.21
C PRO A 167 -17.11 4.72 -25.69
N CYS A 168 -18.21 4.91 -24.95
CA CYS A 168 -18.62 6.23 -24.52
C CYS A 168 -18.56 6.47 -23.01
N ILE A 169 -18.32 5.42 -22.20
CA ILE A 169 -18.24 5.58 -20.75
C ILE A 169 -16.95 5.04 -20.18
N SER A 170 -16.41 5.74 -19.18
CA SER A 170 -15.22 5.30 -18.48
C SER A 170 -15.66 4.46 -17.30
N ALA A 171 -14.80 3.53 -16.85
CA ALA A 171 -15.05 2.65 -15.72
C ALA A 171 -15.48 3.38 -14.46
N LYS A 172 -15.02 4.64 -14.27
CA LYS A 172 -15.33 5.52 -13.14
C LYS A 172 -16.73 6.13 -13.22
N ASP A 173 -17.43 5.98 -14.36
CA ASP A 173 -18.73 6.61 -14.59
C ASP A 173 -19.93 5.68 -14.49
N ILE A 174 -19.73 4.50 -13.91
CA ILE A 174 -20.75 3.47 -13.75
C ILE A 174 -20.77 2.94 -12.31
N VAL A 175 -21.97 2.74 -11.77
CA VAL A 175 -22.17 2.15 -10.42
C VAL A 175 -23.17 0.99 -10.56
N TYR A 176 -22.78 -0.18 -10.10
CA TYR A 176 -23.66 -1.35 -10.10
C TYR A 176 -24.39 -1.43 -8.75
N ILE A 177 -25.66 -1.85 -8.77
CA ILE A 177 -26.47 -2.11 -7.59
C ILE A 177 -27.24 -3.44 -7.77
N GLY A 178 -27.05 -4.37 -6.85
CA GLY A 178 -27.81 -5.63 -6.84
C GLY A 178 -27.11 -6.91 -7.17
N LEU A 179 -25.78 -6.82 -7.47
CA LEU A 179 -24.96 -7.94 -7.94
C LEU A 179 -25.00 -9.18 -7.05
N ARG A 180 -25.20 -10.36 -7.67
CA ARG A 180 -25.26 -11.64 -6.96
C ARG A 180 -24.91 -12.85 -7.83
N ASP A 181 -24.72 -12.69 -9.17
CA ASP A 181 -24.30 -13.79 -10.07
C ASP A 181 -23.35 -13.25 -11.14
N VAL A 182 -22.06 -13.18 -10.81
CA VAL A 182 -21.02 -12.56 -11.67
C VAL A 182 -20.04 -13.64 -12.10
N ASP A 183 -19.75 -13.75 -13.43
CA ASP A 183 -18.79 -14.73 -13.97
C ASP A 183 -17.35 -14.41 -13.56
N PRO A 184 -16.44 -15.42 -13.48
CA PRO A 184 -15.04 -15.13 -13.11
C PRO A 184 -14.39 -14.04 -13.94
N GLY A 185 -14.56 -14.10 -15.26
CA GLY A 185 -14.05 -13.11 -16.20
C GLY A 185 -14.58 -11.71 -15.92
N GLU A 186 -15.86 -11.63 -15.53
CA GLU A 186 -16.53 -10.37 -15.19
C GLU A 186 -15.98 -9.79 -13.87
N HIS A 187 -15.80 -10.68 -12.85
CA HIS A 187 -15.23 -10.31 -11.56
C HIS A 187 -13.80 -9.80 -11.75
N TYR A 188 -13.02 -10.45 -12.64
CA TYR A 188 -11.67 -10.01 -12.96
C TYR A 188 -11.72 -8.58 -13.51
N ILE A 189 -12.63 -8.29 -14.48
CA ILE A 189 -12.80 -6.99 -15.12
C ILE A 189 -13.17 -5.94 -14.08
N LEU A 190 -14.22 -6.22 -13.26
CA LEU A 190 -14.71 -5.35 -12.19
C LEU A 190 -13.54 -4.90 -11.26
N LYS A 191 -12.71 -5.87 -10.82
CA LYS A 191 -11.60 -5.60 -9.91
C LYS A 191 -10.41 -4.88 -10.61
N THR A 192 -9.96 -5.36 -11.78
CA THR A 192 -8.83 -4.76 -12.51
C THR A 192 -9.12 -3.34 -13.01
N LEU A 193 -10.39 -3.02 -13.35
CA LEU A 193 -10.74 -1.67 -13.81
C LEU A 193 -11.15 -0.73 -12.65
N GLY A 194 -11.33 -1.30 -11.47
CA GLY A 194 -11.73 -0.54 -10.29
C GLY A 194 -13.11 0.10 -10.37
N ILE A 195 -14.09 -0.62 -10.94
CA ILE A 195 -15.48 -0.16 -11.07
C ILE A 195 -16.16 -0.17 -9.68
N LYS A 196 -16.98 0.87 -9.41
CA LYS A 196 -17.74 0.99 -8.16
C LYS A 196 -18.94 0.05 -8.23
N TYR A 197 -19.18 -0.75 -7.17
CA TYR A 197 -20.31 -1.68 -7.13
C TYR A 197 -20.84 -1.91 -5.72
N PHE A 198 -22.13 -2.18 -5.65
CA PHE A 198 -22.81 -2.56 -4.43
C PHE A 198 -23.49 -3.88 -4.74
N SER A 199 -22.78 -5.00 -4.46
CA SER A 199 -23.35 -6.34 -4.68
C SER A 199 -24.39 -6.50 -3.56
N MET A 200 -25.17 -7.60 -3.53
CA MET A 200 -26.13 -7.84 -2.46
C MET A 200 -25.45 -7.85 -1.07
N THR A 201 -24.13 -8.20 -1.03
CA THR A 201 -23.30 -8.21 0.17
C THR A 201 -23.18 -6.78 0.73
N GLU A 202 -22.92 -5.78 -0.16
CA GLU A 202 -22.81 -4.37 0.25
C GLU A 202 -24.19 -3.85 0.67
N VAL A 203 -25.26 -4.23 -0.07
CA VAL A 203 -26.64 -3.81 0.28
C VAL A 203 -26.99 -4.33 1.70
N ASP A 204 -26.66 -5.62 1.98
CA ASP A 204 -26.89 -6.24 3.31
C ASP A 204 -26.10 -5.54 4.42
N ARG A 205 -24.83 -5.23 4.14
CA ARG A 205 -23.92 -4.56 5.06
C ARG A 205 -24.34 -3.13 5.38
N LEU A 206 -24.61 -2.31 4.34
CA LEU A 206 -24.86 -0.87 4.47
C LEU A 206 -26.28 -0.44 4.62
N GLY A 207 -27.20 -1.18 4.01
CA GLY A 207 -28.60 -0.81 3.94
C GLY A 207 -28.77 0.00 2.67
N ILE A 208 -29.95 -0.04 2.05
CA ILE A 208 -30.21 0.66 0.78
C ILE A 208 -30.06 2.23 0.90
N GLY A 209 -30.28 2.76 2.11
CA GLY A 209 -30.14 4.19 2.38
C GLY A 209 -28.72 4.66 2.14
N LYS A 210 -27.74 3.97 2.75
CA LYS A 210 -26.30 4.26 2.61
C LYS A 210 -25.84 3.98 1.17
N VAL A 211 -26.34 2.87 0.55
CA VAL A 211 -26.05 2.52 -0.83
C VAL A 211 -26.36 3.73 -1.76
N MET A 212 -27.55 4.29 -1.66
CA MET A 212 -27.99 5.41 -2.50
C MET A 212 -27.22 6.69 -2.19
N GLU A 213 -26.93 6.95 -0.90
CA GLU A 213 -26.15 8.11 -0.46
C GLU A 213 -24.77 8.07 -1.11
N GLU A 214 -24.12 6.89 -1.08
CA GLU A 214 -22.80 6.64 -1.66
C GLU A 214 -22.80 6.66 -3.19
N THR A 215 -23.82 6.04 -3.84
CA THR A 215 -23.98 5.99 -5.30
C THR A 215 -24.11 7.40 -5.88
N LEU A 216 -25.05 8.21 -5.35
CA LEU A 216 -25.29 9.58 -5.84
C LEU A 216 -24.09 10.52 -5.59
N SER A 217 -23.39 10.39 -4.44
N SER A 217 -23.39 10.39 -4.44
CA SER A 217 -22.20 11.20 -4.12
CA SER A 217 -22.20 11.20 -4.13
C SER A 217 -21.00 10.80 -5.01
C SER A 217 -20.99 10.81 -5.01
N TYR A 218 -20.91 9.52 -5.39
CA TYR A 218 -19.83 9.00 -6.25
C TYR A 218 -19.98 9.59 -7.66
N LEU A 219 -21.22 9.70 -8.11
CA LEU A 219 -21.51 10.21 -9.44
C LEU A 219 -21.62 11.71 -9.52
N LEU A 220 -22.25 12.37 -8.53
CA LEU A 220 -22.60 13.80 -8.56
C LEU A 220 -21.77 14.73 -7.67
N GLY A 221 -20.87 14.17 -6.84
CA GLY A 221 -20.06 14.90 -5.87
C GLY A 221 -19.31 16.12 -6.37
N ARG A 222 -18.61 15.99 -7.51
CA ARG A 222 -17.84 17.09 -8.10
C ARG A 222 -18.73 18.19 -8.65
N LYS A 223 -19.88 17.81 -9.26
CA LYS A 223 -20.88 18.69 -9.89
C LYS A 223 -22.03 17.85 -10.45
N LYS A 224 -23.21 18.50 -10.62
CA LYS A 224 -24.38 17.85 -11.21
C LYS A 224 -24.07 17.45 -12.65
N ARG A 225 -24.56 16.29 -13.05
CA ARG A 225 -24.38 15.73 -14.40
C ARG A 225 -25.54 14.76 -14.69
N PRO A 226 -25.84 14.44 -15.96
CA PRO A 226 -26.97 13.55 -16.26
C PRO A 226 -26.85 12.11 -15.75
N ILE A 227 -28.00 11.54 -15.33
CA ILE A 227 -28.02 10.16 -14.85
C ILE A 227 -28.75 9.24 -15.85
N HIS A 228 -28.14 8.09 -16.17
CA HIS A 228 -28.74 7.03 -16.97
C HIS A 228 -28.94 5.84 -16.03
N LEU A 229 -30.19 5.46 -15.82
CA LEU A 229 -30.52 4.30 -14.99
C LEU A 229 -30.90 3.16 -15.93
N SER A 230 -30.09 2.09 -15.92
CA SER A 230 -30.37 0.90 -16.75
C SER A 230 -30.89 -0.16 -15.79
N PHE A 231 -32.21 -0.35 -15.78
CA PHE A 231 -32.88 -1.23 -14.84
C PHE A 231 -33.25 -2.58 -15.42
N ASP A 232 -32.59 -3.60 -14.89
CA ASP A 232 -32.87 -4.98 -15.26
C ASP A 232 -33.77 -5.48 -14.17
N VAL A 233 -34.99 -5.94 -14.54
CA VAL A 233 -35.97 -6.43 -13.56
C VAL A 233 -35.46 -7.63 -12.70
N ASP A 234 -34.44 -8.38 -13.17
CA ASP A 234 -33.86 -9.47 -12.40
C ASP A 234 -32.94 -8.93 -11.25
N GLY A 235 -32.79 -7.60 -11.15
CA GLY A 235 -32.09 -6.94 -10.06
C GLY A 235 -32.91 -7.13 -8.80
N LEU A 236 -34.24 -7.11 -8.96
CA LEU A 236 -35.19 -7.39 -7.89
C LEU A 236 -35.35 -8.90 -7.70
N ASP A 237 -35.70 -9.31 -6.49
CA ASP A 237 -35.88 -10.71 -6.14
C ASP A 237 -36.96 -11.39 -7.01
N PRO A 238 -36.79 -12.69 -7.41
CA PRO A 238 -37.81 -13.37 -8.21
C PRO A 238 -39.19 -13.48 -7.54
N SER A 239 -39.30 -13.13 -6.24
CA SER A 239 -40.61 -13.13 -5.54
C SER A 239 -41.41 -11.90 -5.98
N PHE A 240 -40.73 -10.91 -6.62
CA PHE A 240 -41.38 -9.69 -7.15
C PHE A 240 -41.44 -9.63 -8.67
N THR A 241 -40.36 -10.09 -9.33
CA THR A 241 -40.24 -10.10 -10.79
C THR A 241 -39.90 -11.53 -11.31
N PRO A 242 -40.78 -12.54 -11.11
CA PRO A 242 -40.44 -13.90 -11.58
C PRO A 242 -40.40 -14.11 -13.10
N ALA A 243 -41.20 -13.35 -13.86
CA ALA A 243 -41.30 -13.48 -15.32
C ALA A 243 -40.15 -12.77 -16.02
N THR A 244 -38.97 -13.39 -15.91
CA THR A 244 -37.68 -12.92 -16.42
C THR A 244 -36.82 -14.12 -16.75
N GLY A 245 -35.90 -13.95 -17.70
CA GLY A 245 -35.06 -15.02 -18.22
C GLY A 245 -33.96 -15.55 -17.35
N THR A 246 -33.32 -14.68 -16.54
CA THR A 246 -32.17 -15.07 -15.72
C THR A 246 -32.41 -14.72 -14.25
N PRO A 247 -33.44 -15.33 -13.59
CA PRO A 247 -33.69 -14.98 -12.20
C PRO A 247 -32.67 -15.60 -11.24
N VAL A 248 -32.34 -14.81 -10.19
CA VAL A 248 -31.39 -15.23 -9.16
C VAL A 248 -32.00 -14.87 -7.80
N VAL A 249 -32.07 -15.86 -6.90
CA VAL A 249 -32.62 -15.69 -5.53
C VAL A 249 -31.80 -14.69 -4.71
N GLY A 250 -32.42 -14.16 -3.64
CA GLY A 250 -31.81 -13.20 -2.71
C GLY A 250 -31.63 -11.81 -3.30
N GLY A 251 -32.59 -11.37 -4.09
CA GLY A 251 -32.51 -10.09 -4.76
C GLY A 251 -32.99 -8.89 -3.99
N LEU A 252 -32.94 -7.72 -4.65
CA LEU A 252 -33.41 -6.48 -4.04
C LEU A 252 -34.92 -6.63 -3.79
N THR A 253 -35.41 -6.08 -2.68
CA THR A 253 -36.84 -6.14 -2.38
C THR A 253 -37.61 -5.13 -3.23
N TYR A 254 -38.96 -5.21 -3.19
CA TYR A 254 -39.88 -4.30 -3.88
C TYR A 254 -39.59 -2.90 -3.35
N ARG A 255 -39.49 -2.78 -2.00
CA ARG A 255 -39.18 -1.55 -1.24
C ARG A 255 -37.82 -0.97 -1.67
N GLU A 256 -36.77 -1.80 -1.75
CA GLU A 256 -35.44 -1.33 -2.15
C GLU A 256 -35.44 -0.80 -3.58
N GLY A 257 -36.14 -1.50 -4.49
CA GLY A 257 -36.29 -1.06 -5.89
C GLY A 257 -36.93 0.30 -5.97
N LEU A 258 -38.00 0.50 -5.20
CA LEU A 258 -38.69 1.79 -5.14
C LEU A 258 -37.82 2.87 -4.52
N TYR A 259 -37.07 2.53 -3.45
CA TYR A 259 -36.18 3.46 -2.77
C TYR A 259 -35.09 3.99 -3.70
N ILE A 260 -34.45 3.08 -4.48
CA ILE A 260 -33.40 3.45 -5.44
C ILE A 260 -33.98 4.51 -6.40
N THR A 261 -35.15 4.21 -7.00
CA THR A 261 -35.78 5.03 -8.03
C THR A 261 -36.34 6.35 -7.46
N GLU A 262 -36.87 6.34 -6.22
CA GLU A 262 -37.35 7.58 -5.55
C GLU A 262 -36.16 8.54 -5.33
N GLU A 263 -35.02 8.00 -4.89
CA GLU A 263 -33.80 8.80 -4.69
C GLU A 263 -33.25 9.40 -5.98
N ILE A 264 -33.27 8.62 -7.08
CA ILE A 264 -32.84 9.09 -8.40
C ILE A 264 -33.76 10.21 -8.89
N TYR A 265 -35.10 10.04 -8.74
CA TYR A 265 -36.05 11.06 -9.15
C TYR A 265 -35.74 12.40 -8.46
N LYS A 266 -35.57 12.36 -7.13
CA LYS A 266 -35.33 13.54 -6.28
C LYS A 266 -34.13 14.40 -6.71
N THR A 267 -33.09 13.80 -7.34
CA THR A 267 -31.94 14.56 -7.86
C THR A 267 -32.36 15.53 -9.02
N GLY A 268 -33.42 15.18 -9.73
CA GLY A 268 -33.90 15.89 -10.91
C GLY A 268 -32.97 15.72 -12.09
N LEU A 269 -32.06 14.73 -12.03
CA LEU A 269 -31.04 14.51 -13.04
C LEU A 269 -31.23 13.26 -13.90
N LEU A 270 -32.35 12.50 -13.69
CA LEU A 270 -32.63 11.35 -14.57
C LEU A 270 -32.77 11.88 -16.00
N SER A 271 -31.98 11.31 -16.92
CA SER A 271 -31.91 11.75 -18.30
C SER A 271 -32.18 10.60 -19.28
N GLY A 272 -31.96 9.37 -18.84
CA GLY A 272 -32.19 8.16 -19.61
C GLY A 272 -32.58 7.01 -18.71
N LEU A 273 -33.57 6.22 -19.14
CA LEU A 273 -34.04 5.06 -18.38
C LEU A 273 -34.30 3.86 -19.29
N ASP A 274 -33.87 2.66 -18.84
CA ASP A 274 -34.11 1.37 -19.51
C ASP A 274 -34.86 0.47 -18.56
N ILE A 275 -35.99 -0.10 -18.99
CA ILE A 275 -36.77 -1.06 -18.18
C ILE A 275 -36.67 -2.35 -18.97
N MET A 276 -35.74 -3.23 -18.54
CA MET A 276 -35.38 -4.40 -19.32
C MET A 276 -35.68 -5.73 -18.70
N GLU A 277 -35.69 -6.75 -19.58
CA GLU A 277 -35.78 -8.18 -19.29
C GLU A 277 -37.14 -8.63 -18.74
N VAL A 278 -38.22 -7.86 -18.97
CA VAL A 278 -39.55 -8.35 -18.59
C VAL A 278 -39.95 -9.41 -19.68
N ASN A 279 -40.15 -10.70 -19.30
CA ASN A 279 -40.55 -11.77 -20.24
C ASN A 279 -41.88 -12.37 -19.81
N PRO A 280 -42.99 -11.91 -20.45
CA PRO A 280 -44.33 -12.43 -20.08
C PRO A 280 -44.60 -13.90 -20.47
N SER A 281 -43.68 -14.54 -21.22
CA SER A 281 -43.85 -15.96 -21.56
C SER A 281 -43.26 -16.85 -20.45
N LEU A 282 -42.57 -16.24 -19.47
CA LEU A 282 -41.85 -16.96 -18.41
C LEU A 282 -42.52 -16.96 -17.04
N GLY A 283 -43.78 -16.56 -16.96
CA GLY A 283 -44.55 -16.64 -15.72
C GLY A 283 -45.11 -18.03 -15.56
N LYS A 284 -44.90 -18.68 -14.38
CA LYS A 284 -45.44 -20.03 -14.10
C LYS A 284 -46.98 -20.04 -14.03
N THR A 285 -47.57 -18.86 -13.73
CA THR A 285 -49.01 -18.67 -13.60
C THR A 285 -49.33 -17.32 -14.25
N PRO A 286 -50.60 -17.02 -14.65
CA PRO A 286 -50.88 -15.68 -15.19
C PRO A 286 -50.57 -14.58 -14.16
N GLU A 287 -50.73 -14.88 -12.85
CA GLU A 287 -50.44 -13.94 -11.75
C GLU A 287 -48.94 -13.58 -11.68
N GLU A 288 -48.05 -14.51 -12.03
CA GLU A 288 -46.60 -14.25 -12.02
C GLU A 288 -46.18 -13.20 -13.04
N VAL A 289 -46.86 -13.20 -14.19
CA VAL A 289 -46.66 -12.22 -15.27
C VAL A 289 -47.16 -10.88 -14.78
N THR A 290 -48.45 -10.82 -14.32
CA THR A 290 -49.08 -9.59 -13.82
C THR A 290 -48.25 -8.97 -12.71
N ARG A 291 -47.72 -9.79 -11.78
CA ARG A 291 -46.88 -9.33 -10.66
C ARG A 291 -45.62 -8.67 -11.17
N THR A 292 -44.95 -9.30 -12.17
CA THR A 292 -43.72 -8.77 -12.76
C THR A 292 -43.98 -7.42 -13.46
N VAL A 293 -45.04 -7.38 -14.30
CA VAL A 293 -45.46 -6.20 -15.04
C VAL A 293 -45.82 -5.06 -14.07
N ASN A 294 -46.64 -5.35 -13.04
CA ASN A 294 -46.99 -4.34 -12.03
C ASN A 294 -45.78 -3.81 -11.29
N THR A 295 -44.81 -4.68 -10.95
CA THR A 295 -43.59 -4.25 -10.26
C THR A 295 -42.79 -3.31 -11.19
N ALA A 296 -42.61 -3.70 -12.47
CA ALA A 296 -41.89 -2.89 -13.48
C ALA A 296 -42.55 -1.52 -13.69
N VAL A 297 -43.91 -1.47 -13.68
CA VAL A 297 -44.67 -0.23 -13.83
C VAL A 297 -44.43 0.67 -12.58
N ALA A 298 -44.45 0.08 -11.37
CA ALA A 298 -44.21 0.81 -10.12
C ALA A 298 -42.82 1.44 -10.08
N ILE A 299 -41.79 0.72 -10.52
CA ILE A 299 -40.40 1.19 -10.61
C ILE A 299 -40.36 2.42 -11.52
N THR A 300 -40.99 2.30 -12.74
CA THR A 300 -41.02 3.35 -13.74
C THR A 300 -41.71 4.59 -13.20
N LEU A 301 -42.88 4.45 -12.53
CA LEU A 301 -43.62 5.59 -11.98
C LEU A 301 -42.80 6.34 -10.92
N ALA A 302 -42.05 5.60 -10.07
CA ALA A 302 -41.18 6.16 -9.04
C ALA A 302 -40.06 6.98 -9.68
N CYS A 303 -39.57 6.55 -10.89
CA CYS A 303 -38.54 7.28 -11.62
C CYS A 303 -39.02 8.67 -12.05
N PHE A 304 -40.35 8.81 -12.22
CA PHE A 304 -40.93 10.07 -12.68
C PHE A 304 -41.80 10.76 -11.61
N GLY A 305 -41.48 10.54 -10.33
CA GLY A 305 -42.10 11.30 -9.25
C GLY A 305 -43.06 10.67 -8.27
N LEU A 306 -43.63 9.51 -8.60
CA LEU A 306 -44.56 8.84 -7.69
C LEU A 306 -43.85 8.45 -6.39
N ALA A 307 -44.30 9.02 -5.26
CA ALA A 307 -43.63 8.83 -3.98
C ALA A 307 -44.51 8.13 -2.99
N ARG A 308 -43.97 7.18 -2.22
CA ARG A 308 -44.76 6.46 -1.21
C ARG A 308 -45.32 7.37 -0.10
N GLU A 309 -44.65 8.51 0.23
CA GLU A 309 -45.16 9.46 1.24
C GLU A 309 -46.42 10.20 0.77
N GLY A 310 -46.62 10.21 -0.55
CA GLY A 310 -47.73 10.91 -1.18
C GLY A 310 -47.26 11.95 -2.15
N ASN A 311 -48.19 12.43 -2.99
CA ASN A 311 -47.97 13.49 -3.97
C ASN A 311 -49.20 14.38 -4.00
N HIS A 312 -49.02 15.69 -4.23
CA HIS A 312 -50.13 16.62 -4.38
C HIS A 312 -49.81 17.72 -5.41
N LYS A 313 -50.87 18.27 -6.04
CA LYS A 313 -50.72 19.34 -7.05
C LYS A 313 -50.49 20.67 -6.31
N PRO A 314 -49.78 21.69 -6.89
CA PRO A 314 -49.57 22.95 -6.16
C PRO A 314 -50.82 23.85 -6.07
N ILE A 315 -51.82 23.37 -5.31
CA ILE A 315 -53.11 24.01 -5.03
C ILE A 315 -53.47 23.85 -3.54
N ASP A 316 -54.42 24.64 -3.05
CA ASP A 316 -54.87 24.57 -1.66
C ASP A 316 -56.04 23.59 -1.60
N TYR A 317 -55.75 22.36 -1.10
CA TYR A 317 -56.72 21.28 -0.99
C TYR A 317 -57.78 21.54 0.08
N LEU A 318 -57.48 22.42 1.06
CA LEU A 318 -58.41 22.77 2.14
C LEU A 318 -59.36 23.92 1.77
N ASN A 319 -59.09 24.59 0.64
CA ASN A 319 -59.88 25.70 0.10
C ASN A 319 -59.95 25.62 -1.43
N SER B 2 -5.01 -26.59 -1.74
CA SER B 2 -5.98 -25.51 -1.55
C SER B 2 -5.73 -24.78 -0.24
N ALA B 3 -6.28 -23.56 -0.11
CA ALA B 3 -6.14 -22.72 1.08
C ALA B 3 -6.75 -23.44 2.30
N LYS B 4 -6.22 -23.15 3.51
CA LYS B 4 -6.70 -23.69 4.79
C LYS B 4 -8.21 -23.47 4.91
N SER B 5 -8.69 -22.27 4.54
CA SER B 5 -10.11 -21.91 4.63
C SER B 5 -10.98 -22.66 3.59
N ARG B 6 -10.35 -23.43 2.68
CA ARG B 6 -11.08 -24.20 1.67
C ARG B 6 -10.64 -25.67 1.68
N THR B 7 -10.03 -26.13 2.78
CA THR B 7 -9.62 -27.52 2.97
C THR B 7 -10.65 -28.11 3.95
N ILE B 8 -11.42 -29.13 3.49
CA ILE B 8 -12.58 -29.65 4.23
C ILE B 8 -12.60 -31.19 4.43
N GLY B 9 -13.08 -31.59 5.60
CA GLY B 9 -13.31 -32.97 5.97
C GLY B 9 -14.80 -33.11 6.28
N ILE B 10 -15.53 -33.81 5.41
CA ILE B 10 -16.97 -34.00 5.52
C ILE B 10 -17.33 -35.22 6.38
N ILE B 11 -18.17 -35.00 7.40
CA ILE B 11 -18.64 -36.05 8.29
C ILE B 11 -20.16 -36.04 8.25
N GLY B 12 -20.72 -37.17 7.82
CA GLY B 12 -22.16 -37.36 7.84
C GLY B 12 -22.55 -37.91 9.19
N ALA B 13 -23.52 -37.25 9.86
CA ALA B 13 -23.97 -37.67 11.17
C ALA B 13 -25.49 -37.94 11.13
N PRO B 14 -25.89 -39.12 10.56
CA PRO B 14 -27.33 -39.41 10.39
C PRO B 14 -27.99 -39.82 11.70
N PHE B 15 -28.33 -38.84 12.53
CA PHE B 15 -28.85 -39.11 13.87
C PHE B 15 -30.07 -38.27 14.17
N SER B 16 -31.12 -38.90 14.72
CA SER B 16 -32.39 -38.21 14.99
C SER B 16 -32.91 -38.26 16.42
N LYS B 17 -32.34 -39.14 17.27
CA LYS B 17 -32.86 -39.38 18.63
C LYS B 17 -32.68 -38.20 19.64
N GLY B 18 -32.12 -37.09 19.20
CA GLY B 18 -32.05 -35.90 20.06
C GLY B 18 -33.37 -35.14 20.04
N GLN B 19 -34.31 -35.55 19.14
CA GLN B 19 -35.64 -34.95 18.97
C GLN B 19 -36.72 -36.01 18.55
N PRO B 20 -38.05 -35.72 18.63
CA PRO B 20 -39.04 -36.77 18.32
C PRO B 20 -39.45 -36.97 16.85
N ARG B 21 -39.11 -36.04 15.95
CA ARG B 21 -39.56 -36.13 14.56
C ARG B 21 -38.62 -36.93 13.65
N GLY B 22 -39.15 -38.02 13.08
CA GLY B 22 -38.39 -38.86 12.17
C GLY B 22 -38.05 -38.18 10.85
N GLY B 23 -36.89 -38.54 10.29
CA GLY B 23 -36.44 -37.97 9.02
C GLY B 23 -35.16 -37.14 9.02
N VAL B 24 -34.82 -36.49 10.15
CA VAL B 24 -33.62 -35.65 10.25
C VAL B 24 -32.34 -36.45 9.96
N GLU B 25 -32.35 -37.78 10.24
CA GLU B 25 -31.24 -38.70 9.98
C GLU B 25 -30.91 -38.80 8.47
N GLU B 26 -31.87 -38.41 7.58
CA GLU B 26 -31.70 -38.38 6.12
C GLU B 26 -31.02 -37.11 5.59
N GLY B 27 -30.81 -36.12 6.47
CA GLY B 27 -30.11 -34.86 6.18
C GLY B 27 -28.79 -35.06 5.43
N PRO B 28 -27.86 -35.93 5.91
CA PRO B 28 -26.62 -36.14 5.14
C PRO B 28 -26.84 -36.67 3.71
N THR B 29 -27.80 -37.61 3.54
CA THR B 29 -28.15 -38.21 2.25
C THR B 29 -28.65 -37.15 1.26
N VAL B 30 -29.63 -36.32 1.68
CA VAL B 30 -30.23 -35.29 0.80
C VAL B 30 -29.21 -34.18 0.47
N LEU B 31 -28.34 -33.80 1.41
CA LEU B 31 -27.31 -32.78 1.15
C LEU B 31 -26.27 -33.27 0.15
N ARG B 32 -25.92 -34.58 0.22
CA ARG B 32 -24.98 -35.18 -0.71
C ARG B 32 -25.60 -35.31 -2.11
N LYS B 33 -26.87 -35.73 -2.18
CA LYS B 33 -27.59 -35.91 -3.45
C LYS B 33 -27.76 -34.60 -4.20
N ALA B 34 -27.84 -33.46 -3.46
CA ALA B 34 -27.95 -32.12 -4.01
C ALA B 34 -26.63 -31.63 -4.65
N GLY B 35 -25.57 -32.45 -4.52
CA GLY B 35 -24.27 -32.18 -5.10
C GLY B 35 -23.33 -31.30 -4.30
N LEU B 36 -23.48 -31.27 -2.96
CA LEU B 36 -22.65 -30.44 -2.07
C LEU B 36 -21.15 -30.63 -2.30
N LEU B 37 -20.68 -31.88 -2.33
CA LEU B 37 -19.27 -32.23 -2.51
C LEU B 37 -18.74 -31.74 -3.84
N GLU B 38 -19.50 -31.96 -4.94
CA GLU B 38 -19.13 -31.54 -6.29
C GLU B 38 -19.05 -30.01 -6.38
N LYS B 39 -20.09 -29.31 -5.85
CA LYS B 39 -20.15 -27.84 -5.84
C LYS B 39 -18.99 -27.21 -5.07
N LEU B 40 -18.56 -27.86 -3.96
CA LEU B 40 -17.43 -27.39 -3.19
C LEU B 40 -16.13 -27.52 -3.98
N LYS B 41 -15.96 -28.64 -4.70
CA LYS B 41 -14.76 -28.89 -5.54
C LYS B 41 -14.71 -27.91 -6.72
N GLU B 42 -15.89 -27.45 -7.21
CA GLU B 42 -16.05 -26.46 -8.28
C GLU B 42 -15.55 -25.06 -7.86
N GLN B 43 -15.48 -24.81 -6.55
CA GLN B 43 -15.01 -23.53 -6.03
C GLN B 43 -13.64 -23.67 -5.31
N GLU B 44 -12.75 -24.47 -5.93
CA GLU B 44 -11.36 -24.71 -5.54
C GLU B 44 -11.17 -25.27 -4.10
N CYS B 45 -12.09 -26.14 -3.64
CA CYS B 45 -11.97 -26.77 -2.33
C CYS B 45 -11.33 -28.16 -2.43
N ASP B 46 -10.50 -28.49 -1.41
CA ASP B 46 -9.86 -29.78 -1.21
C ASP B 46 -10.82 -30.48 -0.26
N VAL B 47 -11.64 -31.39 -0.81
CA VAL B 47 -12.69 -32.08 -0.08
C VAL B 47 -12.38 -33.56 0.13
N LYS B 48 -12.41 -34.01 1.39
CA LYS B 48 -12.22 -35.40 1.77
C LYS B 48 -13.49 -35.82 2.51
N ASP B 49 -14.13 -36.90 2.03
CA ASP B 49 -15.36 -37.44 2.60
C ASP B 49 -15.05 -38.56 3.58
N TYR B 50 -15.29 -38.32 4.87
CA TYR B 50 -15.04 -39.29 5.95
C TYR B 50 -16.23 -40.26 6.12
N GLY B 51 -17.22 -40.14 5.24
CA GLY B 51 -18.42 -40.97 5.21
C GLY B 51 -19.44 -40.65 6.30
N ASP B 52 -20.46 -41.54 6.43
CA ASP B 52 -21.54 -41.43 7.42
C ASP B 52 -21.27 -42.33 8.63
N LEU B 53 -21.30 -41.75 9.83
CA LEU B 53 -21.12 -42.50 11.08
C LEU B 53 -22.27 -43.52 11.24
N PRO B 54 -21.94 -44.80 11.55
CA PRO B 54 -22.98 -45.84 11.63
C PRO B 54 -24.00 -45.70 12.75
N PHE B 55 -23.60 -45.22 13.95
CA PHE B 55 -24.47 -45.08 15.13
C PHE B 55 -25.32 -46.35 15.37
N ALA B 56 -24.68 -47.43 15.86
CA ALA B 56 -25.34 -48.70 16.17
C ALA B 56 -26.45 -48.47 17.16
N ASP B 57 -27.53 -49.21 16.99
CA ASP B 57 -28.73 -49.10 17.81
C ASP B 57 -28.44 -49.38 19.28
N ILE B 58 -29.05 -48.58 20.18
CA ILE B 58 -28.99 -48.79 21.63
C ILE B 58 -30.46 -49.10 22.01
N PRO B 59 -30.86 -50.39 21.99
CA PRO B 59 -32.28 -50.75 22.22
C PRO B 59 -32.80 -50.45 23.62
N ASN B 60 -31.96 -50.64 24.61
CA ASN B 60 -32.33 -50.34 25.99
C ASN B 60 -31.79 -48.95 26.34
N ASP B 61 -32.66 -47.94 26.25
CA ASP B 61 -32.32 -46.54 26.49
C ASP B 61 -33.54 -45.78 27.04
N SER B 62 -33.87 -46.11 28.30
CA SER B 62 -34.94 -45.54 29.10
C SER B 62 -34.65 -44.05 29.40
N PRO B 63 -35.65 -43.20 29.65
CA PRO B 63 -35.36 -41.80 29.88
C PRO B 63 -34.71 -41.46 31.21
N PHE B 64 -33.86 -40.42 31.23
CA PHE B 64 -33.28 -39.86 32.46
C PHE B 64 -34.32 -38.82 32.83
N GLN B 65 -35.17 -39.11 33.84
CA GLN B 65 -36.30 -38.26 34.25
C GLN B 65 -37.21 -38.07 33.00
N ILE B 66 -37.27 -36.86 32.40
CA ILE B 66 -38.07 -36.60 31.19
C ILE B 66 -37.19 -36.56 29.90
N VAL B 67 -35.86 -36.51 30.10
CA VAL B 67 -34.85 -36.47 29.04
C VAL B 67 -34.83 -37.77 28.24
N LYS B 68 -35.21 -37.70 26.95
CA LYS B 68 -35.37 -38.83 26.02
C LYS B 68 -34.07 -39.27 25.33
N ASN B 69 -33.95 -40.60 25.13
CA ASN B 69 -32.84 -41.32 24.48
C ASN B 69 -31.45 -40.83 24.95
N PRO B 70 -31.18 -40.75 26.27
CA PRO B 70 -29.89 -40.19 26.73
C PRO B 70 -28.62 -40.94 26.29
N ARG B 71 -28.62 -42.28 26.36
CA ARG B 71 -27.45 -43.09 25.96
C ARG B 71 -27.17 -42.98 24.47
N SER B 72 -28.24 -42.99 23.64
CA SER B 72 -28.11 -42.84 22.17
C SER B 72 -27.51 -41.47 21.80
N VAL B 73 -28.04 -40.39 22.40
CA VAL B 73 -27.58 -39.02 22.17
C VAL B 73 -26.12 -38.85 22.64
N GLY B 74 -25.82 -39.33 23.86
CA GLY B 74 -24.48 -39.24 24.44
C GLY B 74 -23.44 -40.00 23.65
N LYS B 75 -23.79 -41.23 23.20
CA LYS B 75 -22.87 -42.08 22.44
C LYS B 75 -22.63 -41.52 21.05
N ALA B 76 -23.71 -41.05 20.36
CA ALA B 76 -23.57 -40.42 19.03
C ALA B 76 -22.61 -39.23 19.12
N SER B 77 -22.79 -38.36 20.14
CA SER B 77 -21.92 -37.21 20.35
C SER B 77 -20.49 -37.64 20.71
N GLU B 78 -20.32 -38.72 21.52
CA GLU B 78 -18.99 -39.22 21.87
C GLU B 78 -18.23 -39.68 20.63
N GLN B 79 -18.89 -40.43 19.74
CA GLN B 79 -18.26 -40.92 18.52
C GLN B 79 -17.97 -39.76 17.54
N LEU B 80 -18.90 -38.79 17.46
CA LEU B 80 -18.71 -37.62 16.60
C LEU B 80 -17.53 -36.79 17.09
N ALA B 81 -17.37 -36.66 18.43
CA ALA B 81 -16.24 -35.93 19.03
C ALA B 81 -14.91 -36.57 18.55
N GLY B 82 -14.84 -37.91 18.57
CA GLY B 82 -13.67 -38.67 18.11
C GLY B 82 -13.38 -38.44 16.65
N LYS B 83 -14.43 -38.48 15.81
CA LYS B 83 -14.34 -38.26 14.35
C LYS B 83 -13.92 -36.83 13.99
N VAL B 84 -14.52 -35.82 14.64
CA VAL B 84 -14.17 -34.40 14.42
C VAL B 84 -12.71 -34.16 14.79
N ALA B 85 -12.26 -34.69 15.96
CA ALA B 85 -10.87 -34.57 16.44
C ALA B 85 -9.89 -35.14 15.39
N GLU B 86 -10.25 -36.28 14.75
CA GLU B 86 -9.47 -36.95 13.70
C GLU B 86 -9.37 -36.01 12.47
N VAL B 87 -10.50 -35.42 12.03
CA VAL B 87 -10.57 -34.50 10.89
C VAL B 87 -9.70 -33.27 11.17
N LYS B 88 -9.82 -32.70 12.38
CA LYS B 88 -9.04 -31.55 12.82
C LYS B 88 -7.53 -31.83 12.83
N LYS B 89 -7.12 -33.04 13.26
CA LYS B 89 -5.73 -33.46 13.29
C LYS B 89 -5.12 -33.58 11.88
N ASN B 90 -5.97 -33.87 10.88
CA ASN B 90 -5.61 -33.98 9.46
C ASN B 90 -5.53 -32.60 8.73
N GLY B 91 -5.59 -31.51 9.50
CA GLY B 91 -5.53 -30.14 9.01
C GLY B 91 -6.69 -29.75 8.13
N ARG B 92 -7.90 -30.20 8.50
CA ARG B 92 -9.09 -29.89 7.70
C ARG B 92 -10.17 -29.23 8.54
N ILE B 93 -11.02 -28.42 7.90
CA ILE B 93 -12.19 -27.81 8.56
C ILE B 93 -13.23 -28.93 8.61
N SER B 94 -13.70 -29.26 9.81
CA SER B 94 -14.71 -30.30 9.94
C SER B 94 -16.06 -29.74 9.50
N LEU B 95 -16.75 -30.46 8.61
CA LEU B 95 -18.08 -30.13 8.10
C LEU B 95 -19.02 -31.25 8.49
N VAL B 96 -19.79 -31.02 9.54
CA VAL B 96 -20.74 -32.00 10.06
C VAL B 96 -22.10 -31.81 9.41
N LEU B 97 -22.57 -32.83 8.73
CA LEU B 97 -23.89 -32.84 8.10
C LEU B 97 -24.82 -33.57 9.03
N GLY B 98 -25.73 -32.82 9.63
CA GLY B 98 -26.72 -33.38 10.55
C GLY B 98 -27.97 -33.86 9.83
N GLY B 99 -28.89 -34.51 10.55
CA GLY B 99 -28.79 -34.79 11.97
C GLY B 99 -29.33 -33.67 12.84
N ASP B 100 -29.86 -34.04 14.02
CA ASP B 100 -30.40 -33.05 14.96
C ASP B 100 -29.25 -32.31 15.68
N HIS B 101 -29.52 -31.13 16.23
CA HIS B 101 -28.53 -30.27 16.86
C HIS B 101 -27.93 -30.80 18.17
N SER B 102 -28.39 -31.98 18.73
CA SER B 102 -27.76 -32.54 19.95
C SER B 102 -26.34 -32.93 19.62
N LEU B 103 -26.09 -33.20 18.34
CA LEU B 103 -24.77 -33.59 17.82
C LEU B 103 -23.69 -32.50 18.02
N ALA B 104 -24.09 -31.22 18.25
CA ALA B 104 -23.16 -30.10 18.55
C ALA B 104 -22.33 -30.40 19.81
N ILE B 105 -22.88 -31.20 20.77
CA ILE B 105 -22.12 -31.62 21.96
C ILE B 105 -20.82 -32.28 21.48
N GLY B 106 -20.93 -33.29 20.63
CA GLY B 106 -19.80 -34.01 20.04
C GLY B 106 -18.97 -33.20 19.09
N SER B 107 -19.63 -32.45 18.20
CA SER B 107 -18.92 -31.62 17.23
C SER B 107 -18.00 -30.61 17.92
N ILE B 108 -18.53 -29.78 18.83
CA ILE B 108 -17.74 -28.76 19.54
C ILE B 108 -16.71 -29.41 20.50
N SER B 109 -17.12 -30.45 21.24
CA SER B 109 -16.22 -31.16 22.17
C SER B 109 -14.97 -31.68 21.45
N GLY B 110 -15.15 -32.39 20.33
CA GLY B 110 -14.05 -32.93 19.53
C GLY B 110 -13.18 -31.89 18.85
N HIS B 111 -13.80 -30.75 18.43
CA HIS B 111 -13.09 -29.61 17.83
C HIS B 111 -12.21 -28.94 18.90
N ALA B 112 -12.74 -28.76 20.14
CA ALA B 112 -12.00 -28.19 21.28
C ALA B 112 -10.80 -29.05 21.72
N ARG B 113 -10.81 -30.35 21.42
CA ARG B 113 -9.70 -31.26 21.74
C ARG B 113 -8.43 -30.90 20.97
N VAL B 114 -8.59 -30.38 19.74
CA VAL B 114 -7.47 -30.00 18.88
C VAL B 114 -7.23 -28.48 18.99
N HIS B 115 -8.31 -27.69 19.15
CA HIS B 115 -8.27 -26.24 19.28
C HIS B 115 -9.05 -25.78 20.52
N PRO B 116 -8.43 -25.82 21.74
CA PRO B 116 -9.17 -25.44 22.95
C PRO B 116 -9.54 -23.96 23.08
N ASP B 117 -8.90 -23.11 22.27
CA ASP B 117 -9.10 -21.67 22.22
C ASP B 117 -10.23 -21.23 21.26
N LEU B 118 -10.96 -22.18 20.63
CA LEU B 118 -12.06 -21.87 19.69
C LEU B 118 -13.19 -20.96 20.26
N GLY B 119 -13.80 -20.17 19.36
CA GLY B 119 -14.96 -19.34 19.60
C GLY B 119 -16.14 -19.95 18.84
N VAL B 120 -17.37 -19.80 19.37
CA VAL B 120 -18.57 -20.37 18.74
C VAL B 120 -19.54 -19.25 18.26
N ILE B 121 -20.03 -19.40 17.02
CA ILE B 121 -21.10 -18.57 16.46
C ILE B 121 -22.24 -19.58 16.29
N TRP B 122 -23.36 -19.32 16.99
CA TRP B 122 -24.51 -20.22 17.02
C TRP B 122 -25.71 -19.57 16.33
N VAL B 123 -25.98 -20.00 15.08
CA VAL B 123 -27.07 -19.46 14.25
C VAL B 123 -28.27 -20.33 14.41
N ASP B 124 -29.36 -19.76 15.01
CA ASP B 124 -30.51 -20.56 15.39
C ASP B 124 -31.62 -19.69 15.87
N ALA B 125 -32.85 -20.22 15.83
CA ALA B 125 -34.01 -19.50 16.37
C ALA B 125 -34.04 -19.67 17.86
N HIS B 126 -33.40 -20.75 18.34
CA HIS B 126 -33.38 -21.18 19.72
C HIS B 126 -31.99 -21.14 20.34
N THR B 127 -31.93 -20.92 21.65
CA THR B 127 -30.66 -20.91 22.40
C THR B 127 -30.07 -22.32 22.62
N ASP B 128 -30.91 -23.39 22.66
CA ASP B 128 -30.43 -24.78 22.88
C ASP B 128 -29.57 -24.94 24.17
N ILE B 129 -29.88 -24.11 25.16
CA ILE B 129 -29.13 -24.01 26.40
C ILE B 129 -29.89 -24.55 27.62
N ASN B 130 -31.01 -25.26 27.39
CA ASN B 130 -31.73 -25.86 28.50
C ASN B 130 -30.81 -26.90 29.16
N THR B 131 -30.91 -27.08 30.46
CA THR B 131 -30.13 -28.14 31.13
C THR B 131 -31.08 -29.35 31.21
N PRO B 132 -30.60 -30.59 31.52
CA PRO B 132 -31.54 -31.72 31.72
C PRO B 132 -32.61 -31.48 32.78
N LEU B 133 -32.46 -30.42 33.60
CA LEU B 133 -33.38 -30.05 34.68
C LEU B 133 -34.30 -28.87 34.34
N THR B 134 -33.88 -27.95 33.43
CA THR B 134 -34.75 -26.83 33.02
C THR B 134 -35.65 -27.20 31.83
N THR B 135 -35.24 -28.21 31.05
CA THR B 135 -35.99 -28.68 29.88
C THR B 135 -37.43 -29.07 30.25
N THR B 136 -38.38 -28.72 29.38
CA THR B 136 -39.79 -29.09 29.59
C THR B 136 -40.19 -30.19 28.58
N SER B 137 -39.55 -30.18 27.39
CA SER B 137 -39.80 -31.14 26.32
C SER B 137 -39.04 -32.44 26.52
N GLY B 138 -37.87 -32.36 27.18
CA GLY B 138 -37.00 -33.50 27.42
C GLY B 138 -36.20 -33.87 26.17
N ASN B 139 -36.19 -32.99 25.13
CA ASN B 139 -35.47 -33.27 23.89
C ASN B 139 -34.08 -32.69 23.94
N LEU B 140 -33.05 -33.56 23.85
CA LEU B 140 -31.67 -33.17 23.98
C LEU B 140 -31.16 -32.23 22.89
N HIS B 141 -31.87 -32.09 21.74
CA HIS B 141 -31.44 -31.11 20.74
C HIS B 141 -31.65 -29.64 21.26
N GLY B 142 -32.42 -29.50 22.33
CA GLY B 142 -32.66 -28.21 22.98
C GLY B 142 -31.76 -27.96 24.18
N GLN B 143 -30.75 -28.85 24.40
CA GLN B 143 -29.83 -28.74 25.54
C GLN B 143 -28.31 -28.74 25.19
N PRO B 144 -27.82 -28.84 23.91
CA PRO B 144 -26.36 -28.97 23.71
C PRO B 144 -25.47 -27.91 24.37
N VAL B 145 -25.87 -26.64 24.30
CA VAL B 145 -25.05 -25.55 24.87
C VAL B 145 -24.80 -25.74 26.40
N SER B 146 -25.80 -26.24 27.16
CA SER B 146 -25.66 -26.43 28.60
C SER B 146 -24.55 -27.42 28.97
N PHE B 147 -24.39 -28.50 28.17
CA PHE B 147 -23.35 -29.52 28.43
C PHE B 147 -21.94 -28.99 28.11
N LEU B 148 -21.84 -27.96 27.25
CA LEU B 148 -20.56 -27.39 26.79
C LEU B 148 -20.02 -26.23 27.64
N LEU B 149 -20.90 -25.49 28.35
CA LEU B 149 -20.49 -24.29 29.10
C LEU B 149 -19.84 -24.56 30.46
N LYS B 150 -18.65 -23.96 30.71
CA LYS B 150 -17.91 -24.10 31.98
C LYS B 150 -18.69 -23.52 33.18
N GLU B 151 -19.40 -22.42 32.97
CA GLU B 151 -20.17 -21.76 34.03
C GLU B 151 -21.38 -22.57 34.49
N LEU B 152 -21.79 -23.60 33.72
CA LEU B 152 -22.95 -24.44 34.07
C LEU B 152 -22.52 -25.75 34.74
N LYS B 153 -21.22 -25.87 35.09
CA LYS B 153 -20.65 -26.99 35.83
C LYS B 153 -21.27 -26.94 37.23
N GLY B 154 -21.82 -28.08 37.64
CA GLY B 154 -22.50 -28.22 38.92
C GLY B 154 -24.01 -28.13 38.78
N LYS B 155 -24.47 -27.76 37.57
CA LYS B 155 -25.90 -27.62 37.23
C LYS B 155 -26.35 -28.67 36.22
N ILE B 156 -25.42 -29.52 35.76
CA ILE B 156 -25.74 -30.59 34.82
C ILE B 156 -25.70 -31.89 35.63
N PRO B 157 -26.82 -32.62 35.80
CA PRO B 157 -26.77 -33.87 36.59
C PRO B 157 -26.10 -35.00 35.85
N ASP B 158 -25.82 -36.13 36.55
CA ASP B 158 -25.19 -37.29 35.93
C ASP B 158 -26.16 -38.00 34.96
N VAL B 159 -26.15 -37.59 33.70
CA VAL B 159 -27.02 -38.17 32.66
C VAL B 159 -26.32 -39.38 32.00
N PRO B 160 -26.98 -40.59 31.93
CA PRO B 160 -26.34 -41.75 31.30
C PRO B 160 -26.01 -41.48 29.83
N GLY B 161 -24.77 -41.77 29.46
CA GLY B 161 -24.23 -41.54 28.13
C GLY B 161 -23.37 -40.30 28.03
N PHE B 162 -23.34 -39.45 29.08
CA PHE B 162 -22.59 -38.20 29.05
C PHE B 162 -21.42 -38.08 30.06
N SER B 163 -20.95 -39.20 30.67
CA SER B 163 -19.85 -39.12 31.62
C SER B 163 -18.52 -38.64 30.97
N TRP B 164 -18.39 -38.84 29.65
CA TRP B 164 -17.22 -38.43 28.86
C TRP B 164 -17.12 -36.89 28.69
N VAL B 165 -18.26 -36.18 28.85
CA VAL B 165 -18.36 -34.73 28.63
C VAL B 165 -17.65 -33.90 29.70
N THR B 166 -16.79 -33.00 29.25
CA THR B 166 -16.09 -31.99 30.06
C THR B 166 -16.43 -30.64 29.41
N PRO B 167 -17.03 -29.68 30.16
CA PRO B 167 -17.35 -28.37 29.56
C PRO B 167 -16.10 -27.76 28.95
N CYS B 168 -16.17 -27.39 27.66
CA CYS B 168 -15.00 -26.91 26.93
C CYS B 168 -15.02 -25.42 26.55
N ILE B 169 -16.19 -24.74 26.63
CA ILE B 169 -16.28 -23.30 26.29
C ILE B 169 -16.84 -22.48 27.44
N SER B 170 -16.34 -21.27 27.58
CA SER B 170 -16.82 -20.31 28.57
C SER B 170 -17.92 -19.49 27.93
N ALA B 171 -18.84 -18.97 28.76
CA ALA B 171 -19.97 -18.15 28.34
C ALA B 171 -19.56 -16.98 27.44
N LYS B 172 -18.34 -16.45 27.63
CA LYS B 172 -17.77 -15.33 26.87
C LYS B 172 -17.30 -15.71 25.46
N ASP B 173 -17.21 -17.01 25.13
CA ASP B 173 -16.66 -17.40 23.83
C ASP B 173 -17.74 -17.88 22.82
N ILE B 174 -19.02 -17.64 23.13
CA ILE B 174 -20.15 -17.99 22.27
C ILE B 174 -20.99 -16.73 21.95
N VAL B 175 -21.44 -16.62 20.69
CA VAL B 175 -22.31 -15.54 20.23
C VAL B 175 -23.49 -16.18 19.53
N TYR B 176 -24.70 -15.83 19.94
CA TYR B 176 -25.93 -16.28 19.29
C TYR B 176 -26.39 -15.27 18.26
N ILE B 177 -26.95 -15.77 17.14
CA ILE B 177 -27.54 -14.93 16.08
C ILE B 177 -28.85 -15.58 15.60
N GLY B 178 -29.96 -14.84 15.64
CA GLY B 178 -31.21 -15.32 15.07
C GLY B 178 -32.34 -15.66 16.02
N LEU B 179 -32.07 -15.54 17.33
CA LEU B 179 -32.98 -15.96 18.38
C LEU B 179 -34.34 -15.34 18.31
N ARG B 180 -35.38 -16.15 18.57
CA ARG B 180 -36.76 -15.69 18.53
C ARG B 180 -37.72 -16.58 19.30
N ASP B 181 -37.26 -17.75 19.83
CA ASP B 181 -38.08 -18.67 20.62
C ASP B 181 -37.19 -19.28 21.73
N VAL B 182 -37.14 -18.59 22.87
CA VAL B 182 -36.30 -18.94 24.02
C VAL B 182 -37.19 -19.30 25.21
N ASP B 183 -36.91 -20.45 25.87
CA ASP B 183 -37.67 -20.84 27.06
C ASP B 183 -37.33 -19.91 28.27
N PRO B 184 -38.24 -19.75 29.28
CA PRO B 184 -37.91 -18.90 30.44
C PRO B 184 -36.58 -19.26 31.11
N GLY B 185 -36.38 -20.55 31.38
CA GLY B 185 -35.17 -21.09 31.97
C GLY B 185 -33.92 -20.74 31.19
N GLU B 186 -34.02 -20.81 29.85
CA GLU B 186 -32.95 -20.47 28.91
C GLU B 186 -32.64 -18.97 28.96
N HIS B 187 -33.69 -18.11 28.97
CA HIS B 187 -33.55 -16.67 29.06
C HIS B 187 -32.87 -16.28 30.36
N TYR B 188 -33.24 -16.96 31.48
CA TYR B 188 -32.60 -16.75 32.77
C TYR B 188 -31.09 -17.02 32.66
N ILE B 189 -30.72 -18.18 32.05
CA ILE B 189 -29.31 -18.60 31.85
C ILE B 189 -28.55 -17.56 31.03
N LEU B 190 -29.09 -17.24 29.85
CA LEU B 190 -28.56 -16.27 28.88
C LEU B 190 -28.22 -14.91 29.56
N LYS B 191 -29.17 -14.39 30.34
CA LYS B 191 -28.97 -13.13 31.05
C LYS B 191 -28.01 -13.22 32.24
N THR B 192 -28.19 -14.22 33.13
CA THR B 192 -27.34 -14.41 34.33
C THR B 192 -25.86 -14.69 33.97
N LEU B 193 -25.60 -15.41 32.87
CA LEU B 193 -24.23 -15.72 32.46
C LEU B 193 -23.61 -14.61 31.60
N GLY B 194 -24.45 -13.67 31.15
CA GLY B 194 -24.04 -12.53 30.34
C GLY B 194 -23.51 -12.95 28.98
N ILE B 195 -24.14 -13.97 28.34
CA ILE B 195 -23.77 -14.44 27.01
C ILE B 195 -24.13 -13.37 25.99
N LYS B 196 -23.24 -13.15 25.00
CA LYS B 196 -23.49 -12.19 23.93
C LYS B 196 -24.49 -12.81 22.95
N TYR B 197 -25.54 -12.05 22.60
CA TYR B 197 -26.56 -12.53 21.67
C TYR B 197 -27.16 -11.42 20.82
N PHE B 198 -27.58 -11.80 19.62
CA PHE B 198 -28.27 -10.95 18.70
C PHE B 198 -29.55 -11.66 18.35
N SER B 199 -30.63 -11.39 19.12
CA SER B 199 -31.92 -11.99 18.81
C SER B 199 -32.44 -11.28 17.54
N MET B 200 -33.60 -11.67 17.00
CA MET B 200 -34.16 -11.00 15.83
C MET B 200 -34.38 -9.50 16.12
N THR B 201 -34.56 -9.13 17.40
CA THR B 201 -34.75 -7.75 17.87
C THR B 201 -33.48 -6.94 17.61
N GLU B 202 -32.29 -7.51 17.95
CA GLU B 202 -31.01 -6.86 17.71
C GLU B 202 -30.71 -6.80 16.21
N VAL B 203 -31.01 -7.89 15.46
CA VAL B 203 -30.83 -7.91 13.98
C VAL B 203 -31.67 -6.76 13.35
N ASP B 204 -32.94 -6.61 13.79
CA ASP B 204 -33.84 -5.55 13.32
C ASP B 204 -33.32 -4.16 13.63
N ARG B 205 -32.84 -3.96 14.87
CA ARG B 205 -32.29 -2.71 15.37
C ARG B 205 -31.01 -2.31 14.65
N LEU B 206 -30.04 -3.21 14.57
CA LEU B 206 -28.70 -2.91 14.08
C LEU B 206 -28.46 -3.10 12.59
N GLY B 207 -29.12 -4.09 12.03
CA GLY B 207 -28.89 -4.53 10.65
C GLY B 207 -27.83 -5.62 10.75
N ILE B 208 -27.84 -6.57 9.82
CA ILE B 208 -26.93 -7.72 9.80
C ILE B 208 -25.45 -7.28 9.66
N GLY B 209 -25.21 -6.12 9.03
CA GLY B 209 -23.86 -5.57 8.87
C GLY B 209 -23.20 -5.29 10.21
N LYS B 210 -23.90 -4.53 11.07
CA LYS B 210 -23.45 -4.18 12.42
C LYS B 210 -23.37 -5.45 13.30
N VAL B 211 -24.36 -6.38 13.16
CA VAL B 211 -24.40 -7.65 13.89
C VAL B 211 -23.08 -8.42 13.66
N MET B 212 -22.66 -8.56 12.40
CA MET B 212 -21.44 -9.29 12.05
C MET B 212 -20.18 -8.55 12.51
N GLU B 213 -20.16 -7.22 12.37
CA GLU B 213 -19.05 -6.37 12.80
C GLU B 213 -18.83 -6.55 14.32
N GLU B 214 -19.92 -6.56 15.10
CA GLU B 214 -19.92 -6.74 16.55
C GLU B 214 -19.59 -8.16 16.97
N THR B 215 -20.15 -9.17 16.28
CA THR B 215 -19.90 -10.60 16.53
C THR B 215 -18.40 -10.93 16.37
N LEU B 216 -17.82 -10.59 15.19
CA LEU B 216 -16.41 -10.88 14.90
C LEU B 216 -15.44 -10.10 15.82
N SER B 217 -15.76 -8.84 16.18
N SER B 217 -15.76 -8.84 16.18
CA SER B 217 -14.92 -8.02 17.09
CA SER B 217 -14.91 -8.03 17.08
C SER B 217 -14.99 -8.56 18.52
C SER B 217 -14.99 -8.56 18.53
N TYR B 218 -16.15 -9.05 18.93
CA TYR B 218 -16.37 -9.62 20.26
C TYR B 218 -15.56 -10.92 20.42
N LEU B 219 -15.54 -11.77 19.37
CA LEU B 219 -14.82 -13.03 19.42
C LEU B 219 -13.35 -12.96 19.05
N LEU B 220 -12.95 -12.05 18.15
CA LEU B 220 -11.58 -11.99 17.62
C LEU B 220 -10.75 -10.75 18.02
N GLY B 221 -11.37 -9.77 18.66
CA GLY B 221 -10.74 -8.53 19.12
C GLY B 221 -9.48 -8.66 19.94
N ARG B 222 -9.49 -9.55 20.98
CA ARG B 222 -8.35 -9.82 21.85
C ARG B 222 -7.19 -10.47 21.11
N LYS B 223 -7.51 -11.46 20.24
CA LYS B 223 -6.57 -12.22 19.40
C LYS B 223 -7.32 -13.12 18.42
N LYS B 224 -6.68 -13.47 17.29
CA LYS B 224 -7.25 -14.39 16.31
C LYS B 224 -7.32 -15.76 16.96
N ARG B 225 -8.39 -16.49 16.69
CA ARG B 225 -8.63 -17.82 17.26
C ARG B 225 -9.56 -18.58 16.34
N PRO B 226 -9.55 -19.93 16.38
CA PRO B 226 -10.43 -20.70 15.47
C PRO B 226 -11.92 -20.46 15.71
N ILE B 227 -12.72 -20.38 14.63
CA ILE B 227 -14.18 -20.17 14.71
C ILE B 227 -14.92 -21.48 14.41
N HIS B 228 -15.92 -21.79 15.25
CA HIS B 228 -16.83 -22.91 15.08
C HIS B 228 -18.22 -22.31 14.84
N LEU B 229 -18.76 -22.54 13.65
CA LEU B 229 -20.09 -22.07 13.29
C LEU B 229 -21.03 -23.25 13.39
N SER B 230 -22.03 -23.18 14.29
CA SER B 230 -23.01 -24.23 14.44
C SER B 230 -24.29 -23.65 13.86
N PHE B 231 -24.64 -24.10 12.65
CA PHE B 231 -25.77 -23.56 11.90
C PHE B 231 -26.99 -24.46 11.94
N ASP B 232 -28.02 -23.98 12.63
CA ASP B 232 -29.29 -24.68 12.69
C ASP B 232 -30.10 -24.02 11.58
N VAL B 233 -30.58 -24.82 10.60
CA VAL B 233 -31.34 -24.25 9.45
C VAL B 233 -32.62 -23.48 9.89
N ASP B 234 -33.15 -23.76 11.09
CA ASP B 234 -34.32 -23.02 11.60
C ASP B 234 -33.99 -21.56 12.05
N GLY B 235 -32.72 -21.16 11.98
CA GLY B 235 -32.30 -19.78 12.23
C GLY B 235 -32.80 -18.89 11.11
N LEU B 236 -32.87 -19.47 9.90
CA LEU B 236 -33.44 -18.80 8.73
C LEU B 236 -34.95 -18.94 8.77
N ASP B 237 -35.65 -17.97 8.17
CA ASP B 237 -37.10 -17.95 8.10
C ASP B 237 -37.67 -19.22 7.42
N PRO B 238 -38.82 -19.76 7.91
CA PRO B 238 -39.41 -20.95 7.28
C PRO B 238 -39.77 -20.77 5.79
N SER B 239 -39.74 -19.52 5.26
CA SER B 239 -39.99 -19.29 3.82
C SER B 239 -38.76 -19.75 3.00
N PHE B 240 -37.62 -19.99 3.67
CA PHE B 240 -36.40 -20.45 3.03
C PHE B 240 -36.02 -21.87 3.42
N THR B 241 -36.19 -22.22 4.70
CA THR B 241 -35.87 -23.56 5.23
C THR B 241 -37.11 -24.18 5.94
N PRO B 242 -38.23 -24.47 5.20
CA PRO B 242 -39.43 -25.00 5.88
C PRO B 242 -39.29 -26.42 6.38
N ALA B 243 -38.47 -27.26 5.70
CA ALA B 243 -38.29 -28.66 6.06
C ALA B 243 -37.33 -28.79 7.22
N THR B 244 -37.86 -28.49 8.40
CA THR B 244 -37.15 -28.50 9.68
C THR B 244 -38.16 -28.77 10.81
N GLY B 245 -37.69 -29.38 11.89
CA GLY B 245 -38.50 -29.80 13.04
C GLY B 245 -39.17 -28.74 13.89
N THR B 246 -38.45 -27.67 14.24
CA THR B 246 -38.99 -26.59 15.10
C THR B 246 -38.96 -25.20 14.39
N PRO B 247 -39.72 -25.00 13.27
CA PRO B 247 -39.67 -23.71 12.57
C PRO B 247 -40.37 -22.60 13.34
N VAL B 248 -39.86 -21.36 13.22
CA VAL B 248 -40.40 -20.18 13.89
C VAL B 248 -40.40 -19.02 12.87
N VAL B 249 -41.57 -18.38 12.68
CA VAL B 249 -41.73 -17.22 11.76
C VAL B 249 -40.85 -16.00 12.16
N GLY B 250 -40.61 -15.10 11.20
CA GLY B 250 -39.83 -13.88 11.38
C GLY B 250 -38.35 -14.15 11.50
N GLY B 251 -37.85 -15.10 10.72
CA GLY B 251 -36.46 -15.50 10.79
C GLY B 251 -35.49 -14.72 9.94
N LEU B 252 -34.22 -15.12 10.00
CA LEU B 252 -33.19 -14.50 9.18
C LEU B 252 -33.53 -14.75 7.72
N THR B 253 -33.30 -13.75 6.87
CA THR B 253 -33.57 -13.90 5.44
C THR B 253 -32.46 -14.74 4.79
N TYR B 254 -32.68 -15.11 3.51
CA TYR B 254 -31.71 -15.87 2.70
C TYR B 254 -30.44 -15.01 2.59
N ARG B 255 -30.63 -13.69 2.30
CA ARG B 255 -29.58 -12.69 2.19
C ARG B 255 -28.78 -12.57 3.51
N GLU B 256 -29.48 -12.45 4.66
CA GLU B 256 -28.81 -12.37 5.97
C GLU B 256 -27.98 -13.64 6.28
N GLY B 257 -28.52 -14.82 5.94
CA GLY B 257 -27.83 -16.08 6.12
C GLY B 257 -26.54 -16.13 5.32
N LEU B 258 -26.58 -15.63 4.07
CA LEU B 258 -25.42 -15.56 3.21
C LEU B 258 -24.43 -14.54 3.70
N TYR B 259 -24.92 -13.37 4.19
CA TYR B 259 -24.06 -12.33 4.73
C TYR B 259 -23.25 -12.81 5.94
N ILE B 260 -23.91 -13.51 6.87
CA ILE B 260 -23.26 -14.05 8.08
C ILE B 260 -22.08 -14.94 7.65
N THR B 261 -22.36 -15.89 6.74
CA THR B 261 -21.41 -16.90 6.29
C THR B 261 -20.30 -16.30 5.42
N GLU B 262 -20.61 -15.28 4.58
CA GLU B 262 -19.61 -14.59 3.77
C GLU B 262 -18.60 -13.90 4.69
N GLU B 263 -19.09 -13.22 5.73
CA GLU B 263 -18.24 -12.52 6.70
C GLU B 263 -17.36 -13.47 7.50
N ILE B 264 -17.88 -14.64 7.88
CA ILE B 264 -17.12 -15.67 8.61
C ILE B 264 -16.02 -16.22 7.71
N TYR B 265 -16.34 -16.50 6.43
CA TYR B 265 -15.32 -17.00 5.48
C TYR B 265 -14.14 -16.03 5.40
N LYS B 266 -14.43 -14.74 5.18
CA LYS B 266 -13.47 -13.63 5.01
C LYS B 266 -12.44 -13.50 6.17
N THR B 267 -12.79 -13.95 7.38
CA THR B 267 -11.84 -13.94 8.52
C THR B 267 -10.69 -14.94 8.30
N GLY B 268 -10.95 -15.99 7.51
CA GLY B 268 -10.01 -17.07 7.25
C GLY B 268 -9.81 -17.95 8.46
N LEU B 269 -10.71 -17.84 9.45
CA LEU B 269 -10.61 -18.56 10.72
C LEU B 269 -11.68 -19.63 10.93
N LEU B 270 -12.57 -19.90 9.93
CA LEU B 270 -13.54 -21.01 10.07
C LEU B 270 -12.74 -22.30 10.22
N SER B 271 -13.00 -23.04 11.29
CA SER B 271 -12.28 -24.26 11.65
C SER B 271 -13.22 -25.45 11.83
N GLY B 272 -14.48 -25.17 12.14
CA GLY B 272 -15.52 -26.20 12.32
C GLY B 272 -16.87 -25.66 11.90
N LEU B 273 -17.66 -26.50 11.21
CA LEU B 273 -19.00 -26.13 10.75
C LEU B 273 -20.00 -27.27 10.96
N ASP B 274 -21.21 -26.94 11.45
CA ASP B 274 -22.33 -27.85 11.62
C ASP B 274 -23.50 -27.34 10.79
N ILE B 275 -24.08 -28.21 9.93
CA ILE B 275 -25.26 -27.86 9.12
C ILE B 275 -26.31 -28.80 9.66
N MET B 276 -27.15 -28.28 10.55
CA MET B 276 -28.08 -29.12 11.29
C MET B 276 -29.55 -28.84 11.08
N GLU B 277 -30.34 -29.83 11.48
CA GLU B 277 -31.80 -29.87 11.53
C GLU B 277 -32.50 -29.87 10.15
N VAL B 278 -31.80 -30.27 9.06
CA VAL B 278 -32.46 -30.43 7.76
C VAL B 278 -33.27 -31.75 7.86
N ASN B 279 -34.59 -31.65 7.80
CA ASN B 279 -35.46 -32.84 7.86
C ASN B 279 -36.31 -32.99 6.56
N PRO B 280 -35.79 -33.84 5.63
CA PRO B 280 -36.48 -34.06 4.33
C PRO B 280 -37.82 -34.83 4.34
N SER B 281 -38.34 -35.23 5.53
CA SER B 281 -39.65 -35.87 5.71
C SER B 281 -40.67 -34.77 6.12
N LEU B 282 -40.17 -33.55 6.45
CA LEU B 282 -41.00 -32.43 6.93
C LEU B 282 -41.36 -31.39 5.87
N GLY B 283 -41.19 -31.75 4.60
CA GLY B 283 -41.61 -30.86 3.53
C GLY B 283 -43.08 -31.09 3.23
N LYS B 284 -43.93 -30.04 3.33
CA LYS B 284 -45.36 -30.15 3.01
C LYS B 284 -45.62 -30.43 1.53
N THR B 285 -44.57 -30.18 0.71
CA THR B 285 -44.57 -30.46 -0.73
C THR B 285 -43.14 -30.90 -1.07
N PRO B 286 -42.91 -31.65 -2.18
CA PRO B 286 -41.51 -31.98 -2.57
C PRO B 286 -40.65 -30.74 -2.77
N GLU B 287 -41.26 -29.61 -3.22
CA GLU B 287 -40.56 -28.34 -3.43
C GLU B 287 -40.03 -27.72 -2.13
N GLU B 288 -40.76 -27.85 -1.01
CA GLU B 288 -40.29 -27.32 0.28
C GLU B 288 -38.99 -28.03 0.72
N VAL B 289 -38.87 -29.34 0.45
CA VAL B 289 -37.66 -30.12 0.76
C VAL B 289 -36.51 -29.60 -0.11
N THR B 290 -36.70 -29.53 -1.44
CA THR B 290 -35.70 -29.02 -2.39
C THR B 290 -35.25 -27.62 -2.01
N ARG B 291 -36.20 -26.73 -1.65
CA ARG B 291 -35.94 -25.36 -1.21
C ARG B 291 -35.04 -25.34 0.03
N THR B 292 -35.34 -26.20 1.04
CA THR B 292 -34.56 -26.29 2.29
C THR B 292 -33.15 -26.77 2.02
N VAL B 293 -33.02 -27.87 1.23
CA VAL B 293 -31.75 -28.47 0.86
C VAL B 293 -30.90 -27.44 0.06
N ASN B 294 -31.50 -26.77 -0.96
CA ASN B 294 -30.79 -25.76 -1.74
C ASN B 294 -30.31 -24.60 -0.88
N THR B 295 -31.13 -24.15 0.07
CA THR B 295 -30.73 -23.06 0.97
C THR B 295 -29.56 -23.50 1.84
N ALA B 296 -29.63 -24.73 2.43
CA ALA B 296 -28.56 -25.30 3.27
C ALA B 296 -27.25 -25.40 2.49
N VAL B 297 -27.32 -25.81 1.19
CA VAL B 297 -26.17 -25.95 0.31
C VAL B 297 -25.56 -24.56 0.05
N ALA B 298 -26.40 -23.54 -0.23
CA ALA B 298 -25.94 -22.17 -0.49
C ALA B 298 -25.19 -21.57 0.71
N ILE B 299 -25.72 -21.78 1.93
CA ILE B 299 -25.10 -21.33 3.19
C ILE B 299 -23.70 -21.98 3.29
N THR B 300 -23.63 -23.31 3.07
CA THR B 300 -22.38 -24.09 3.13
C THR B 300 -21.36 -23.57 2.13
N LEU B 301 -21.76 -23.31 0.84
CA LEU B 301 -20.84 -22.81 -0.18
C LEU B 301 -20.24 -21.45 0.22
N ALA B 302 -21.07 -20.57 0.80
CA ALA B 302 -20.64 -19.25 1.28
C ALA B 302 -19.60 -19.38 2.41
N CYS B 303 -19.71 -20.46 3.26
CA CYS B 303 -18.76 -20.70 4.33
C CYS B 303 -17.38 -21.00 3.76
N PHE B 304 -17.32 -21.52 2.52
CA PHE B 304 -16.06 -21.93 1.90
C PHE B 304 -15.66 -21.06 0.70
N GLY B 305 -16.10 -19.81 0.71
CA GLY B 305 -15.64 -18.83 -0.27
C GLY B 305 -16.54 -18.31 -1.36
N LEU B 306 -17.67 -18.97 -1.64
CA LEU B 306 -18.55 -18.49 -2.69
C LEU B 306 -19.12 -17.14 -2.30
N ALA B 307 -18.80 -16.11 -3.12
CA ALA B 307 -19.21 -14.73 -2.82
C ALA B 307 -20.17 -14.20 -3.85
N ARG B 308 -21.22 -13.50 -3.41
CA ARG B 308 -22.21 -12.92 -4.32
C ARG B 308 -21.60 -11.93 -5.34
N GLU B 309 -20.55 -11.18 -4.96
CA GLU B 309 -19.87 -10.22 -5.84
C GLU B 309 -19.12 -10.90 -6.99
N GLY B 310 -18.83 -12.19 -6.80
CA GLY B 310 -18.10 -12.99 -7.76
C GLY B 310 -16.83 -13.55 -7.18
N ASN B 311 -16.25 -14.49 -7.93
CA ASN B 311 -14.99 -15.16 -7.61
C ASN B 311 -14.20 -15.30 -8.90
N HIS B 312 -12.86 -15.19 -8.83
CA HIS B 312 -12.00 -15.45 -9.98
C HIS B 312 -10.67 -16.07 -9.57
N LYS B 313 -10.08 -16.87 -10.47
CA LYS B 313 -8.81 -17.53 -10.23
C LYS B 313 -7.67 -16.53 -10.50
N PRO B 314 -6.47 -16.65 -9.85
CA PRO B 314 -5.39 -15.68 -10.12
C PRO B 314 -4.71 -15.85 -11.49
N ILE B 315 -5.46 -15.56 -12.57
CA ILE B 315 -5.07 -15.63 -13.99
C ILE B 315 -5.61 -14.40 -14.74
N ASP B 316 -5.06 -14.14 -15.93
CA ASP B 316 -5.51 -13.04 -16.78
C ASP B 316 -6.62 -13.54 -17.68
N TYR B 317 -7.87 -13.22 -17.32
CA TYR B 317 -9.09 -13.61 -18.04
C TYR B 317 -9.23 -12.91 -19.40
N LEU B 318 -8.56 -11.77 -19.61
CA LEU B 318 -8.60 -11.06 -20.88
C LEU B 318 -7.52 -11.53 -21.88
N ASN B 319 -6.58 -12.37 -21.41
CA ASN B 319 -5.52 -12.97 -22.21
C ASN B 319 -5.29 -14.43 -21.77
N PRO B 320 -6.18 -15.38 -22.17
CA PRO B 320 -5.99 -16.78 -21.76
C PRO B 320 -4.92 -17.48 -22.58
N SER C 2 32.33 -28.40 -8.73
CA SER C 2 32.74 -27.12 -8.14
C SER C 2 32.00 -26.86 -6.83
N ALA C 3 32.52 -25.94 -6.00
CA ALA C 3 31.90 -25.53 -4.74
C ALA C 3 30.49 -24.97 -4.99
N LYS C 4 29.59 -25.09 -3.99
CA LYS C 4 28.21 -24.55 -4.07
C LYS C 4 28.25 -23.06 -4.48
N SER C 5 29.19 -22.28 -3.87
CA SER C 5 29.36 -20.85 -4.16
C SER C 5 29.90 -20.52 -5.58
N ARG C 6 30.31 -21.55 -6.37
CA ARG C 6 30.79 -21.40 -7.75
C ARG C 6 29.98 -22.28 -8.75
N THR C 7 28.76 -22.67 -8.36
CA THR C 7 27.87 -23.50 -9.19
C THR C 7 26.71 -22.57 -9.62
N ILE C 8 26.68 -22.25 -10.92
CA ILE C 8 25.80 -21.22 -11.46
C ILE C 8 24.87 -21.67 -12.59
N GLY C 9 23.65 -21.14 -12.55
CA GLY C 9 22.65 -21.28 -13.59
C GLY C 9 22.37 -19.89 -14.17
N ILE C 10 22.81 -19.66 -15.42
CA ILE C 10 22.68 -18.37 -16.10
C ILE C 10 21.36 -18.24 -16.84
N ILE C 11 20.63 -17.13 -16.56
CA ILE C 11 19.37 -16.81 -17.21
C ILE C 11 19.48 -15.41 -17.84
N GLY C 12 19.32 -15.36 -19.16
CA GLY C 12 19.25 -14.10 -19.90
C GLY C 12 17.81 -13.59 -19.84
N ALA C 13 17.61 -12.33 -19.48
CA ALA C 13 16.27 -11.77 -19.39
C ALA C 13 16.23 -10.44 -20.22
N PRO C 14 16.19 -10.55 -21.58
CA PRO C 14 16.18 -9.34 -22.43
C PRO C 14 14.83 -8.62 -22.42
N PHE C 15 14.53 -7.90 -21.34
CA PHE C 15 13.25 -7.21 -21.16
C PHE C 15 13.49 -5.70 -20.89
N SER C 16 12.71 -4.81 -21.53
CA SER C 16 12.86 -3.36 -21.36
C SER C 16 11.59 -2.61 -20.96
N LYS C 17 10.42 -3.26 -21.04
CA LYS C 17 9.11 -2.60 -20.84
C LYS C 17 8.79 -2.14 -19.40
N GLY C 18 9.67 -2.39 -18.43
CA GLY C 18 9.55 -1.87 -17.07
C GLY C 18 9.97 -0.39 -17.00
N GLN C 19 10.59 0.10 -18.08
CA GLN C 19 11.06 1.48 -18.18
C GLN C 19 10.91 2.05 -19.63
N PRO C 20 11.02 3.39 -19.87
CA PRO C 20 10.76 3.89 -21.22
C PRO C 20 11.95 3.94 -22.18
N ARG C 21 13.19 3.75 -21.70
CA ARG C 21 14.36 3.86 -22.58
C ARG C 21 14.73 2.55 -23.29
N GLY C 22 14.69 2.56 -24.62
CA GLY C 22 15.06 1.39 -25.41
C GLY C 22 16.55 1.07 -25.32
N GLY C 23 16.87 -0.22 -25.37
CA GLY C 23 18.25 -0.70 -25.30
C GLY C 23 18.62 -1.62 -24.14
N VAL C 24 17.94 -1.51 -22.98
CA VAL C 24 18.22 -2.34 -21.77
C VAL C 24 17.95 -3.86 -22.06
N GLU C 25 17.15 -4.17 -23.09
CA GLU C 25 16.91 -5.55 -23.52
C GLU C 25 18.19 -6.18 -24.11
N GLU C 26 19.15 -5.35 -24.53
CA GLU C 26 20.43 -5.82 -25.10
C GLU C 26 21.50 -6.13 -24.04
N GLY C 27 21.22 -5.84 -22.78
CA GLY C 27 22.07 -6.15 -21.63
C GLY C 27 22.60 -7.58 -21.62
N PRO C 28 21.75 -8.63 -21.76
CA PRO C 28 22.28 -10.02 -21.80
C PRO C 28 23.23 -10.26 -22.97
N THR C 29 22.93 -9.70 -24.17
CA THR C 29 23.76 -9.82 -25.37
C THR C 29 25.15 -9.23 -25.15
N VAL C 30 25.22 -7.98 -24.65
CA VAL C 30 26.53 -7.30 -24.44
C VAL C 30 27.34 -7.97 -23.31
N LEU C 31 26.67 -8.45 -22.25
CA LEU C 31 27.38 -9.16 -21.15
C LEU C 31 27.95 -10.49 -21.62
N ARG C 32 27.23 -11.20 -22.52
CA ARG C 32 27.68 -12.48 -23.08
C ARG C 32 28.84 -12.26 -24.05
N LYS C 33 28.77 -11.19 -24.88
CA LYS C 33 29.80 -10.87 -25.87
C LYS C 33 31.12 -10.53 -25.19
N ALA C 34 31.03 -9.91 -23.98
CA ALA C 34 32.20 -9.54 -23.17
C ALA C 34 32.92 -10.76 -22.57
N GLY C 35 32.36 -11.95 -22.78
CA GLY C 35 32.93 -13.22 -22.32
C GLY C 35 32.63 -13.61 -20.89
N LEU C 36 31.48 -13.16 -20.33
CA LEU C 36 31.09 -13.48 -18.95
C LEU C 36 31.15 -14.97 -18.60
N LEU C 37 30.49 -15.82 -19.43
CA LEU C 37 30.44 -17.27 -19.22
C LEU C 37 31.83 -17.90 -19.24
N GLU C 38 32.67 -17.51 -20.21
CA GLU C 38 34.04 -18.02 -20.35
C GLU C 38 34.88 -17.62 -19.12
N LYS C 39 34.81 -16.32 -18.73
CA LYS C 39 35.55 -15.78 -17.56
C LYS C 39 35.15 -16.50 -16.27
N LEU C 40 33.86 -16.86 -16.12
CA LEU C 40 33.39 -17.59 -14.94
C LEU C 40 33.98 -18.99 -14.90
N LYS C 41 34.04 -19.68 -16.06
CA LYS C 41 34.62 -21.03 -16.18
C LYS C 41 36.12 -21.00 -15.90
N GLU C 42 36.79 -19.87 -16.23
CA GLU C 42 38.23 -19.65 -15.98
C GLU C 42 38.57 -19.58 -14.47
N GLN C 43 37.58 -19.25 -13.64
CA GLN C 43 37.76 -19.14 -12.19
C GLN C 43 37.04 -20.27 -11.45
N GLU C 44 37.12 -21.50 -12.02
CA GLU C 44 36.63 -22.76 -11.45
C GLU C 44 35.11 -22.79 -11.18
N CYS C 45 34.30 -22.15 -12.03
CA CYS C 45 32.86 -22.20 -11.88
C CYS C 45 32.25 -23.27 -12.77
N ASP C 46 31.19 -23.92 -12.25
CA ASP C 46 30.39 -24.93 -12.95
C ASP C 46 29.23 -24.09 -13.46
N VAL C 47 29.28 -23.73 -14.76
CA VAL C 47 28.31 -22.86 -15.41
C VAL C 47 27.37 -23.65 -16.34
N LYS C 48 26.07 -23.51 -16.10
CA LYS C 48 25.02 -24.06 -16.96
C LYS C 48 24.21 -22.87 -17.48
N ASP C 49 24.10 -22.77 -18.80
CA ASP C 49 23.40 -21.69 -19.48
C ASP C 49 21.97 -22.11 -19.81
N TYR C 50 21.01 -21.49 -19.13
CA TYR C 50 19.59 -21.77 -19.34
C TYR C 50 18.99 -20.94 -20.48
N GLY C 51 19.88 -20.23 -21.20
CA GLY C 51 19.54 -19.39 -22.34
C GLY C 51 18.86 -18.08 -22.02
N ASP C 52 18.47 -17.36 -23.08
CA ASP C 52 17.76 -16.08 -22.98
C ASP C 52 16.27 -16.31 -23.04
N LEU C 53 15.55 -15.70 -22.10
CA LEU C 53 14.10 -15.87 -22.07
C LEU C 53 13.39 -15.16 -23.24
N PRO C 54 12.44 -15.89 -23.89
CA PRO C 54 11.67 -15.30 -24.99
C PRO C 54 10.44 -14.55 -24.44
N PHE C 55 10.42 -13.24 -24.63
CA PHE C 55 9.29 -12.45 -24.14
C PHE C 55 8.40 -12.11 -25.32
N ALA C 56 7.23 -12.78 -25.43
CA ALA C 56 6.31 -12.53 -26.56
C ALA C 56 5.62 -11.18 -26.43
N ASP C 57 5.36 -10.52 -27.56
CA ASP C 57 4.70 -9.22 -27.60
C ASP C 57 3.26 -9.33 -27.11
N ILE C 58 2.84 -8.36 -26.27
CA ILE C 58 1.48 -8.23 -25.75
C ILE C 58 0.98 -6.92 -26.38
N PRO C 59 0.31 -7.03 -27.57
CA PRO C 59 -0.09 -5.81 -28.30
C PRO C 59 -1.11 -4.89 -27.65
N ASN C 60 -2.16 -5.40 -26.99
CA ASN C 60 -3.16 -4.54 -26.36
C ASN C 60 -2.87 -4.38 -24.85
N ASP C 61 -1.65 -3.90 -24.54
CA ASP C 61 -1.21 -3.72 -23.16
C ASP C 61 -1.50 -2.32 -22.65
N SER C 62 -2.79 -2.06 -22.36
N SER C 62 -2.79 -2.06 -22.36
CA SER C 62 -3.30 -0.78 -21.87
CA SER C 62 -3.31 -0.78 -21.88
C SER C 62 -2.75 -0.43 -20.48
C SER C 62 -2.75 -0.43 -20.48
N PRO C 63 -2.47 0.85 -20.16
CA PRO C 63 -1.92 1.16 -18.83
C PRO C 63 -2.92 0.99 -17.70
N PHE C 64 -2.43 0.56 -16.53
CA PHE C 64 -3.23 0.48 -15.33
C PHE C 64 -3.01 1.89 -14.73
N GLN C 65 -4.03 2.79 -14.85
CA GLN C 65 -3.93 4.20 -14.44
C GLN C 65 -2.71 4.84 -15.19
N ILE C 66 -1.62 5.19 -14.51
CA ILE C 66 -0.42 5.73 -15.19
C ILE C 66 0.70 4.67 -15.38
N VAL C 67 0.52 3.49 -14.74
CA VAL C 67 1.45 2.35 -14.78
C VAL C 67 1.49 1.75 -16.18
N LYS C 68 2.68 1.83 -16.82
CA LYS C 68 2.91 1.42 -18.21
C LYS C 68 3.27 -0.05 -18.38
N ASN C 69 2.77 -0.65 -19.48
CA ASN C 69 3.00 -2.05 -19.90
C ASN C 69 2.79 -3.06 -18.75
N PRO C 70 1.66 -3.02 -18.01
CA PRO C 70 1.53 -3.94 -16.84
C PRO C 70 1.52 -5.43 -17.17
N ARG C 71 0.78 -5.84 -18.23
CA ARG C 71 0.71 -7.26 -18.60
C ARG C 71 2.08 -7.79 -19.08
N SER C 72 2.81 -6.96 -19.86
CA SER C 72 4.14 -7.31 -20.37
C SER C 72 5.14 -7.51 -19.21
N VAL C 73 5.17 -6.54 -18.25
CA VAL C 73 6.04 -6.60 -17.07
C VAL C 73 5.68 -7.79 -16.15
N GLY C 74 4.39 -7.98 -15.87
CA GLY C 74 3.91 -9.07 -15.04
C GLY C 74 4.21 -10.43 -15.61
N LYS C 75 4.02 -10.59 -16.95
CA LYS C 75 4.28 -11.85 -17.66
C LYS C 75 5.76 -12.17 -17.72
N ALA C 76 6.60 -11.16 -17.99
CA ALA C 76 8.05 -11.35 -18.04
C ALA C 76 8.53 -11.84 -16.67
N SER C 77 8.09 -11.19 -15.57
CA SER C 77 8.45 -11.61 -14.22
C SER C 77 7.87 -13.01 -13.88
N GLU C 78 6.65 -13.33 -14.35
CA GLU C 78 6.05 -14.66 -14.12
C GLU C 78 6.91 -15.77 -14.74
N GLN C 79 7.37 -15.55 -16.00
CA GLN C 79 8.25 -16.45 -16.74
C GLN C 79 9.57 -16.63 -16.02
N LEU C 80 10.18 -15.50 -15.60
CA LEU C 80 11.45 -15.47 -14.88
C LEU C 80 11.39 -16.18 -13.53
N ALA C 81 10.29 -16.01 -12.79
CA ALA C 81 10.02 -16.67 -11.52
C ALA C 81 10.13 -18.19 -11.71
N GLY C 82 9.42 -18.71 -12.73
CA GLY C 82 9.42 -20.13 -13.09
C GLY C 82 10.81 -20.62 -13.40
N LYS C 83 11.55 -19.84 -14.20
CA LYS C 83 12.90 -20.20 -14.62
C LYS C 83 13.92 -20.19 -13.45
N VAL C 84 13.86 -19.17 -12.58
CA VAL C 84 14.75 -19.07 -11.41
C VAL C 84 14.49 -20.25 -10.47
N ALA C 85 13.20 -20.58 -10.20
CA ALA C 85 12.81 -21.72 -9.36
C ALA C 85 13.40 -23.04 -9.90
N GLU C 86 13.42 -23.21 -11.23
CA GLU C 86 13.97 -24.37 -11.92
C GLU C 86 15.48 -24.46 -11.66
N VAL C 87 16.20 -23.32 -11.83
CA VAL C 87 17.65 -23.21 -11.59
C VAL C 87 17.99 -23.55 -10.12
N LYS C 88 17.21 -22.98 -9.18
CA LYS C 88 17.35 -23.20 -7.76
C LYS C 88 17.13 -24.67 -7.38
N LYS C 89 16.16 -25.37 -8.03
CA LYS C 89 15.87 -26.79 -7.80
C LYS C 89 17.03 -27.68 -8.25
N ASN C 90 17.84 -27.21 -9.22
CA ASN C 90 19.03 -27.88 -9.76
C ASN C 90 20.30 -27.68 -8.87
N GLY C 91 20.13 -27.03 -7.71
CA GLY C 91 21.21 -26.74 -6.76
C GLY C 91 22.27 -25.79 -7.32
N ARG C 92 21.83 -24.80 -8.12
CA ARG C 92 22.72 -23.81 -8.72
C ARG C 92 22.33 -22.43 -8.19
N ILE C 93 23.26 -21.46 -8.21
CA ILE C 93 23.00 -20.05 -7.87
C ILE C 93 22.41 -19.46 -9.16
N SER C 94 21.21 -18.86 -9.07
CA SER C 94 20.63 -18.23 -10.27
C SER C 94 21.32 -16.90 -10.54
N LEU C 95 21.75 -16.70 -11.81
CA LEU C 95 22.40 -15.48 -12.29
C LEU C 95 21.56 -14.89 -13.41
N VAL C 96 20.80 -13.84 -13.05
CA VAL C 96 19.91 -13.17 -13.99
C VAL C 96 20.62 -12.01 -14.65
N LEU C 97 20.69 -12.03 -15.99
CA LEU C 97 21.27 -10.95 -16.77
C LEU C 97 20.13 -10.11 -17.31
N GLY C 98 19.98 -8.90 -16.76
CA GLY C 98 18.93 -7.98 -17.19
C GLY C 98 19.35 -7.11 -18.36
N GLY C 99 18.44 -6.33 -18.94
CA GLY C 99 17.04 -6.21 -18.52
C GLY C 99 16.86 -5.19 -17.42
N ASP C 100 15.66 -4.57 -17.40
CA ASP C 100 15.34 -3.56 -16.40
C ASP C 100 15.03 -4.24 -15.05
N HIS C 101 15.12 -3.48 -13.96
CA HIS C 101 14.92 -3.98 -12.59
C HIS C 101 13.49 -4.44 -12.24
N SER C 102 12.46 -4.25 -13.09
CA SER C 102 11.11 -4.78 -12.80
C SER C 102 11.18 -6.32 -12.73
N LEU C 103 12.17 -6.93 -13.44
CA LEU C 103 12.43 -8.37 -13.45
C LEU C 103 12.76 -8.95 -12.07
N ALA C 104 13.16 -8.11 -11.07
CA ALA C 104 13.43 -8.55 -9.68
C ALA C 104 12.18 -9.16 -9.04
N ILE C 105 10.97 -8.75 -9.50
CA ILE C 105 9.70 -9.34 -9.00
C ILE C 105 9.78 -10.85 -9.26
N GLY C 106 10.05 -11.22 -10.51
CA GLY C 106 10.17 -12.62 -10.89
C GLY C 106 11.39 -13.30 -10.31
N SER C 107 12.54 -12.63 -10.33
CA SER C 107 13.77 -13.21 -9.80
C SER C 107 13.67 -13.59 -8.32
N ILE C 108 13.28 -12.64 -7.46
CA ILE C 108 13.13 -12.89 -6.03
C ILE C 108 11.96 -13.88 -5.74
N SER C 109 10.81 -13.70 -6.41
CA SER C 109 9.65 -14.59 -6.26
C SER C 109 10.04 -16.05 -6.46
N GLY C 110 10.66 -16.34 -7.62
CA GLY C 110 11.14 -17.67 -7.98
C GLY C 110 12.10 -18.25 -6.97
N HIS C 111 13.07 -17.42 -6.54
CA HIS C 111 14.10 -17.81 -5.56
C HIS C 111 13.47 -18.17 -4.20
N ALA C 112 12.50 -17.39 -3.73
CA ALA C 112 11.77 -17.64 -2.50
C ALA C 112 10.93 -18.93 -2.51
N ARG C 113 10.52 -19.39 -3.70
CA ARG C 113 9.75 -20.63 -3.86
C ARG C 113 10.58 -21.86 -3.41
N VAL C 114 11.90 -21.81 -3.60
CA VAL C 114 12.82 -22.88 -3.23
C VAL C 114 13.48 -22.58 -1.87
N HIS C 115 13.77 -21.28 -1.59
CA HIS C 115 14.39 -20.81 -0.34
C HIS C 115 13.57 -19.67 0.30
N PRO C 116 12.51 -20.00 1.05
CA PRO C 116 11.66 -18.93 1.62
C PRO C 116 12.30 -18.09 2.72
N ASP C 117 13.41 -18.57 3.29
CA ASP C 117 14.17 -17.91 4.35
C ASP C 117 15.25 -16.94 3.83
N LEU C 118 15.34 -16.72 2.48
CA LEU C 118 16.33 -15.81 1.86
C LEU C 118 16.30 -14.36 2.40
N GLY C 119 17.45 -13.73 2.34
CA GLY C 119 17.64 -12.33 2.72
C GLY C 119 18.05 -11.59 1.47
N VAL C 120 17.62 -10.33 1.33
CA VAL C 120 17.90 -9.54 0.11
C VAL C 120 18.85 -8.38 0.39
N ILE C 121 19.92 -8.26 -0.43
CA ILE C 121 20.83 -7.11 -0.43
C ILE C 121 20.52 -6.43 -1.76
N TRP C 122 20.05 -5.17 -1.69
CA TRP C 122 19.63 -4.40 -2.86
C TRP C 122 20.57 -3.23 -3.09
N VAL C 123 21.49 -3.39 -4.07
CA VAL C 123 22.47 -2.37 -4.42
C VAL C 123 21.91 -1.53 -5.57
N ASP C 124 21.65 -0.23 -5.28
CA ASP C 124 20.99 0.68 -6.19
C ASP C 124 21.11 2.12 -5.74
N ALA C 125 20.87 3.06 -6.68
CA ALA C 125 20.79 4.48 -6.33
C ALA C 125 19.36 4.76 -5.87
N HIS C 126 18.43 3.83 -6.16
CA HIS C 126 17.02 4.01 -5.83
C HIS C 126 16.48 2.89 -4.99
N THR C 127 15.33 3.11 -4.34
CA THR C 127 14.68 2.08 -3.51
C THR C 127 13.81 1.12 -4.31
N ASP C 128 13.27 1.54 -5.48
CA ASP C 128 12.37 0.75 -6.34
C ASP C 128 11.20 0.13 -5.54
N ILE C 129 10.67 0.91 -4.57
CA ILE C 129 9.63 0.51 -3.62
C ILE C 129 8.32 1.30 -3.79
N ASN C 130 8.19 2.08 -4.87
CA ASN C 130 6.93 2.77 -5.16
C ASN C 130 5.84 1.72 -5.41
N THR C 131 4.60 2.01 -5.03
CA THR C 131 3.52 1.06 -5.30
C THR C 131 2.86 1.55 -6.62
N PRO C 132 1.98 0.77 -7.28
CA PRO C 132 1.28 1.30 -8.47
C PRO C 132 0.49 2.59 -8.21
N LEU C 133 0.28 2.95 -6.94
CA LEU C 133 -0.46 4.15 -6.53
C LEU C 133 0.44 5.33 -6.08
N THR C 134 1.66 5.07 -5.60
CA THR C 134 2.58 6.15 -5.17
C THR C 134 3.47 6.62 -6.33
N THR C 135 3.68 5.74 -7.34
CA THR C 135 4.51 6.05 -8.52
C THR C 135 4.04 7.34 -9.21
N THR C 136 5.00 8.15 -9.69
CA THR C 136 4.67 9.36 -10.44
C THR C 136 5.04 9.18 -11.91
N SER C 137 6.06 8.34 -12.20
CA SER C 137 6.53 8.07 -13.55
C SER C 137 5.70 6.97 -14.24
N GLY C 138 5.18 6.02 -13.46
CA GLY C 138 4.39 4.90 -13.96
C GLY C 138 5.26 3.78 -14.51
N ASN C 139 6.57 3.88 -14.28
CA ASN C 139 7.54 2.89 -14.76
C ASN C 139 7.77 1.81 -13.72
N LEU C 140 7.39 0.56 -14.05
CA LEU C 140 7.45 -0.58 -13.11
C LEU C 140 8.87 -0.97 -12.62
N HIS C 141 9.96 -0.53 -13.30
CA HIS C 141 11.31 -0.83 -12.80
C HIS C 141 11.65 -0.12 -11.44
N GLY C 142 10.81 0.86 -11.03
CA GLY C 142 10.92 1.58 -9.78
C GLY C 142 9.85 1.17 -8.78
N GLN C 143 9.14 0.02 -9.06
CA GLN C 143 8.13 -0.52 -8.18
C GLN C 143 8.35 -2.00 -7.70
N PRO C 144 9.42 -2.77 -8.09
CA PRO C 144 9.47 -4.20 -7.73
C PRO C 144 9.42 -4.58 -6.26
N VAL C 145 10.09 -3.81 -5.40
CA VAL C 145 10.13 -4.11 -3.96
C VAL C 145 8.70 -4.08 -3.34
N SER C 146 7.83 -3.15 -3.79
CA SER C 146 6.45 -3.06 -3.27
C SER C 146 5.62 -4.34 -3.48
N PHE C 147 5.80 -5.01 -4.63
CA PHE C 147 5.06 -6.23 -4.96
C PHE C 147 5.53 -7.42 -4.14
N LEU C 148 6.79 -7.38 -3.66
CA LEU C 148 7.44 -8.47 -2.92
C LEU C 148 7.24 -8.42 -1.40
N LEU C 149 7.03 -7.22 -0.82
CA LEU C 149 6.93 -7.05 0.63
C LEU C 149 5.58 -7.47 1.24
N LYS C 150 5.63 -8.34 2.28
CA LYS C 150 4.45 -8.82 3.00
C LYS C 150 3.68 -7.70 3.66
N GLU C 151 4.39 -6.72 4.25
CA GLU C 151 3.81 -5.56 4.95
C GLU C 151 3.03 -4.62 4.05
N LEU C 152 3.25 -4.70 2.71
CA LEU C 152 2.55 -3.84 1.76
C LEU C 152 1.32 -4.52 1.14
N LYS C 153 0.95 -5.72 1.65
CA LYS C 153 -0.24 -6.45 1.24
C LYS C 153 -1.45 -5.61 1.70
N GLY C 154 -2.37 -5.37 0.78
CA GLY C 154 -3.54 -4.53 1.01
C GLY C 154 -3.37 -3.12 0.48
N LYS C 155 -2.13 -2.79 0.06
CA LYS C 155 -1.74 -1.47 -0.49
C LYS C 155 -1.36 -1.56 -1.97
N ILE C 156 -1.35 -2.79 -2.51
CA ILE C 156 -1.03 -3.02 -3.90
C ILE C 156 -2.36 -3.35 -4.59
N PRO C 157 -2.86 -2.50 -5.52
CA PRO C 157 -4.15 -2.81 -6.17
C PRO C 157 -4.02 -3.97 -7.16
N ASP C 158 -5.16 -4.47 -7.66
CA ASP C 158 -5.19 -5.55 -8.66
C ASP C 158 -4.70 -5.02 -10.02
N VAL C 159 -3.39 -5.15 -10.23
CA VAL C 159 -2.73 -4.72 -11.47
C VAL C 159 -2.74 -5.89 -12.47
N PRO C 160 -3.27 -5.71 -13.72
CA PRO C 160 -3.28 -6.83 -14.67
C PRO C 160 -1.87 -7.30 -14.97
N GLY C 161 -1.70 -8.62 -14.89
CA GLY C 161 -0.43 -9.30 -15.14
C GLY C 161 0.24 -9.72 -13.85
N PHE C 162 -0.27 -9.27 -12.68
CA PHE C 162 0.37 -9.56 -11.39
C PHE C 162 -0.47 -10.40 -10.41
N SER C 163 -1.57 -11.05 -10.86
CA SER C 163 -2.38 -11.85 -9.92
C SER C 163 -1.64 -13.10 -9.41
N TRP C 164 -0.56 -13.54 -10.11
CA TRP C 164 0.26 -14.69 -9.71
C TRP C 164 1.15 -14.35 -8.50
N VAL C 165 1.42 -13.05 -8.27
CA VAL C 165 2.32 -12.55 -7.22
C VAL C 165 1.78 -12.76 -5.81
N THR C 166 2.61 -13.36 -4.96
CA THR C 166 2.37 -13.54 -3.54
C THR C 166 3.56 -12.89 -2.84
N PRO C 167 3.35 -11.86 -1.96
CA PRO C 167 4.50 -11.24 -1.28
C PRO C 167 5.32 -12.30 -0.55
N CYS C 168 6.63 -12.35 -0.83
CA CYS C 168 7.48 -13.40 -0.30
C CYS C 168 8.55 -12.93 0.70
N ILE C 169 8.73 -11.61 0.86
CA ILE C 169 9.73 -11.09 1.79
C ILE C 169 9.16 -10.10 2.78
N SER C 170 9.61 -10.15 4.03
N SER C 170 9.62 -10.15 4.03
CA SER C 170 9.20 -9.24 5.08
CA SER C 170 9.24 -9.25 5.10
C SER C 170 10.19 -8.05 5.06
C SER C 170 10.19 -8.05 5.05
N ALA C 171 9.73 -6.87 5.49
CA ALA C 171 10.52 -5.62 5.51
C ALA C 171 11.87 -5.78 6.23
N LYS C 172 11.94 -6.70 7.21
CA LYS C 172 13.14 -7.03 8.00
C LYS C 172 14.14 -7.87 7.25
N ASP C 173 13.76 -8.40 6.06
CA ASP C 173 14.60 -9.30 5.27
C ASP C 173 15.29 -8.68 4.05
N ILE C 174 15.35 -7.34 4.03
CA ILE C 174 15.96 -6.58 2.95
C ILE C 174 16.87 -5.48 3.49
N VAL C 175 18.04 -5.29 2.86
CA VAL C 175 18.99 -4.24 3.21
C VAL C 175 19.36 -3.49 1.91
N TYR C 176 19.18 -2.17 1.89
CA TYR C 176 19.56 -1.34 0.77
C TYR C 176 20.96 -0.80 0.97
N ILE C 177 21.75 -0.73 -0.13
CA ILE C 177 23.08 -0.12 -0.15
C ILE C 177 23.24 0.79 -1.39
N GLY C 178 23.58 2.07 -1.17
CA GLY C 178 23.80 3.03 -2.25
C GLY C 178 22.79 4.11 -2.53
N LEU C 179 21.68 4.18 -1.75
CA LEU C 179 20.58 5.12 -1.95
C LEU C 179 20.99 6.59 -2.06
N ARG C 180 20.46 7.25 -3.09
CA ARG C 180 20.74 8.67 -3.28
C ARG C 180 19.64 9.42 -4.03
N ASP C 181 18.62 8.69 -4.56
CA ASP C 181 17.47 9.28 -5.26
C ASP C 181 16.20 8.52 -4.91
N VAL C 182 15.55 8.93 -3.81
CA VAL C 182 14.37 8.25 -3.25
C VAL C 182 13.19 9.20 -3.30
N ASP C 183 12.05 8.74 -3.86
CA ASP C 183 10.82 9.55 -3.93
C ASP C 183 10.20 9.78 -2.54
N PRO C 184 9.44 10.89 -2.31
CA PRO C 184 8.81 11.08 -0.98
C PRO C 184 7.97 9.90 -0.50
N GLY C 185 7.13 9.35 -1.40
CA GLY C 185 6.31 8.17 -1.12
C GLY C 185 7.15 6.97 -0.69
N GLU C 186 8.31 6.78 -1.34
CA GLU C 186 9.26 5.69 -1.06
C GLU C 186 9.93 5.90 0.31
N HIS C 187 10.37 7.14 0.60
CA HIS C 187 10.95 7.51 1.89
C HIS C 187 9.93 7.28 3.02
N TYR C 188 8.65 7.62 2.78
CA TYR C 188 7.58 7.37 3.74
C TYR C 188 7.53 5.87 4.04
N ILE C 189 7.53 5.00 3.00
CA ILE C 189 7.48 3.54 3.10
C ILE C 189 8.68 3.02 3.91
N LEU C 190 9.94 3.41 3.57
CA LEU C 190 11.18 3.01 4.27
C LEU C 190 11.07 3.30 5.76
N LYS C 191 10.67 4.55 6.09
CA LYS C 191 10.59 4.97 7.49
C LYS C 191 9.46 4.27 8.26
N THR C 192 8.24 4.23 7.71
CA THR C 192 7.08 3.59 8.37
C THR C 192 7.22 2.06 8.52
N LEU C 193 7.90 1.39 7.58
CA LEU C 193 8.08 -0.06 7.68
C LEU C 193 9.37 -0.43 8.42
N GLY C 194 10.21 0.56 8.70
CA GLY C 194 11.48 0.35 9.40
C GLY C 194 12.46 -0.56 8.67
N ILE C 195 12.58 -0.37 7.35
CA ILE C 195 13.53 -1.13 6.50
C ILE C 195 14.96 -0.66 6.78
N LYS C 196 15.92 -1.61 6.86
CA LYS C 196 17.34 -1.31 7.06
C LYS C 196 17.92 -0.77 5.75
N TYR C 197 18.67 0.35 5.82
CA TYR C 197 19.29 0.96 4.64
C TYR C 197 20.56 1.69 4.93
N PHE C 198 21.45 1.70 3.94
CA PHE C 198 22.70 2.43 3.96
C PHE C 198 22.66 3.34 2.72
N SER C 199 22.14 4.57 2.88
CA SER C 199 22.15 5.51 1.74
C SER C 199 23.59 5.95 1.56
N MET C 200 23.90 6.78 0.54
CA MET C 200 25.28 7.27 0.35
C MET C 200 25.77 8.03 1.60
N THR C 201 24.84 8.62 2.37
CA THR C 201 25.10 9.32 3.63
C THR C 201 25.71 8.36 4.66
N GLU C 202 25.12 7.13 4.82
CA GLU C 202 25.61 6.10 5.73
C GLU C 202 26.94 5.54 5.22
N VAL C 203 27.07 5.33 3.90
CA VAL C 203 28.34 4.83 3.30
C VAL C 203 29.47 5.84 3.60
N ASP C 204 29.19 7.16 3.43
CA ASP C 204 30.15 8.23 3.70
C ASP C 204 30.56 8.27 5.18
N ARG C 205 29.56 8.16 6.08
CA ARG C 205 29.73 8.18 7.52
C ARG C 205 30.53 6.98 8.03
N LEU C 206 30.15 5.76 7.65
CA LEU C 206 30.72 4.51 8.18
C LEU C 206 31.89 3.92 7.43
N GLY C 207 31.92 4.10 6.12
CA GLY C 207 32.88 3.46 5.24
C GLY C 207 32.25 2.15 4.79
N ILE C 208 32.62 1.67 3.59
CA ILE C 208 32.04 0.43 3.03
C ILE C 208 32.36 -0.82 3.91
N GLY C 209 33.48 -0.81 4.63
CA GLY C 209 33.85 -1.90 5.53
C GLY C 209 32.81 -2.13 6.61
N LYS C 210 32.44 -1.05 7.34
CA LYS C 210 31.42 -1.08 8.40
C LYS C 210 30.04 -1.39 7.81
N VAL C 211 29.72 -0.82 6.62
CA VAL C 211 28.46 -1.07 5.90
C VAL C 211 28.26 -2.58 5.71
N MET C 212 29.28 -3.25 5.17
CA MET C 212 29.22 -4.70 4.92
C MET C 212 29.14 -5.52 6.19
N GLU C 213 29.93 -5.13 7.21
CA GLU C 213 29.95 -5.80 8.51
C GLU C 213 28.54 -5.76 9.11
N GLU C 214 27.89 -4.59 9.06
CA GLU C 214 26.53 -4.37 9.59
C GLU C 214 25.45 -5.07 8.76
N THR C 215 25.57 -5.02 7.40
CA THR C 215 24.62 -5.66 6.46
C THR C 215 24.57 -7.18 6.70
N LEU C 216 25.73 -7.85 6.65
CA LEU C 216 25.83 -9.30 6.85
C LEU C 216 25.40 -9.75 8.27
N SER C 217 25.71 -8.98 9.33
N SER C 217 25.71 -8.98 9.33
CA SER C 217 25.31 -9.30 10.71
CA SER C 217 25.30 -9.31 10.70
C SER C 217 23.78 -9.13 10.89
C SER C 217 23.79 -9.13 10.90
N TYR C 218 23.19 -8.14 10.21
CA TYR C 218 21.75 -7.85 10.26
C TYR C 218 20.95 -9.04 9.64
N LEU C 219 21.43 -9.63 8.55
CA LEU C 219 20.71 -10.74 7.94
C LEU C 219 21.14 -12.14 8.48
N LEU C 220 22.45 -12.32 8.78
CA LEU C 220 22.99 -13.63 9.14
C LEU C 220 23.27 -13.89 10.64
N GLY C 221 23.12 -12.86 11.48
CA GLY C 221 23.41 -12.92 12.92
C GLY C 221 22.79 -14.06 13.71
N ARG C 222 21.48 -14.29 13.51
CA ARG C 222 20.72 -15.35 14.20
C ARG C 222 21.15 -16.74 13.76
N LYS C 223 21.43 -16.90 12.45
CA LYS C 223 21.82 -18.16 11.77
C LYS C 223 22.07 -17.90 10.27
N LYS C 224 22.87 -18.78 9.64
CA LYS C 224 23.14 -18.68 8.21
C LYS C 224 21.84 -18.90 7.43
N ARG C 225 21.65 -18.16 6.34
CA ARG C 225 20.46 -18.23 5.46
C ARG C 225 20.86 -17.79 4.05
N PRO C 226 20.12 -18.18 2.98
CA PRO C 226 20.53 -17.82 1.62
C PRO C 226 20.46 -16.31 1.34
N ILE C 227 21.44 -15.78 0.58
CA ILE C 227 21.51 -14.37 0.22
C ILE C 227 21.11 -14.17 -1.25
N HIS C 228 20.25 -13.17 -1.51
CA HIS C 228 19.86 -12.75 -2.85
C HIS C 228 20.39 -11.33 -3.02
N LEU C 229 21.33 -11.15 -3.96
CA LEU C 229 21.89 -9.85 -4.24
C LEU C 229 21.25 -9.35 -5.53
N SER C 230 20.50 -8.25 -5.46
CA SER C 230 19.88 -7.63 -6.63
C SER C 230 20.70 -6.38 -6.91
N PHE C 231 21.55 -6.47 -7.93
CA PHE C 231 22.48 -5.42 -8.27
C PHE C 231 22.04 -4.57 -9.46
N ASP C 232 21.66 -3.34 -9.17
CA ASP C 232 21.36 -2.34 -10.17
C ASP C 232 22.69 -1.63 -10.45
N VAL C 233 23.13 -1.59 -11.71
CA VAL C 233 24.41 -0.96 -12.09
C VAL C 233 24.44 0.56 -11.78
N ASP C 234 23.25 1.21 -11.63
CA ASP C 234 23.15 2.62 -11.31
C ASP C 234 23.46 2.91 -9.81
N GLY C 235 23.68 1.87 -9.00
CA GLY C 235 24.16 1.97 -7.61
C GLY C 235 25.58 2.48 -7.62
N LEU C 236 26.35 2.06 -8.63
CA LEU C 236 27.71 2.57 -8.84
C LEU C 236 27.64 3.94 -9.51
N ASP C 237 28.65 4.77 -9.28
CA ASP C 237 28.74 6.13 -9.83
C ASP C 237 28.73 6.12 -11.38
N PRO C 238 28.05 7.09 -12.05
CA PRO C 238 28.05 7.14 -13.51
C PRO C 238 29.44 7.24 -14.16
N SER C 239 30.50 7.52 -13.37
CA SER C 239 31.87 7.55 -13.91
C SER C 239 32.34 6.10 -14.18
N PHE C 240 31.62 5.10 -13.62
CA PHE C 240 31.94 3.67 -13.82
C PHE C 240 30.91 2.94 -14.67
N THR C 241 29.62 3.24 -14.45
CA THR C 241 28.51 2.62 -15.19
C THR C 241 27.64 3.71 -15.87
N PRO C 242 28.16 4.50 -16.85
CA PRO C 242 27.33 5.54 -17.47
C PRO C 242 26.22 5.03 -18.39
N ALA C 243 26.39 3.85 -19.02
CA ALA C 243 25.45 3.25 -19.94
C ALA C 243 24.25 2.62 -19.22
N THR C 244 23.43 3.47 -18.56
CA THR C 244 22.27 3.10 -17.73
C THR C 244 21.21 4.17 -17.82
N GLY C 245 19.93 3.79 -17.63
CA GLY C 245 18.76 4.64 -17.79
C GLY C 245 18.54 5.76 -16.81
N THR C 246 18.81 5.52 -15.52
CA THR C 246 18.59 6.49 -14.45
C THR C 246 19.88 6.76 -13.66
N PRO C 247 20.92 7.38 -14.29
CA PRO C 247 22.16 7.63 -13.55
C PRO C 247 22.02 8.80 -12.57
N VAL C 248 22.66 8.67 -11.39
CA VAL C 248 22.68 9.68 -10.33
C VAL C 248 24.14 9.83 -9.86
N VAL C 249 24.66 11.07 -9.85
CA VAL C 249 26.01 11.42 -9.38
C VAL C 249 26.22 11.08 -7.88
N GLY C 250 27.49 10.95 -7.48
CA GLY C 250 27.90 10.64 -6.11
C GLY C 250 27.63 9.20 -5.71
N GLY C 251 27.87 8.29 -6.64
CA GLY C 251 27.57 6.87 -6.40
C GLY C 251 28.68 6.07 -5.78
N LEU C 252 28.40 4.77 -5.58
CA LEU C 252 29.39 3.84 -5.06
C LEU C 252 30.56 3.76 -6.05
N THR C 253 31.79 3.70 -5.56
CA THR C 253 32.96 3.61 -6.44
C THR C 253 33.10 2.19 -6.99
N TYR C 254 34.03 2.01 -7.94
CA TYR C 254 34.35 0.71 -8.55
C TYR C 254 34.85 -0.21 -7.41
N ARG C 255 35.74 0.34 -6.56
CA ARG C 255 36.31 -0.33 -5.38
C ARG C 255 35.21 -0.76 -4.38
N GLU C 256 34.27 0.15 -4.05
CA GLU C 256 33.16 -0.17 -3.14
C GLU C 256 32.26 -1.28 -3.70
N GLY C 257 31.98 -1.22 -5.01
CA GLY C 257 31.18 -2.24 -5.68
C GLY C 257 31.82 -3.61 -5.57
N LEU C 258 33.15 -3.66 -5.80
CA LEU C 258 33.91 -4.90 -5.69
C LEU C 258 33.99 -5.38 -4.25
N TYR C 259 34.15 -4.45 -3.28
CA TYR C 259 34.20 -4.79 -1.86
C TYR C 259 32.91 -5.45 -1.38
N ILE C 260 31.74 -4.88 -1.76
CA ILE C 260 30.43 -5.42 -1.40
C ILE C 260 30.36 -6.90 -1.87
N THR C 261 30.68 -7.14 -3.15
CA THR C 261 30.56 -8.44 -3.80
C THR C 261 31.61 -9.45 -3.29
N GLU C 262 32.85 -8.97 -2.97
CA GLU C 262 33.87 -9.86 -2.41
C GLU C 262 33.42 -10.37 -1.03
N GLU C 263 32.85 -9.47 -0.19
CA GLU C 263 32.34 -9.83 1.14
C GLU C 263 31.17 -10.83 1.07
N ILE C 264 30.27 -10.65 0.09
CA ILE C 264 29.13 -11.55 -0.11
C ILE C 264 29.64 -12.93 -0.54
N TYR C 265 30.60 -12.99 -1.48
CA TYR C 265 31.18 -14.26 -1.92
C TYR C 265 31.71 -15.05 -0.73
N LYS C 266 32.57 -14.40 0.11
CA LYS C 266 33.23 -14.97 1.28
C LYS C 266 32.29 -15.68 2.25
N THR C 267 31.01 -15.24 2.35
CA THR C 267 30.03 -15.89 3.25
C THR C 267 29.69 -17.32 2.77
N GLY C 268 29.80 -17.55 1.47
CA GLY C 268 29.46 -18.80 0.83
C GLY C 268 27.96 -19.01 0.76
N LEU C 269 27.19 -17.91 0.99
CA LEU C 269 25.74 -17.96 1.04
C LEU C 269 25.02 -17.27 -0.13
N LEU C 270 25.76 -16.80 -1.15
CA LEU C 270 25.10 -16.22 -2.33
C LEU C 270 24.31 -17.33 -3.00
N SER C 271 23.00 -17.10 -3.18
CA SER C 271 22.08 -18.09 -3.70
C SER C 271 21.34 -17.60 -4.95
N GLY C 272 21.26 -16.27 -5.10
CA GLY C 272 20.62 -15.61 -6.21
C GLY C 272 21.29 -14.29 -6.51
N LEU C 273 21.47 -13.98 -7.80
CA LEU C 273 22.08 -12.73 -8.22
C LEU C 273 21.38 -12.14 -9.45
N ASP C 274 21.15 -10.81 -9.44
CA ASP C 274 20.58 -10.04 -10.55
C ASP C 274 21.59 -8.96 -10.96
N ILE C 275 21.95 -8.89 -12.26
CA ILE C 275 22.83 -7.83 -12.78
C ILE C 275 21.95 -7.06 -13.72
N MET C 276 21.43 -5.91 -13.21
CA MET C 276 20.40 -5.17 -13.93
C MET C 276 20.74 -3.78 -14.38
N GLU C 277 19.92 -3.28 -15.32
CA GLU C 277 19.88 -1.93 -15.87
C GLU C 277 21.10 -1.55 -16.74
N VAL C 278 21.83 -2.55 -17.29
CA VAL C 278 22.91 -2.25 -18.23
C VAL C 278 22.22 -1.91 -19.56
N ASN C 279 22.42 -0.66 -20.05
CA ASN C 279 21.81 -0.21 -21.31
C ASN C 279 22.89 0.23 -22.30
N PRO C 280 23.25 -0.67 -23.25
CA PRO C 280 24.31 -0.32 -24.22
C PRO C 280 23.93 0.75 -25.27
N SER C 281 22.65 1.15 -25.34
CA SER C 281 22.23 2.20 -26.26
C SER C 281 22.45 3.58 -25.62
N LEU C 282 22.79 3.61 -24.31
CA LEU C 282 22.90 4.86 -23.55
C LEU C 282 24.33 5.35 -23.27
N GLY C 283 25.33 4.74 -23.89
CA GLY C 283 26.68 5.24 -23.79
C GLY C 283 26.87 6.39 -24.77
N LYS C 284 27.38 7.56 -24.30
CA LYS C 284 27.63 8.72 -25.17
C LYS C 284 28.78 8.47 -26.17
N THR C 285 29.62 7.47 -25.86
CA THR C 285 30.74 7.06 -26.71
C THR C 285 30.79 5.54 -26.70
N PRO C 286 31.44 4.85 -27.69
CA PRO C 286 31.53 3.37 -27.59
C PRO C 286 32.27 2.94 -26.30
N GLU C 287 33.24 3.76 -25.82
CA GLU C 287 34.01 3.51 -24.61
C GLU C 287 33.14 3.50 -23.36
N GLU C 288 32.08 4.36 -23.31
CA GLU C 288 31.14 4.43 -22.18
C GLU C 288 30.40 3.10 -21.99
N VAL C 289 30.03 2.46 -23.12
CA VAL C 289 29.36 1.15 -23.14
C VAL C 289 30.35 0.08 -22.66
N THR C 290 31.56 0.01 -23.27
CA THR C 290 32.58 -0.96 -22.87
C THR C 290 32.97 -0.82 -21.38
N ARG C 291 33.00 0.42 -20.85
CA ARG C 291 33.32 0.72 -19.46
C ARG C 291 32.24 0.15 -18.56
N THR C 292 30.95 0.39 -18.92
CA THR C 292 29.79 -0.10 -18.15
C THR C 292 29.75 -1.64 -18.13
N VAL C 293 29.92 -2.27 -19.32
CA VAL C 293 29.93 -3.72 -19.49
C VAL C 293 31.08 -4.34 -18.70
N ASN C 294 32.31 -3.78 -18.82
CA ASN C 294 33.47 -4.27 -18.07
C ASN C 294 33.27 -4.16 -16.56
N THR C 295 32.68 -3.07 -16.10
CA THR C 295 32.39 -2.90 -14.67
C THR C 295 31.39 -3.96 -14.21
N ALA C 296 30.28 -4.15 -14.96
CA ALA C 296 29.25 -5.15 -14.65
C ALA C 296 29.83 -6.58 -14.61
N VAL C 297 30.75 -6.90 -15.54
CA VAL C 297 31.42 -8.20 -15.60
C VAL C 297 32.31 -8.37 -14.35
N ALA C 298 33.07 -7.33 -13.96
CA ALA C 298 33.95 -7.37 -12.78
C ALA C 298 33.17 -7.64 -11.49
N ILE C 299 32.02 -6.96 -11.30
CA ILE C 299 31.11 -7.14 -10.17
C ILE C 299 30.67 -8.61 -10.11
N THR C 300 30.20 -9.16 -11.26
CA THR C 300 29.75 -10.54 -11.40
C THR C 300 30.85 -11.53 -11.03
N LEU C 301 32.08 -11.33 -11.56
CA LEU C 301 33.21 -12.24 -11.25
C LEU C 301 33.56 -12.27 -9.77
N ALA C 302 33.50 -11.07 -9.11
CA ALA C 302 33.76 -10.94 -7.66
C ALA C 302 32.70 -11.72 -6.87
N CYS C 303 31.45 -11.78 -7.39
CA CYS C 303 30.37 -12.55 -6.72
C CYS C 303 30.68 -14.03 -6.69
N PHE C 304 31.49 -14.51 -7.65
CA PHE C 304 31.81 -15.93 -7.75
C PHE C 304 33.30 -16.25 -7.49
N GLY C 305 33.93 -15.44 -6.65
CA GLY C 305 35.26 -15.74 -6.16
C GLY C 305 36.47 -14.93 -6.55
N LEU C 306 36.40 -14.17 -7.66
CA LEU C 306 37.56 -13.38 -8.09
C LEU C 306 37.89 -12.34 -7.02
N ALA C 307 39.12 -12.41 -6.47
CA ALA C 307 39.54 -11.53 -5.38
C ALA C 307 40.69 -10.66 -5.77
N ARG C 308 40.66 -9.40 -5.35
CA ARG C 308 41.74 -8.45 -5.67
C ARG C 308 43.11 -8.86 -5.08
N GLU C 309 43.13 -9.56 -3.91
CA GLU C 309 44.40 -10.04 -3.30
C GLU C 309 45.05 -11.16 -4.12
N GLY C 310 44.24 -11.79 -4.98
CA GLY C 310 44.67 -12.88 -5.84
C GLY C 310 43.90 -14.14 -5.54
N ASN C 311 44.04 -15.14 -6.43
CA ASN C 311 43.40 -16.45 -6.33
C ASN C 311 44.42 -17.48 -6.76
N HIS C 312 44.34 -18.69 -6.19
CA HIS C 312 45.19 -19.81 -6.59
C HIS C 312 44.43 -21.13 -6.47
N LYS C 313 44.80 -22.11 -7.32
CA LYS C 313 44.17 -23.45 -7.29
C LYS C 313 44.80 -24.25 -6.14
N PRO C 314 44.11 -25.24 -5.52
CA PRO C 314 44.73 -25.99 -4.41
C PRO C 314 45.79 -27.02 -4.88
N ILE C 315 46.93 -26.49 -5.35
CA ILE C 315 48.13 -27.19 -5.86
C ILE C 315 49.40 -26.43 -5.41
N ASP C 316 50.58 -26.99 -5.72
CA ASP C 316 51.86 -26.35 -5.42
C ASP C 316 52.38 -25.70 -6.69
N TYR C 317 52.67 -24.39 -6.65
CA TYR C 317 53.20 -23.63 -7.77
C TYR C 317 54.74 -23.60 -7.71
N LEU C 318 55.31 -23.83 -6.49
CA LEU C 318 56.74 -23.84 -6.18
C LEU C 318 57.41 -25.20 -6.49
N ASN C 319 56.60 -26.22 -6.86
CA ASN C 319 57.04 -27.57 -7.21
C ASN C 319 56.78 -27.79 -8.71
N SER D 2 7.58 28.24 7.19
CA SER D 2 8.61 27.21 7.12
C SER D 2 9.49 27.19 8.36
N ALA D 3 10.21 26.09 8.56
CA ALA D 3 11.12 25.89 9.70
C ALA D 3 12.23 26.94 9.64
N LYS D 4 12.81 27.28 10.81
CA LYS D 4 13.91 28.24 10.93
C LYS D 4 15.08 27.80 10.03
N SER D 5 15.40 26.48 10.02
CA SER D 5 16.50 25.92 9.23
C SER D 5 16.20 25.93 7.70
N ARG D 6 14.98 26.32 7.34
CA ARG D 6 14.51 26.36 5.97
C ARG D 6 13.91 27.71 5.58
N THR D 7 14.22 28.81 6.33
CA THR D 7 13.79 30.20 6.08
C THR D 7 15.07 30.97 5.67
N ILE D 8 15.14 31.39 4.40
CA ILE D 8 16.34 31.97 3.77
C ILE D 8 16.16 33.39 3.18
N GLY D 9 17.23 34.16 3.30
CA GLY D 9 17.37 35.50 2.75
C GLY D 9 18.58 35.46 1.82
N ILE D 10 18.33 35.57 0.49
CA ILE D 10 19.38 35.47 -0.51
C ILE D 10 19.94 36.84 -0.86
N ILE D 11 21.27 36.94 -0.81
CA ILE D 11 22.02 38.13 -1.13
C ILE D 11 23.01 37.80 -2.23
N GLY D 12 22.86 38.50 -3.34
CA GLY D 12 23.81 38.38 -4.42
C GLY D 12 24.94 39.35 -4.16
N ALA D 13 26.19 38.87 -4.27
CA ALA D 13 27.34 39.74 -4.04
C ALA D 13 28.29 39.63 -5.26
N PRO D 14 27.93 40.30 -6.39
CA PRO D 14 28.72 40.19 -7.61
C PRO D 14 29.98 41.03 -7.54
N PHE D 15 30.99 40.52 -6.82
CA PHE D 15 32.27 41.21 -6.57
C PHE D 15 33.46 40.34 -6.92
N SER D 16 34.45 40.91 -7.63
CA SER D 16 35.62 40.18 -8.08
C SER D 16 36.96 40.76 -7.70
N LYS D 17 37.01 42.00 -7.20
CA LYS D 17 38.25 42.73 -6.92
C LYS D 17 39.08 42.20 -5.74
N GLY D 18 38.61 41.15 -5.07
CA GLY D 18 39.40 40.47 -4.03
C GLY D 18 40.47 39.57 -4.63
N GLN D 19 40.38 39.33 -5.97
CA GLN D 19 41.29 38.47 -6.73
C GLN D 19 41.52 38.98 -8.19
N PRO D 20 42.55 38.51 -8.93
CA PRO D 20 42.81 39.10 -10.25
C PRO D 20 42.04 38.53 -11.45
N ARG D 21 41.34 37.40 -11.28
CA ARG D 21 40.67 36.75 -12.41
C ARG D 21 39.24 37.24 -12.62
N GLY D 22 38.96 37.84 -13.78
CA GLY D 22 37.63 38.31 -14.11
C GLY D 22 36.64 37.17 -14.29
N GLY D 23 35.37 37.41 -13.93
CA GLY D 23 34.29 36.44 -14.08
C GLY D 23 33.56 35.99 -12.82
N VAL D 24 34.26 36.00 -11.64
CA VAL D 24 33.66 35.54 -10.38
C VAL D 24 32.43 36.42 -10.01
N GLU D 25 32.37 37.69 -10.47
CA GLU D 25 31.23 38.59 -10.24
C GLU D 25 29.93 38.04 -10.88
N GLU D 26 30.06 37.11 -11.86
CA GLU D 26 28.91 36.48 -12.53
C GLU D 26 28.32 35.27 -11.77
N GLY D 27 29.00 34.86 -10.70
CA GLY D 27 28.57 33.77 -9.81
C GLY D 27 27.11 33.88 -9.39
N PRO D 28 26.64 35.03 -8.86
CA PRO D 28 25.20 35.13 -8.49
C PRO D 28 24.24 34.92 -9.66
N THR D 29 24.58 35.47 -10.85
CA THR D 29 23.81 35.33 -12.08
C THR D 29 23.67 33.86 -12.50
N VAL D 30 24.80 33.14 -12.62
CA VAL D 30 24.79 31.73 -13.05
C VAL D 30 24.09 30.82 -12.02
N LEU D 31 24.24 31.07 -10.71
CA LEU D 31 23.56 30.28 -9.68
C LEU D 31 22.03 30.49 -9.73
N ARG D 32 21.58 31.73 -10.03
CA ARG D 32 20.17 32.04 -10.16
C ARG D 32 19.58 31.39 -11.44
N LYS D 33 20.33 31.46 -12.56
CA LYS D 33 19.91 30.91 -13.85
C LYS D 33 19.74 29.38 -13.79
N ALA D 34 20.55 28.71 -12.92
CA ALA D 34 20.48 27.28 -12.70
C ALA D 34 19.22 26.86 -11.90
N GLY D 35 18.44 27.85 -11.46
CA GLY D 35 17.19 27.62 -10.74
C GLY D 35 17.31 27.38 -9.24
N LEU D 36 18.36 27.96 -8.58
CA LEU D 36 18.59 27.79 -7.14
C LEU D 36 17.36 28.15 -6.29
N LEU D 37 16.77 29.31 -6.54
CA LEU D 37 15.60 29.82 -5.81
C LEU D 37 14.40 28.88 -5.95
N GLU D 38 14.10 28.44 -7.20
CA GLU D 38 12.98 27.54 -7.50
C GLU D 38 13.17 26.19 -6.80
N LYS D 39 14.37 25.59 -6.98
CA LYS D 39 14.74 24.32 -6.36
C LYS D 39 14.58 24.37 -4.83
N LEU D 40 15.01 25.48 -4.17
CA LEU D 40 14.88 25.66 -2.71
C LEU D 40 13.41 25.70 -2.28
N LYS D 41 12.55 26.40 -3.06
CA LYS D 41 11.11 26.48 -2.79
C LYS D 41 10.44 25.11 -2.95
N GLU D 42 10.98 24.25 -3.85
CA GLU D 42 10.53 22.88 -4.11
C GLU D 42 10.78 21.94 -2.90
N GLN D 43 11.71 22.33 -2.01
CA GLN D 43 12.02 21.56 -0.82
C GLN D 43 11.58 22.31 0.45
N GLU D 44 10.36 22.88 0.40
CA GLU D 44 9.65 23.54 1.49
C GLU D 44 10.43 24.70 2.18
N CYS D 45 11.20 25.47 1.39
CA CYS D 45 11.93 26.64 1.91
C CYS D 45 11.13 27.92 1.69
N ASP D 46 11.23 28.84 2.66
CA ASP D 46 10.65 30.18 2.63
C ASP D 46 11.84 31.02 2.14
N VAL D 47 11.82 31.40 0.85
CA VAL D 47 12.91 32.12 0.19
C VAL D 47 12.54 33.57 -0.12
N LYS D 48 13.38 34.50 0.32
CA LYS D 48 13.25 35.95 0.03
C LYS D 48 14.56 36.36 -0.63
N ASP D 49 14.50 36.90 -1.84
CA ASP D 49 15.67 37.33 -2.59
C ASP D 49 15.84 38.85 -2.44
N TYR D 50 16.89 39.25 -1.68
CA TYR D 50 17.26 40.64 -1.35
C TYR D 50 17.97 41.34 -2.54
N GLY D 51 18.06 40.63 -3.66
CA GLY D 51 18.69 41.09 -4.88
C GLY D 51 20.21 41.09 -4.86
N ASP D 52 20.83 41.67 -5.90
CA ASP D 52 22.29 41.79 -6.06
C ASP D 52 22.78 43.20 -5.67
N LEU D 53 23.73 43.28 -4.71
CA LEU D 53 24.38 44.52 -4.29
C LEU D 53 25.07 45.17 -5.50
N PRO D 54 24.81 46.47 -5.74
CA PRO D 54 25.39 47.13 -6.92
C PRO D 54 26.90 47.34 -6.88
N PHE D 55 27.49 47.61 -5.68
CA PHE D 55 28.92 47.91 -5.49
C PHE D 55 29.40 48.96 -6.50
N ALA D 56 29.06 50.25 -6.26
CA ALA D 56 29.52 51.32 -7.15
C ALA D 56 31.03 51.26 -7.27
N ASP D 57 31.50 51.51 -8.49
CA ASP D 57 32.92 51.52 -8.84
C ASP D 57 33.69 52.55 -8.01
N ILE D 58 34.90 52.16 -7.55
CA ILE D 58 35.82 53.04 -6.83
C ILE D 58 37.01 53.15 -7.79
N PRO D 59 37.03 54.15 -8.70
CA PRO D 59 38.09 54.19 -9.73
C PRO D 59 39.50 54.42 -9.18
N ASN D 60 39.63 55.27 -8.17
CA ASN D 60 40.91 55.57 -7.55
C ASN D 60 41.08 54.66 -6.37
N ASP D 61 41.78 53.54 -6.58
CA ASP D 61 41.98 52.57 -5.51
C ASP D 61 43.35 51.93 -5.66
N SER D 62 44.37 52.75 -5.43
CA SER D 62 45.78 52.37 -5.50
C SER D 62 46.10 51.29 -4.44
N PRO D 63 47.15 50.47 -4.61
CA PRO D 63 47.39 49.41 -3.63
C PRO D 63 47.97 49.86 -2.30
N PHE D 64 47.61 49.15 -1.22
CA PHE D 64 48.19 49.33 0.11
C PHE D 64 49.36 48.36 0.05
N GLN D 65 50.61 48.88 -0.13
CA GLN D 65 51.83 48.09 -0.30
C GLN D 65 51.60 47.16 -1.53
N ILE D 66 51.47 45.83 -1.34
CA ILE D 66 51.20 44.91 -2.45
C ILE D 66 49.72 44.48 -2.51
N VAL D 67 48.95 44.81 -1.46
CA VAL D 67 47.51 44.50 -1.31
C VAL D 67 46.70 45.30 -2.35
N LYS D 68 46.04 44.57 -3.26
CA LYS D 68 45.27 45.09 -4.39
C LYS D 68 43.83 45.43 -4.08
N ASN D 69 43.33 46.53 -4.69
CA ASN D 69 41.96 47.07 -4.58
C ASN D 69 41.45 47.14 -3.14
N PRO D 70 42.21 47.74 -2.18
CA PRO D 70 41.78 47.72 -0.76
C PRO D 70 40.45 48.42 -0.45
N ARG D 71 40.22 49.62 -1.00
CA ARG D 71 38.98 50.38 -0.77
C ARG D 71 37.76 49.69 -1.35
N SER D 72 37.90 49.09 -2.55
CA SER D 72 36.82 48.32 -3.22
C SER D 72 36.43 47.11 -2.40
N VAL D 73 37.44 46.32 -1.96
CA VAL D 73 37.23 45.12 -1.13
C VAL D 73 36.62 45.47 0.23
N GLY D 74 37.18 46.48 0.90
CA GLY D 74 36.69 46.93 2.19
C GLY D 74 35.26 47.43 2.15
N LYS D 75 34.92 48.22 1.10
CA LYS D 75 33.58 48.80 0.94
C LYS D 75 32.56 47.75 0.58
N ALA D 76 32.92 46.79 -0.31
CA ALA D 76 32.03 45.68 -0.67
C ALA D 76 31.70 44.86 0.59
N SER D 77 32.72 44.54 1.42
CA SER D 77 32.49 43.82 2.67
C SER D 77 31.68 44.66 3.68
N GLU D 78 31.94 45.98 3.76
CA GLU D 78 31.17 46.87 4.64
C GLU D 78 29.68 46.87 4.27
N GLN D 79 29.34 47.02 2.98
CA GLN D 79 27.96 47.01 2.51
C GLN D 79 27.33 45.63 2.72
N LEU D 80 28.09 44.54 2.43
CA LEU D 80 27.61 43.16 2.66
C LEU D 80 27.29 42.92 4.13
N ALA D 81 28.13 43.46 5.07
CA ALA D 81 27.87 43.33 6.50
C ALA D 81 26.53 43.96 6.87
N GLY D 82 26.26 45.15 6.31
CA GLY D 82 25.00 45.85 6.51
C GLY D 82 23.82 45.03 6.02
N LYS D 83 23.94 44.47 4.81
CA LYS D 83 22.90 43.65 4.19
C LYS D 83 22.65 42.33 4.95
N VAL D 84 23.72 41.62 5.34
CA VAL D 84 23.62 40.36 6.11
C VAL D 84 22.93 40.63 7.46
N ALA D 85 23.32 41.72 8.16
CA ALA D 85 22.73 42.12 9.46
C ALA D 85 21.22 42.35 9.32
N GLU D 86 20.79 42.96 8.19
CA GLU D 86 19.39 43.24 7.85
C GLU D 86 18.63 41.91 7.69
N VAL D 87 19.20 40.96 6.91
CA VAL D 87 18.65 39.62 6.66
C VAL D 87 18.49 38.87 7.98
N LYS D 88 19.55 38.89 8.82
CA LYS D 88 19.56 38.24 10.13
C LYS D 88 18.50 38.82 11.08
N LYS D 89 18.27 40.14 11.04
CA LYS D 89 17.26 40.82 11.86
C LYS D 89 15.83 40.41 11.46
N ASN D 90 15.65 40.03 10.17
CA ASN D 90 14.37 39.56 9.59
C ASN D 90 14.09 38.07 9.86
N GLY D 91 14.89 37.47 10.74
CA GLY D 91 14.78 36.06 11.15
C GLY D 91 15.02 35.08 10.02
N ARG D 92 16.03 35.38 9.16
CA ARG D 92 16.35 34.50 8.01
C ARG D 92 17.80 34.09 7.96
N ILE D 93 18.07 32.88 7.43
CA ILE D 93 19.46 32.39 7.25
C ILE D 93 19.97 33.20 6.06
N SER D 94 21.08 33.90 6.24
CA SER D 94 21.65 34.68 5.13
C SER D 94 22.38 33.71 4.19
N LEU D 95 22.08 33.81 2.89
CA LEU D 95 22.69 33.01 1.82
C LEU D 95 23.36 33.98 0.87
N VAL D 96 24.68 34.08 0.99
CA VAL D 96 25.51 34.96 0.18
C VAL D 96 26.01 34.22 -1.04
N LEU D 97 25.65 34.71 -2.22
CA LEU D 97 26.10 34.15 -3.48
C LEU D 97 27.26 35.01 -3.95
N GLY D 98 28.45 34.43 -3.94
CA GLY D 98 29.65 35.14 -4.36
C GLY D 98 29.91 34.97 -5.85
N GLY D 99 30.90 35.68 -6.38
CA GLY D 99 31.77 36.58 -5.65
C GLY D 99 32.98 35.89 -5.05
N ASP D 100 34.10 36.64 -4.94
CA ASP D 100 35.33 36.08 -4.36
C ASP D 100 35.21 36.01 -2.83
N HIS D 101 36.05 35.18 -2.19
CA HIS D 101 36.03 34.92 -0.75
C HIS D 101 36.41 36.10 0.15
N SER D 102 36.89 37.25 -0.39
CA SER D 102 37.18 38.41 0.48
C SER D 102 35.87 38.91 1.14
N LEU D 103 34.75 38.65 0.47
CA LEU D 103 33.39 38.97 0.94
C LEU D 103 33.02 38.33 2.28
N ALA D 104 33.73 37.26 2.71
CA ALA D 104 33.53 36.60 4.02
C ALA D 104 33.77 37.58 5.16
N ILE D 105 34.63 38.60 4.95
CA ILE D 105 34.89 39.65 5.95
C ILE D 105 33.53 40.27 6.30
N GLY D 106 32.80 40.75 5.28
CA GLY D 106 31.49 41.37 5.46
C GLY D 106 30.41 40.40 5.87
N SER D 107 30.39 39.21 5.25
CA SER D 107 29.39 38.20 5.58
C SER D 107 29.46 37.82 7.08
N ILE D 108 30.62 37.38 7.56
CA ILE D 108 30.79 36.97 8.98
C ILE D 108 30.63 38.18 9.93
N SER D 109 31.20 39.33 9.55
CA SER D 109 31.12 40.53 10.39
C SER D 109 29.67 40.95 10.67
N GLY D 110 28.85 40.96 9.62
CA GLY D 110 27.44 41.34 9.72
C GLY D 110 26.58 40.32 10.44
N HIS D 111 26.89 39.04 10.21
CA HIS D 111 26.22 37.93 10.88
C HIS D 111 26.52 38.02 12.39
N ALA D 112 27.79 38.34 12.74
CA ALA D 112 28.25 38.50 14.12
C ALA D 112 27.61 39.69 14.85
N ARG D 113 27.07 40.69 14.10
CA ARG D 113 26.36 41.86 14.68
C ARG D 113 25.03 41.45 15.31
N VAL D 114 24.37 40.43 14.73
CA VAL D 114 23.08 39.93 15.22
C VAL D 114 23.30 38.69 16.15
N HIS D 115 24.32 37.87 15.82
CA HIS D 115 24.68 36.67 16.59
C HIS D 115 26.19 36.68 16.94
N PRO D 116 26.60 37.40 18.01
CA PRO D 116 28.05 37.45 18.33
C PRO D 116 28.67 36.14 18.81
N ASP D 117 27.84 35.19 19.24
CA ASP D 117 28.24 33.86 19.71
C ASP D 117 28.39 32.81 18.58
N LEU D 118 28.31 33.22 17.29
CA LEU D 118 28.39 32.25 16.19
C LEU D 118 29.76 31.51 16.10
N GLY D 119 29.73 30.36 15.44
CA GLY D 119 30.87 29.52 15.14
C GLY D 119 31.03 29.38 13.64
N VAL D 120 32.28 29.27 13.15
CA VAL D 120 32.53 29.20 11.72
C VAL D 120 33.07 27.82 11.27
N ILE D 121 32.48 27.27 10.20
CA ILE D 121 32.99 26.08 9.50
C ILE D 121 33.44 26.65 8.16
N TRP D 122 34.74 26.50 7.86
CA TRP D 122 35.34 27.07 6.65
C TRP D 122 35.81 25.94 5.74
N VAL D 123 35.02 25.70 4.65
CA VAL D 123 35.29 24.64 3.67
C VAL D 123 36.06 25.23 2.50
N ASP D 124 37.30 24.77 2.30
CA ASP D 124 38.21 25.38 1.33
C ASP D 124 39.46 24.54 1.18
N ALA D 125 40.18 24.70 0.04
CA ALA D 125 41.49 24.10 -0.17
C ALA D 125 42.54 24.97 0.52
N HIS D 126 42.17 26.20 0.91
CA HIS D 126 43.07 27.22 1.48
C HIS D 126 42.56 27.77 2.81
N THR D 127 43.49 28.27 3.66
CA THR D 127 43.15 28.85 4.96
C THR D 127 42.62 30.29 4.87
N ASP D 128 43.03 31.08 3.83
CA ASP D 128 42.62 32.50 3.65
C ASP D 128 42.87 33.34 4.92
N ILE D 129 43.96 33.04 5.59
CA ILE D 129 44.34 33.65 6.86
C ILE D 129 45.63 34.51 6.73
N ASN D 130 46.08 34.79 5.50
CA ASN D 130 47.25 35.67 5.34
C ASN D 130 46.87 37.05 5.87
N THR D 131 47.82 37.79 6.44
CA THR D 131 47.52 39.14 6.89
C THR D 131 47.96 40.06 5.72
N PRO D 132 47.59 41.38 5.68
CA PRO D 132 48.12 42.24 4.60
C PRO D 132 49.65 42.31 4.55
N LEU D 133 50.35 41.79 5.60
CA LEU D 133 51.82 41.77 5.70
C LEU D 133 52.46 40.40 5.37
N THR D 134 51.72 39.29 5.55
CA THR D 134 52.26 37.95 5.24
C THR D 134 51.97 37.55 3.79
N THR D 135 50.93 38.17 3.20
CA THR D 135 50.52 37.88 1.82
C THR D 135 51.67 38.08 0.83
N THR D 136 51.78 37.20 -0.16
CA THR D 136 52.78 37.30 -1.21
C THR D 136 52.10 37.71 -2.52
N SER D 137 50.83 37.31 -2.72
CA SER D 137 50.05 37.62 -3.92
C SER D 137 49.43 39.01 -3.84
N GLY D 138 49.08 39.44 -2.62
CA GLY D 138 48.42 40.73 -2.37
C GLY D 138 46.93 40.70 -2.66
N ASN D 139 46.37 39.49 -2.81
CA ASN D 139 44.97 39.28 -3.13
C ASN D 139 44.18 39.12 -1.86
N LEU D 140 43.21 40.01 -1.63
CA LEU D 140 42.43 40.02 -0.40
C LEU D 140 41.56 38.77 -0.16
N HIS D 141 41.20 37.97 -1.22
CA HIS D 141 40.40 36.74 -1.03
C HIS D 141 41.17 35.66 -0.24
N GLY D 142 42.50 35.85 -0.09
CA GLY D 142 43.36 34.99 0.71
C GLY D 142 43.73 35.56 2.07
N GLN D 143 43.05 36.64 2.51
CA GLN D 143 43.26 37.33 3.79
C GLN D 143 41.98 37.43 4.71
N PRO D 144 40.76 36.99 4.31
CA PRO D 144 39.57 37.29 5.12
C PRO D 144 39.63 36.91 6.57
N VAL D 145 40.10 35.68 6.85
CA VAL D 145 40.14 35.15 8.21
C VAL D 145 41.03 36.05 9.13
N SER D 146 42.14 36.61 8.63
CA SER D 146 43.03 37.47 9.42
C SER D 146 42.33 38.71 9.95
N PHE D 147 41.44 39.34 9.14
CA PHE D 147 40.70 40.53 9.55
C PHE D 147 39.62 40.24 10.61
N LEU D 148 39.14 39.00 10.66
CA LEU D 148 38.08 38.55 11.57
C LEU D 148 38.54 38.03 12.94
N LEU D 149 39.78 37.49 13.03
CA LEU D 149 40.29 36.88 14.27
C LEU D 149 40.74 37.87 15.34
N LYS D 150 40.22 37.70 16.57
CA LYS D 150 40.58 38.54 17.75
C LYS D 150 42.06 38.44 18.12
N GLU D 151 42.63 37.24 18.02
CA GLU D 151 44.04 36.97 18.34
C GLU D 151 45.03 37.64 17.40
N LEU D 152 44.57 38.07 16.20
CA LEU D 152 45.43 38.72 15.22
C LEU D 152 45.36 40.25 15.29
N LYS D 153 44.68 40.79 16.33
CA LYS D 153 44.60 42.22 16.63
C LYS D 153 46.01 42.70 17.00
N GLY D 154 46.45 43.75 16.35
CA GLY D 154 47.78 44.33 16.49
C GLY D 154 48.71 43.89 15.39
N LYS D 155 48.27 42.91 14.57
CA LYS D 155 49.04 42.34 13.45
C LYS D 155 48.41 42.72 12.10
N ILE D 156 47.26 43.40 12.12
CA ILE D 156 46.59 43.86 10.90
C ILE D 156 46.84 45.37 10.80
N PRO D 157 47.61 45.84 9.78
CA PRO D 157 47.87 47.29 9.68
C PRO D 157 46.64 48.06 9.22
N ASP D 158 46.73 49.40 9.28
CA ASP D 158 45.63 50.27 8.86
C ASP D 158 45.44 50.25 7.34
N VAL D 159 44.64 49.31 6.84
CA VAL D 159 44.38 49.17 5.41
C VAL D 159 43.21 50.10 5.00
N PRO D 160 43.37 50.99 3.98
CA PRO D 160 42.23 51.85 3.55
C PRO D 160 41.05 51.00 3.10
N GLY D 161 39.88 51.33 3.64
CA GLY D 161 38.61 50.64 3.39
C GLY D 161 38.22 49.69 4.51
N PHE D 162 39.13 49.45 5.49
CA PHE D 162 38.86 48.48 6.56
C PHE D 162 38.81 49.07 7.99
N SER D 163 38.69 50.42 8.14
CA SER D 163 38.59 51.01 9.48
C SER D 163 37.32 50.59 10.26
N TRP D 164 36.28 50.17 9.54
CA TRP D 164 35.01 49.72 10.13
C TRP D 164 35.13 48.32 10.79
N VAL D 165 36.16 47.54 10.41
CA VAL D 165 36.36 46.16 10.86
C VAL D 165 36.80 46.08 12.32
N THR D 166 36.07 45.25 13.08
CA THR D 166 36.37 44.91 14.47
C THR D 166 36.42 43.38 14.48
N PRO D 167 37.56 42.76 14.90
CA PRO D 167 37.64 41.28 14.94
C PRO D 167 36.48 40.72 15.75
N CYS D 168 35.71 39.80 15.15
CA CYS D 168 34.48 39.29 15.76
C CYS D 168 34.55 37.81 16.13
N ILE D 169 35.61 37.08 15.72
CA ILE D 169 35.73 35.65 16.04
C ILE D 169 37.05 35.30 16.68
N SER D 170 37.02 34.41 17.67
CA SER D 170 38.22 33.91 18.34
C SER D 170 38.69 32.68 17.61
N ALA D 171 40.02 32.41 17.67
CA ALA D 171 40.65 31.27 17.01
C ALA D 171 39.99 29.95 17.34
N LYS D 172 39.40 29.82 18.56
CA LYS D 172 38.71 28.62 19.05
C LYS D 172 37.31 28.44 18.42
N ASP D 173 36.81 29.47 17.74
CA ASP D 173 35.45 29.44 17.19
C ASP D 173 35.35 29.14 15.69
N ILE D 174 36.46 28.69 15.07
CA ILE D 174 36.55 28.36 13.63
C ILE D 174 37.12 26.96 13.43
N VAL D 175 36.57 26.22 12.45
CA VAL D 175 37.06 24.89 12.08
C VAL D 175 37.24 24.87 10.56
N TYR D 176 38.44 24.51 10.09
CA TYR D 176 38.71 24.37 8.67
C TYR D 176 38.50 22.93 8.24
N ILE D 177 37.98 22.74 7.00
CA ILE D 177 37.79 21.43 6.38
C ILE D 177 38.22 21.48 4.90
N GLY D 178 39.15 20.61 4.52
CA GLY D 178 39.57 20.48 3.11
C GLY D 178 40.92 21.02 2.72
N LEU D 179 41.70 21.54 3.68
CA LEU D 179 42.97 22.21 3.38
C LEU D 179 43.95 21.36 2.61
N ARG D 180 44.61 21.97 1.63
CA ARG D 180 45.65 21.27 0.87
C ARG D 180 46.67 22.20 0.24
N ASP D 181 46.45 23.55 0.31
CA ASP D 181 47.40 24.53 -0.24
C ASP D 181 47.48 25.76 0.70
N VAL D 182 48.36 25.66 1.72
CA VAL D 182 48.53 26.64 2.78
C VAL D 182 49.90 27.29 2.69
N ASP D 183 49.95 28.62 2.73
CA ASP D 183 51.21 29.38 2.67
C ASP D 183 52.06 29.21 3.96
N PRO D 184 53.40 29.38 3.93
CA PRO D 184 54.18 29.24 5.18
C PRO D 184 53.69 30.16 6.31
N GLY D 185 53.45 31.43 5.99
CA GLY D 185 52.93 32.42 6.93
C GLY D 185 51.61 31.99 7.55
N GLU D 186 50.72 31.41 6.71
CA GLU D 186 49.40 30.90 7.10
C GLU D 186 49.54 29.69 8.02
N HIS D 187 50.44 28.75 7.67
CA HIS D 187 50.70 27.56 8.47
C HIS D 187 51.26 27.96 9.84
N TYR D 188 52.13 28.99 9.88
CA TYR D 188 52.65 29.53 11.13
C TYR D 188 51.48 30.00 12.02
N ILE D 189 50.57 30.81 11.44
CA ILE D 189 49.39 31.36 12.12
C ILE D 189 48.50 30.26 12.65
N LEU D 190 48.12 29.34 11.74
CA LEU D 190 47.27 28.17 12.01
C LEU D 190 47.76 27.35 13.21
N LYS D 191 49.09 27.06 13.28
CA LYS D 191 49.72 26.33 14.38
C LYS D 191 49.86 27.15 15.68
N THR D 192 50.40 28.38 15.60
CA THR D 192 50.64 29.26 16.77
C THR D 192 49.33 29.64 17.49
N LEU D 193 48.22 29.83 16.75
CA LEU D 193 46.94 30.17 17.35
C LEU D 193 46.15 28.96 17.83
N GLY D 194 46.59 27.77 17.40
CA GLY D 194 45.97 26.49 17.76
C GLY D 194 44.56 26.35 17.22
N ILE D 195 44.34 26.80 15.97
CA ILE D 195 43.04 26.70 15.29
C ILE D 195 42.78 25.24 14.93
N LYS D 196 41.53 24.77 15.14
CA LYS D 196 41.12 23.42 14.80
C LYS D 196 40.99 23.31 13.28
N TYR D 197 41.60 22.25 12.69
CA TYR D 197 41.56 22.05 11.25
C TYR D 197 41.61 20.59 10.84
N PHE D 198 40.97 20.30 9.70
CA PHE D 198 40.98 19.00 9.10
C PHE D 198 41.45 19.19 7.68
N SER D 199 42.78 19.05 7.47
CA SER D 199 43.31 19.17 6.12
C SER D 199 42.89 17.90 5.36
N MET D 200 43.30 17.75 4.12
CA MET D 200 42.99 16.52 3.36
C MET D 200 43.64 15.30 4.02
N THR D 201 44.75 15.52 4.77
CA THR D 201 45.47 14.48 5.51
C THR D 201 44.58 13.93 6.62
N GLU D 202 43.90 14.81 7.38
CA GLU D 202 42.97 14.41 8.45
C GLU D 202 41.73 13.74 7.85
N VAL D 203 41.18 14.28 6.72
CA VAL D 203 40.04 13.67 6.03
C VAL D 203 40.40 12.22 5.61
N ASP D 204 41.59 12.02 5.03
CA ASP D 204 42.08 10.70 4.60
C ASP D 204 42.24 9.74 5.79
N ARG D 205 42.82 10.23 6.89
CA ARG D 205 43.07 9.49 8.12
C ARG D 205 41.80 9.08 8.81
N LEU D 206 40.86 10.01 9.02
CA LEU D 206 39.68 9.79 9.84
C LEU D 206 38.43 9.36 9.12
N GLY D 207 38.28 9.82 7.89
CA GLY D 207 37.06 9.65 7.10
C GLY D 207 36.20 10.87 7.38
N ILE D 208 35.36 11.26 6.44
CA ILE D 208 34.50 12.44 6.56
C ILE D 208 33.47 12.31 7.73
N GLY D 209 33.11 11.08 8.09
CA GLY D 209 32.18 10.81 9.19
C GLY D 209 32.74 11.31 10.51
N LYS D 210 33.99 10.90 10.83
CA LYS D 210 34.69 11.29 12.04
C LYS D 210 35.00 12.79 12.01
N VAL D 211 35.39 13.33 10.82
CA VAL D 211 35.66 14.76 10.63
C VAL D 211 34.42 15.60 11.08
N MET D 212 33.23 15.24 10.62
CA MET D 212 32.00 15.95 10.97
C MET D 212 31.62 15.79 12.44
N GLU D 213 31.77 14.56 12.97
CA GLU D 213 31.49 14.24 14.36
C GLU D 213 32.36 15.13 15.27
N GLU D 214 33.66 15.26 14.94
CA GLU D 214 34.66 16.07 15.66
C GLU D 214 34.45 17.57 15.48
N THR D 215 34.09 18.03 14.25
CA THR D 215 33.80 19.43 13.93
C THR D 215 32.60 19.95 14.76
N LEU D 216 31.46 19.27 14.67
CA LEU D 216 30.23 19.66 15.38
C LEU D 216 30.35 19.58 16.93
N SER D 217 31.04 18.58 17.49
CA SER D 217 31.30 18.43 18.92
C SER D 217 32.21 19.57 19.39
N TYR D 218 33.24 19.92 18.59
CA TYR D 218 34.20 21.00 18.91
C TYR D 218 33.50 22.36 18.98
N LEU D 219 32.58 22.62 18.05
CA LEU D 219 31.90 23.91 18.01
C LEU D 219 30.66 23.99 18.87
N LEU D 220 29.92 22.89 19.04
CA LEU D 220 28.64 22.89 19.77
C LEU D 220 28.60 22.15 21.13
N GLY D 221 29.67 21.44 21.48
CA GLY D 221 29.79 20.66 22.72
C GLY D 221 29.53 21.40 24.02
N ARG D 222 30.09 22.62 24.17
CA ARG D 222 29.89 23.47 25.36
C ARG D 222 28.45 23.96 25.47
N LYS D 223 27.84 24.36 24.32
CA LYS D 223 26.45 24.85 24.19
C LYS D 223 26.08 25.05 22.72
N LYS D 224 24.77 24.96 22.39
CA LYS D 224 24.28 25.22 21.03
C LYS D 224 24.49 26.69 20.74
N ARG D 225 24.87 27.00 19.50
CA ARG D 225 25.15 28.36 19.06
C ARG D 225 24.98 28.41 17.55
N PRO D 226 24.74 29.61 16.95
CA PRO D 226 24.55 29.69 15.48
C PRO D 226 25.80 29.30 14.67
N ILE D 227 25.60 28.57 13.56
CA ILE D 227 26.69 28.13 12.68
C ILE D 227 26.74 28.98 11.41
N HIS D 228 27.96 29.39 11.02
CA HIS D 228 28.24 30.08 9.79
C HIS D 228 29.13 29.17 8.96
N LEU D 229 28.61 28.73 7.81
CA LEU D 229 29.36 27.89 6.89
C LEU D 229 29.83 28.77 5.73
N SER D 230 31.15 28.91 5.58
CA SER D 230 31.73 29.69 4.50
C SER D 230 32.31 28.67 3.53
N PHE D 231 31.60 28.44 2.42
CA PHE D 231 31.95 27.41 1.45
C PHE D 231 32.62 27.97 0.18
N ASP D 232 33.93 27.73 0.02
CA ASP D 232 34.69 28.07 -1.18
C ASP D 232 34.62 26.79 -2.03
N VAL D 233 34.05 26.89 -3.24
CA VAL D 233 33.85 25.74 -4.14
C VAL D 233 35.16 24.99 -4.47
N ASP D 234 36.34 25.65 -4.35
CA ASP D 234 37.62 25.00 -4.57
C ASP D 234 37.96 24.00 -3.41
N GLY D 235 37.12 23.95 -2.36
CA GLY D 235 37.23 22.97 -1.27
C GLY D 235 37.06 21.58 -1.84
N LEU D 236 36.16 21.50 -2.84
CA LEU D 236 35.88 20.28 -3.57
C LEU D 236 36.91 20.10 -4.67
N ASP D 237 37.12 18.84 -5.07
CA ASP D 237 38.09 18.49 -6.10
C ASP D 237 37.74 19.17 -7.45
N PRO D 238 38.76 19.61 -8.23
CA PRO D 238 38.48 20.24 -9.53
C PRO D 238 37.74 19.35 -10.53
N SER D 239 37.59 18.03 -10.24
CA SER D 239 36.80 17.13 -11.10
C SER D 239 35.30 17.40 -10.89
N PHE D 240 34.95 18.15 -9.82
CA PHE D 240 33.55 18.52 -9.53
C PHE D 240 33.29 20.02 -9.69
N THR D 241 34.25 20.86 -9.27
CA THR D 241 34.14 22.33 -9.35
C THR D 241 35.35 22.93 -10.11
N PRO D 242 35.53 22.63 -11.42
CA PRO D 242 36.71 23.16 -12.15
C PRO D 242 36.66 24.66 -12.43
N ALA D 243 35.45 25.25 -12.57
CA ALA D 243 35.28 26.66 -12.90
C ALA D 243 35.45 27.57 -11.67
N THR D 244 36.70 27.66 -11.24
CA THR D 244 37.14 28.38 -10.03
C THR D 244 38.56 28.89 -10.22
N GLY D 245 38.89 30.02 -9.55
CA GLY D 245 40.16 30.74 -9.66
C GLY D 245 41.41 30.06 -9.18
N THR D 246 41.35 29.37 -8.02
CA THR D 246 42.51 28.71 -7.43
C THR D 246 42.25 27.19 -7.20
N PRO D 247 42.09 26.38 -8.28
CA PRO D 247 41.85 24.94 -8.09
C PRO D 247 43.10 24.18 -7.63
N VAL D 248 42.90 23.16 -6.78
CA VAL D 248 43.99 22.31 -6.26
C VAL D 248 43.51 20.84 -6.30
N VAL D 249 44.30 19.96 -6.91
CA VAL D 249 43.98 18.52 -7.00
C VAL D 249 43.90 17.82 -5.61
N GLY D 250 43.24 16.67 -5.57
CA GLY D 250 43.06 15.86 -4.36
C GLY D 250 42.09 16.46 -3.37
N GLY D 251 41.01 17.05 -3.89
CA GLY D 251 40.04 17.74 -3.05
C GLY D 251 38.95 16.88 -2.49
N LEU D 252 38.04 17.51 -1.74
CA LEU D 252 36.88 16.80 -1.18
C LEU D 252 36.04 16.30 -2.33
N THR D 253 35.47 15.09 -2.20
CA THR D 253 34.64 14.53 -3.27
C THR D 253 33.25 15.19 -3.23
N TYR D 254 32.43 14.89 -4.24
CA TYR D 254 31.04 15.38 -4.34
C TYR D 254 30.28 14.83 -3.10
N ARG D 255 30.47 13.54 -2.81
CA ARG D 255 29.87 12.83 -1.66
C ARG D 255 30.30 13.49 -0.34
N GLU D 256 31.60 13.78 -0.16
CA GLU D 256 32.09 14.42 1.07
C GLU D 256 31.48 15.83 1.25
N GLY D 257 31.37 16.58 0.17
CA GLY D 257 30.77 17.91 0.17
C GLY D 257 29.32 17.84 0.61
N LEU D 258 28.57 16.82 0.12
CA LEU D 258 27.17 16.63 0.51
C LEU D 258 27.06 16.17 1.93
N TYR D 259 27.99 15.28 2.37
CA TYR D 259 28.01 14.78 3.74
C TYR D 259 28.21 15.90 4.76
N ILE D 260 29.16 16.79 4.50
CA ILE D 260 29.46 17.95 5.37
C ILE D 260 28.19 18.78 5.56
N THR D 261 27.53 19.14 4.43
CA THR D 261 26.36 20.01 4.42
C THR D 261 25.12 19.32 4.97
N GLU D 262 24.93 18.02 4.74
CA GLU D 262 23.83 17.25 5.33
C GLU D 262 23.93 17.25 6.86
N GLU D 263 25.15 17.02 7.38
CA GLU D 263 25.39 17.02 8.83
C GLU D 263 25.16 18.40 9.47
N ILE D 264 25.55 19.49 8.78
CA ILE D 264 25.30 20.86 9.26
C ILE D 264 23.81 21.15 9.29
N TYR D 265 23.07 20.74 8.23
CA TYR D 265 21.61 20.96 8.20
C TYR D 265 20.95 20.32 9.45
N LYS D 266 21.26 19.04 9.71
CA LYS D 266 20.73 18.22 10.79
C LYS D 266 20.86 18.84 12.20
N THR D 267 21.87 19.70 12.43
CA THR D 267 22.02 20.40 13.72
C THR D 267 20.86 21.40 13.97
N GLY D 268 20.27 21.91 12.88
CA GLY D 268 19.21 22.91 12.93
C GLY D 268 19.76 24.27 13.32
N LEU D 269 21.10 24.43 13.24
CA LEU D 269 21.77 25.65 13.70
C LEU D 269 22.43 26.48 12.58
N LEU D 270 22.28 26.07 11.30
CA LEU D 270 22.81 26.90 10.18
C LEU D 270 22.11 28.24 10.24
N SER D 271 22.90 29.31 10.31
CA SER D 271 22.43 30.68 10.48
C SER D 271 22.96 31.61 9.37
N GLY D 272 24.09 31.23 8.78
CA GLY D 272 24.72 31.99 7.71
C GLY D 272 25.45 31.06 6.77
N LEU D 273 25.36 31.34 5.47
CA LEU D 273 26.00 30.53 4.43
C LEU D 273 26.58 31.40 3.32
N ASP D 274 27.83 31.07 2.88
CA ASP D 274 28.54 31.73 1.78
C ASP D 274 28.85 30.67 0.75
N ILE D 275 28.47 30.91 -0.54
CA ILE D 275 28.76 30.00 -1.65
C ILE D 275 29.67 30.84 -2.52
N MET D 276 30.97 30.62 -2.38
CA MET D 276 31.97 31.49 -3.00
C MET D 276 32.87 30.85 -4.02
N GLU D 277 33.48 31.75 -4.81
CA GLU D 277 34.52 31.49 -5.82
C GLU D 277 34.03 30.72 -7.08
N VAL D 278 32.70 30.70 -7.34
CA VAL D 278 32.19 30.12 -8.59
C VAL D 278 32.51 31.16 -9.71
N ASN D 279 33.35 30.77 -10.68
CA ASN D 279 33.74 31.67 -11.76
C ASN D 279 33.41 31.05 -13.14
N PRO D 280 32.24 31.44 -13.70
CA PRO D 280 31.79 30.86 -14.98
C PRO D 280 32.65 31.18 -16.20
N SER D 281 33.60 32.14 -16.06
CA SER D 281 34.51 32.53 -17.14
C SER D 281 35.76 31.62 -17.13
N LEU D 282 35.87 30.68 -16.16
CA LEU D 282 37.05 29.82 -16.06
C LEU D 282 36.82 28.31 -16.32
N GLY D 283 35.75 27.97 -17.01
CA GLY D 283 35.59 26.59 -17.41
C GLY D 283 36.34 26.34 -18.71
N LYS D 284 37.10 25.21 -18.83
CA LYS D 284 37.82 24.87 -20.08
C LYS D 284 36.85 24.53 -21.23
N THR D 285 35.62 24.15 -20.88
CA THR D 285 34.54 23.82 -21.81
C THR D 285 33.25 24.37 -21.21
N PRO D 286 32.16 24.60 -21.99
CA PRO D 286 30.89 25.04 -21.37
C PRO D 286 30.37 24.06 -20.32
N GLU D 287 30.65 22.74 -20.50
CA GLU D 287 30.25 21.68 -19.56
C GLU D 287 30.94 21.83 -18.21
N GLU D 288 32.22 22.23 -18.21
CA GLU D 288 32.94 22.42 -16.93
C GLU D 288 32.28 23.48 -16.07
N VAL D 289 31.68 24.51 -16.71
CA VAL D 289 30.93 25.59 -16.05
C VAL D 289 29.63 25.04 -15.45
N THR D 290 28.82 24.36 -16.27
CA THR D 290 27.56 23.75 -15.86
C THR D 290 27.79 22.78 -14.69
N ARG D 291 28.87 21.99 -14.76
CA ARG D 291 29.26 21.03 -13.72
C ARG D 291 29.54 21.73 -12.40
N THR D 292 30.27 22.86 -12.43
CA THR D 292 30.61 23.66 -11.24
C THR D 292 29.36 24.25 -10.62
N VAL D 293 28.51 24.87 -11.44
CA VAL D 293 27.25 25.49 -11.02
C VAL D 293 26.32 24.44 -10.43
N ASN D 294 26.15 23.28 -11.11
CA ASN D 294 25.30 22.17 -10.60
C ASN D 294 25.81 21.64 -9.27
N THR D 295 27.13 21.51 -9.11
CA THR D 295 27.72 21.04 -7.85
C THR D 295 27.43 22.06 -6.74
N ALA D 296 27.64 23.37 -7.01
CA ALA D 296 27.40 24.46 -6.04
C ALA D 296 25.92 24.48 -5.62
N VAL D 297 24.98 24.25 -6.57
CA VAL D 297 23.54 24.20 -6.31
C VAL D 297 23.23 23.01 -5.39
N ALA D 298 23.83 21.82 -5.67
CA ALA D 298 23.61 20.61 -4.88
C ALA D 298 24.05 20.78 -3.42
N ILE D 299 25.24 21.40 -3.21
CA ILE D 299 25.79 21.70 -1.86
C ILE D 299 24.77 22.59 -1.11
N THR D 300 24.30 23.66 -1.79
CA THR D 300 23.33 24.61 -1.23
C THR D 300 22.03 23.91 -0.83
N LEU D 301 21.46 23.05 -1.71
CA LEU D 301 20.22 22.32 -1.40
C LEU D 301 20.34 21.45 -0.15
N ALA D 302 21.50 20.80 -0.01
CA ALA D 302 21.86 19.96 1.14
C ALA D 302 21.90 20.79 2.43
N CYS D 303 22.34 22.06 2.34
CA CYS D 303 22.41 22.97 3.50
C CYS D 303 21.01 23.23 4.04
N PHE D 304 19.99 23.15 3.16
CA PHE D 304 18.62 23.48 3.53
C PHE D 304 17.66 22.28 3.52
N GLY D 305 18.21 21.08 3.78
CA GLY D 305 17.40 19.89 4.02
C GLY D 305 17.34 18.76 3.03
N LEU D 306 17.77 18.98 1.78
CA LEU D 306 17.75 17.91 0.79
C LEU D 306 18.67 16.77 1.26
N ALA D 307 18.12 15.57 1.47
CA ALA D 307 18.88 14.43 1.96
C ALA D 307 18.94 13.30 0.95
N ARG D 308 20.12 12.69 0.77
CA ARG D 308 20.27 11.59 -0.18
C ARG D 308 19.38 10.37 0.14
N GLU D 309 19.09 10.08 1.44
CA GLU D 309 18.20 8.97 1.83
C GLU D 309 16.75 9.21 1.42
N GLY D 310 16.41 10.48 1.18
CA GLY D 310 15.08 10.89 0.77
C GLY D 310 14.48 11.88 1.74
N ASN D 311 13.37 12.49 1.33
CA ASN D 311 12.60 13.45 2.10
C ASN D 311 11.13 13.13 1.89
N HIS D 312 10.28 13.43 2.89
CA HIS D 312 8.81 13.31 2.71
C HIS D 312 8.07 14.32 3.59
N LYS D 313 6.89 14.75 3.13
CA LYS D 313 6.05 15.71 3.86
C LYS D 313 5.31 14.95 4.96
N PRO D 314 4.90 15.58 6.10
CA PRO D 314 4.21 14.82 7.16
C PRO D 314 2.76 14.42 6.83
N ILE D 315 2.58 13.64 5.74
CA ILE D 315 1.29 13.12 5.25
C ILE D 315 1.33 11.59 4.98
N ASP D 316 0.17 10.91 5.02
CA ASP D 316 0.12 9.47 4.73
C ASP D 316 0.16 9.31 3.22
N TYR D 317 1.33 8.91 2.69
CA TYR D 317 1.57 8.69 1.25
C TYR D 317 0.84 7.48 0.68
N LEU D 318 0.44 6.52 1.51
CA LEU D 318 -0.34 5.36 1.06
C LEU D 318 -1.89 5.64 1.05
N ASN D 319 -2.32 6.78 1.62
CA ASN D 319 -3.72 7.22 1.62
C ASN D 319 -3.80 8.74 1.39
N SER E 2 -50.61 -6.85 38.89
CA SER E 2 -49.56 -6.90 37.87
C SER E 2 -49.08 -5.49 37.45
N ALA E 3 -47.94 -5.41 36.73
CA ALA E 3 -47.32 -4.16 36.29
C ALA E 3 -48.30 -3.31 35.49
N LYS E 4 -48.18 -1.96 35.58
CA LYS E 4 -49.05 -1.01 34.86
C LYS E 4 -49.03 -1.34 33.37
N SER E 5 -47.82 -1.63 32.81
CA SER E 5 -47.61 -1.93 31.40
C SER E 5 -48.19 -3.30 30.99
N ARG E 6 -48.66 -4.11 31.95
CA ARG E 6 -49.27 -5.40 31.71
C ARG E 6 -50.67 -5.49 32.34
N THR E 7 -51.27 -4.31 32.72
CA THR E 7 -52.62 -4.23 33.27
C THR E 7 -53.50 -3.72 32.12
N ILE E 8 -54.44 -4.58 31.64
CA ILE E 8 -55.24 -4.34 30.43
C ILE E 8 -56.76 -4.43 30.60
N GLY E 9 -57.46 -3.56 29.87
CA GLY E 9 -58.92 -3.52 29.77
C GLY E 9 -59.27 -3.75 28.32
N ILE E 10 -59.83 -4.93 28.00
CA ILE E 10 -60.19 -5.33 26.64
C ILE E 10 -61.59 -4.86 26.26
N ILE E 11 -61.70 -4.17 25.11
CA ILE E 11 -62.96 -3.67 24.57
C ILE E 11 -63.13 -4.20 23.14
N GLY E 12 -64.20 -4.95 22.92
CA GLY E 12 -64.54 -5.43 21.59
C GLY E 12 -65.36 -4.37 20.90
N ALA E 13 -64.99 -4.03 19.65
CA ALA E 13 -65.73 -3.01 18.89
C ALA E 13 -66.14 -3.60 17.51
N PRO E 14 -67.16 -4.49 17.48
CA PRO E 14 -67.57 -5.14 16.21
C PRO E 14 -68.35 -4.20 15.30
N PHE E 15 -67.64 -3.27 14.64
CA PHE E 15 -68.23 -2.25 13.78
C PHE E 15 -67.58 -2.23 12.39
N SER E 16 -68.40 -2.16 11.33
CA SER E 16 -67.92 -2.18 9.95
C SER E 16 -68.35 -1.02 9.06
N LYS E 17 -69.35 -0.23 9.48
CA LYS E 17 -69.95 0.83 8.67
C LYS E 17 -69.04 2.05 8.34
N GLY E 18 -67.78 2.02 8.79
CA GLY E 18 -66.78 3.05 8.50
C GLY E 18 -66.13 2.78 7.16
N GLN E 19 -66.49 1.62 6.55
CA GLN E 19 -66.01 1.18 5.25
C GLN E 19 -67.03 0.27 4.51
N PRO E 20 -66.90 0.01 3.18
CA PRO E 20 -67.94 -0.78 2.50
C PRO E 20 -67.81 -2.31 2.52
N ARG E 21 -66.68 -2.86 2.98
CA ARG E 21 -66.47 -4.31 2.95
C ARG E 21 -66.95 -5.03 4.22
N GLY E 22 -67.91 -5.93 4.04
CA GLY E 22 -68.45 -6.72 5.14
C GLY E 22 -67.47 -7.71 5.71
N GLY E 23 -67.52 -7.93 7.02
CA GLY E 23 -66.66 -8.89 7.71
C GLY E 23 -65.76 -8.38 8.81
N VAL E 24 -65.39 -7.09 8.75
CA VAL E 24 -64.47 -6.46 9.72
C VAL E 24 -65.09 -6.41 11.14
N GLU E 25 -66.45 -6.52 11.23
CA GLU E 25 -67.17 -6.57 12.51
C GLU E 25 -66.89 -7.90 13.25
N GLU E 26 -66.39 -8.93 12.53
CA GLU E 26 -66.03 -10.23 13.10
C GLU E 26 -64.62 -10.27 13.70
N GLY E 27 -63.83 -9.20 13.50
CA GLY E 27 -62.49 -9.03 14.05
C GLY E 27 -62.37 -9.36 15.53
N PRO E 28 -63.23 -8.78 16.42
CA PRO E 28 -63.15 -9.13 17.85
C PRO E 28 -63.39 -10.63 18.12
N THR E 29 -64.36 -11.25 17.41
CA THR E 29 -64.71 -12.68 17.56
C THR E 29 -63.50 -13.56 17.20
N VAL E 30 -62.89 -13.34 16.02
CA VAL E 30 -61.75 -14.14 15.55
C VAL E 30 -60.50 -13.95 16.43
N LEU E 31 -60.25 -12.71 16.92
CA LEU E 31 -59.11 -12.45 17.82
C LEU E 31 -59.28 -13.16 19.18
N ARG E 32 -60.53 -13.20 19.69
CA ARG E 32 -60.84 -13.89 20.95
C ARG E 32 -60.73 -15.42 20.79
N LYS E 33 -61.23 -15.96 19.67
CA LYS E 33 -61.20 -17.39 19.36
C LYS E 33 -59.76 -17.90 19.22
N ALA E 34 -58.85 -17.02 18.77
CA ALA E 34 -57.42 -17.34 18.63
C ALA E 34 -56.71 -17.46 20.00
N GLY E 35 -57.42 -17.12 21.07
CA GLY E 35 -56.93 -17.20 22.44
C GLY E 35 -56.14 -16.02 22.95
N LEU E 36 -56.39 -14.81 22.40
CA LEU E 36 -55.71 -13.56 22.80
C LEU E 36 -55.69 -13.33 24.31
N LEU E 37 -56.87 -13.40 24.96
CA LEU E 37 -57.02 -13.18 26.40
C LEU E 37 -56.22 -14.18 27.22
N GLU E 38 -56.29 -15.47 26.86
CA GLU E 38 -55.56 -16.55 27.53
C GLU E 38 -54.05 -16.36 27.39
N LYS E 39 -53.58 -16.06 26.16
CA LYS E 39 -52.15 -15.83 25.84
C LYS E 39 -51.59 -14.63 26.62
N LEU E 40 -52.41 -13.58 26.80
CA LEU E 40 -52.01 -12.41 27.57
C LEU E 40 -51.84 -12.77 29.04
N LYS E 41 -52.77 -13.57 29.61
CA LYS E 41 -52.71 -14.03 31.00
C LYS E 41 -51.50 -14.94 31.24
N GLU E 42 -51.08 -15.71 30.20
CA GLU E 42 -49.90 -16.58 30.19
C GLU E 42 -48.58 -15.80 30.31
N GLN E 43 -48.58 -14.51 29.96
CA GLN E 43 -47.40 -13.65 30.04
C GLN E 43 -47.49 -12.62 31.16
N GLU E 44 -48.12 -13.02 32.28
CA GLU E 44 -48.29 -12.26 33.53
C GLU E 44 -49.07 -10.93 33.36
N CYS E 45 -50.12 -10.95 32.51
CA CYS E 45 -50.97 -9.77 32.33
C CYS E 45 -52.21 -9.89 33.19
N ASP E 46 -52.66 -8.74 33.74
CA ASP E 46 -53.87 -8.60 34.52
C ASP E 46 -54.87 -8.14 33.47
N VAL E 47 -55.70 -9.07 32.99
CA VAL E 47 -56.68 -8.84 31.92
C VAL E 47 -58.11 -8.80 32.45
N LYS E 48 -58.82 -7.70 32.16
CA LYS E 48 -60.23 -7.52 32.46
C LYS E 48 -60.93 -7.32 31.12
N ASP E 49 -61.95 -8.16 30.85
CA ASP E 49 -62.71 -8.12 29.62
C ASP E 49 -63.98 -7.29 29.82
N TYR E 50 -64.03 -6.12 29.16
CA TYR E 50 -65.18 -5.22 29.23
C TYR E 50 -66.26 -5.60 28.22
N GLY E 51 -66.05 -6.73 27.54
CA GLY E 51 -66.97 -7.28 26.55
C GLY E 51 -67.00 -6.54 25.23
N ASP E 52 -67.97 -6.91 24.37
CA ASP E 52 -68.15 -6.31 23.06
C ASP E 52 -69.21 -5.23 23.15
N LEU E 53 -68.90 -4.02 22.67
CA LEU E 53 -69.85 -2.91 22.73
C LEU E 53 -71.07 -3.22 21.85
N PRO E 54 -72.29 -3.02 22.36
CA PRO E 54 -73.48 -3.29 21.53
C PRO E 54 -73.70 -2.12 20.56
N PHE E 55 -73.61 -2.41 19.25
CA PHE E 55 -73.80 -1.38 18.23
C PHE E 55 -75.19 -1.50 17.62
N ALA E 56 -76.12 -0.68 18.13
CA ALA E 56 -77.50 -0.68 17.66
C ALA E 56 -77.62 -0.11 16.26
N ASP E 57 -78.44 -0.75 15.44
CA ASP E 57 -78.72 -0.37 14.06
C ASP E 57 -79.38 0.99 13.98
N ILE E 58 -78.92 1.82 13.04
CA ILE E 58 -79.48 3.14 12.73
C ILE E 58 -80.02 2.97 11.29
N PRO E 59 -81.31 2.60 11.15
CA PRO E 59 -81.86 2.30 9.82
C PRO E 59 -81.94 3.45 8.81
N ASN E 60 -82.29 4.68 9.21
CA ASN E 60 -82.39 5.80 8.26
C ASN E 60 -81.13 6.67 8.24
N ASP E 61 -79.98 6.02 7.96
CA ASP E 61 -78.69 6.69 7.92
C ASP E 61 -78.31 7.18 6.52
N SER E 62 -78.87 8.32 6.12
N SER E 62 -78.87 8.33 6.13
CA SER E 62 -78.62 8.98 4.83
CA SER E 62 -78.63 8.99 4.84
C SER E 62 -77.20 9.58 4.76
C SER E 62 -77.20 9.58 4.76
N PRO E 63 -76.53 9.60 3.58
CA PRO E 63 -75.17 10.14 3.52
C PRO E 63 -75.07 11.65 3.67
N PHE E 64 -73.98 12.11 4.30
CA PHE E 64 -73.66 13.53 4.40
C PHE E 64 -72.82 13.73 3.15
N GLN E 65 -73.41 14.35 2.10
CA GLN E 65 -72.78 14.54 0.79
C GLN E 65 -72.38 13.13 0.24
N ILE E 66 -71.07 12.80 0.17
CA ILE E 66 -70.57 11.49 -0.29
C ILE E 66 -70.24 10.55 0.91
N VAL E 67 -70.11 11.13 2.11
CA VAL E 67 -69.76 10.46 3.37
C VAL E 67 -70.87 9.48 3.79
N LYS E 68 -70.53 8.18 3.81
CA LYS E 68 -71.46 7.06 4.09
C LYS E 68 -71.59 6.72 5.57
N ASN E 69 -72.83 6.32 5.97
CA ASN E 69 -73.23 5.91 7.33
C ASN E 69 -72.73 6.89 8.43
N PRO E 70 -72.94 8.23 8.31
CA PRO E 70 -72.36 9.15 9.31
C PRO E 70 -72.85 8.98 10.75
N ARG E 71 -74.16 8.81 10.96
CA ARG E 71 -74.74 8.65 12.29
C ARG E 71 -74.27 7.36 12.97
N SER E 72 -74.18 6.25 12.19
CA SER E 72 -73.71 4.96 12.69
C SER E 72 -72.24 5.04 13.15
N VAL E 73 -71.38 5.64 12.31
CA VAL E 73 -69.95 5.81 12.60
C VAL E 73 -69.74 6.74 13.82
N GLY E 74 -70.45 7.87 13.84
CA GLY E 74 -70.38 8.84 14.92
C GLY E 74 -70.83 8.27 16.26
N LYS E 75 -71.94 7.50 16.25
CA LYS E 75 -72.50 6.88 17.47
C LYS E 75 -71.60 5.78 17.99
N ALA E 76 -71.07 4.92 17.10
CA ALA E 76 -70.15 3.84 17.49
C ALA E 76 -68.93 4.45 18.20
N SER E 77 -68.35 5.52 17.62
CA SER E 77 -67.19 6.19 18.22
C SER E 77 -67.56 6.88 19.54
N GLU E 78 -68.77 7.47 19.63
CA GLU E 78 -69.24 8.12 20.85
C GLU E 78 -69.31 7.12 22.01
N GLN E 79 -69.88 5.93 21.73
CA GLN E 79 -70.02 4.80 22.65
C GLN E 79 -68.65 4.28 23.10
N LEU E 80 -67.72 4.10 22.14
CA LEU E 80 -66.35 3.64 22.36
C LEU E 80 -65.57 4.64 23.21
N ALA E 81 -65.73 5.97 22.94
CA ALA E 81 -65.10 7.03 23.73
C ALA E 81 -65.46 6.90 25.23
N GLY E 82 -66.75 6.69 25.52
CA GLY E 82 -67.25 6.51 26.87
C GLY E 82 -66.64 5.29 27.55
N LYS E 83 -66.59 4.17 26.81
CA LYS E 83 -66.03 2.90 27.29
C LYS E 83 -64.53 2.98 27.55
N VAL E 84 -63.75 3.59 26.62
CA VAL E 84 -62.29 3.75 26.76
C VAL E 84 -61.98 4.61 27.99
N ALA E 85 -62.73 5.73 28.18
CA ALA E 85 -62.57 6.63 29.32
C ALA E 85 -62.78 5.90 30.64
N GLU E 86 -63.78 4.98 30.68
CA GLU E 86 -64.11 4.14 31.84
C GLU E 86 -62.92 3.20 32.15
N VAL E 87 -62.36 2.54 31.11
CA VAL E 87 -61.21 1.62 31.23
C VAL E 87 -59.99 2.40 31.76
N LYS E 88 -59.74 3.60 31.19
CA LYS E 88 -58.64 4.46 31.60
C LYS E 88 -58.75 4.92 33.06
N LYS E 89 -59.98 5.21 33.52
CA LYS E 89 -60.25 5.62 34.91
C LYS E 89 -59.97 4.49 35.91
N ASN E 90 -60.10 3.23 35.45
CA ASN E 90 -59.85 2.01 36.23
C ASN E 90 -58.35 1.62 36.28
N GLY E 91 -57.49 2.51 35.78
CA GLY E 91 -56.04 2.31 35.75
C GLY E 91 -55.58 1.16 34.86
N ARG E 92 -56.24 0.96 33.70
CA ARG E 92 -55.90 -0.11 32.76
C ARG E 92 -55.59 0.45 31.38
N ILE E 93 -54.69 -0.24 30.63
CA ILE E 93 -54.38 0.12 29.26
C ILE E 93 -55.59 -0.35 28.44
N SER E 94 -56.22 0.56 27.67
CA SER E 94 -57.35 0.17 26.84
C SER E 94 -56.85 -0.58 25.62
N LEU E 95 -57.43 -1.76 25.36
CA LEU E 95 -57.13 -2.60 24.19
C LEU E 95 -58.42 -2.74 23.38
N VAL E 96 -58.49 -1.97 22.29
CA VAL E 96 -59.65 -1.96 21.39
C VAL E 96 -59.46 -2.98 20.27
N LEU E 97 -60.37 -3.95 20.18
CA LEU E 97 -60.36 -4.94 19.11
C LEU E 97 -61.36 -4.50 18.05
N GLY E 98 -60.85 -4.08 16.91
CA GLY E 98 -61.69 -3.63 15.80
C GLY E 98 -62.09 -4.78 14.88
N GLY E 99 -62.99 -4.52 13.91
CA GLY E 99 -63.59 -3.21 13.65
C GLY E 99 -62.74 -2.34 12.74
N ASP E 100 -63.42 -1.48 11.94
CA ASP E 100 -62.72 -0.59 11.02
C ASP E 100 -62.07 0.56 11.79
N HIS E 101 -61.05 1.21 11.18
CA HIS E 101 -60.28 2.29 11.77
C HIS E 101 -61.04 3.59 12.06
N SER E 102 -62.32 3.71 11.62
CA SER E 102 -63.07 4.94 11.98
C SER E 102 -63.15 5.04 13.50
N LEU E 103 -63.26 3.88 14.17
CA LEU E 103 -63.36 3.71 15.62
C LEU E 103 -62.26 4.42 16.41
N ALA E 104 -61.11 4.77 15.76
CA ALA E 104 -60.00 5.53 16.36
C ALA E 104 -60.48 6.89 16.86
N ILE E 105 -61.55 7.45 16.23
CA ILE E 105 -62.17 8.72 16.67
C ILE E 105 -62.56 8.55 18.16
N GLY E 106 -63.35 7.53 18.44
CA GLY E 106 -63.81 7.21 19.78
C GLY E 106 -62.71 6.71 20.71
N SER E 107 -61.83 5.83 20.20
CA SER E 107 -60.73 5.31 21.01
C SER E 107 -59.81 6.41 21.53
N ILE E 108 -59.27 7.27 20.63
CA ILE E 108 -58.37 8.36 21.01
C ILE E 108 -59.14 9.44 21.83
N SER E 109 -60.37 9.80 21.40
CA SER E 109 -61.16 10.83 22.12
C SER E 109 -61.33 10.44 23.58
N GLY E 110 -61.78 9.21 23.80
CA GLY E 110 -61.99 8.64 25.13
C GLY E 110 -60.76 8.58 25.99
N HIS E 111 -59.61 8.24 25.38
CA HIS E 111 -58.30 8.12 26.02
C HIS E 111 -57.81 9.52 26.44
N ALA E 112 -57.99 10.54 25.56
CA ALA E 112 -57.60 11.93 25.83
C ALA E 112 -58.39 12.58 26.97
N ARG E 113 -59.62 12.08 27.24
CA ARG E 113 -60.45 12.58 28.34
C ARG E 113 -59.77 12.33 29.71
N VAL E 114 -59.03 11.24 29.83
CA VAL E 114 -58.33 10.85 31.07
C VAL E 114 -56.85 11.29 30.99
N HIS E 115 -56.24 11.22 29.78
CA HIS E 115 -54.85 11.62 29.55
C HIS E 115 -54.75 12.61 28.36
N PRO E 116 -54.98 13.93 28.61
CA PRO E 116 -54.95 14.89 27.50
C PRO E 116 -53.57 15.14 26.87
N ASP E 117 -52.50 14.74 27.56
CA ASP E 117 -51.12 14.93 27.14
C ASP E 117 -50.57 13.78 26.28
N LEU E 118 -51.42 12.80 25.95
CA LEU E 118 -51.04 11.64 25.14
C LEU E 118 -50.43 11.99 23.78
N GLY E 119 -49.55 11.12 23.32
CA GLY E 119 -48.91 11.15 22.02
C GLY E 119 -49.39 9.92 21.26
N VAL E 120 -49.62 10.05 19.95
CA VAL E 120 -50.15 8.98 19.09
C VAL E 120 -49.07 8.44 18.14
N ILE E 121 -48.96 7.10 18.05
CA ILE E 121 -48.15 6.40 17.07
C ILE E 121 -49.20 5.70 16.19
N TRP E 122 -49.24 6.07 14.90
CA TRP E 122 -50.22 5.56 13.95
C TRP E 122 -49.54 4.64 12.91
N VAL E 123 -49.70 3.31 13.08
CA VAL E 123 -49.10 2.30 12.21
C VAL E 123 -50.15 1.92 11.17
N ASP E 124 -49.87 2.31 9.90
CA ASP E 124 -50.83 2.13 8.82
C ASP E 124 -50.16 2.32 7.47
N ALA E 125 -50.77 1.78 6.41
CA ALA E 125 -50.31 2.02 5.04
C ALA E 125 -50.77 3.43 4.64
N HIS E 126 -51.85 3.90 5.26
CA HIS E 126 -52.56 5.13 4.95
C HIS E 126 -52.54 6.18 6.08
N THR E 127 -52.73 7.44 5.74
CA THR E 127 -52.74 8.52 6.72
C THR E 127 -54.08 8.63 7.45
N ASP E 128 -55.19 8.17 6.83
CA ASP E 128 -56.54 8.27 7.47
C ASP E 128 -56.90 9.70 7.90
N ILE E 129 -56.38 10.72 7.18
CA ILE E 129 -56.49 12.14 7.52
C ILE E 129 -57.37 12.93 6.52
N ASN E 130 -58.11 12.24 5.65
CA ASN E 130 -59.03 12.94 4.75
C ASN E 130 -60.13 13.61 5.61
N THR E 131 -60.64 14.76 5.18
CA THR E 131 -61.73 15.41 5.90
C THR E 131 -63.02 14.96 5.18
N PRO E 132 -64.24 15.18 5.76
CA PRO E 132 -65.47 14.85 5.01
C PRO E 132 -65.59 15.56 3.66
N LEU E 133 -64.73 16.57 3.40
CA LEU E 133 -64.72 17.36 2.16
C LEU E 133 -63.60 16.95 1.18
N THR E 134 -62.45 16.42 1.67
CA THR E 134 -61.35 16.00 0.79
C THR E 134 -61.51 14.55 0.34
N THR E 135 -62.27 13.74 1.11
CA THR E 135 -62.49 12.34 0.78
C THR E 135 -63.10 12.16 -0.63
N THR E 136 -62.66 11.13 -1.36
CA THR E 136 -63.21 10.81 -2.68
C THR E 136 -64.02 9.51 -2.56
N SER E 137 -63.65 8.65 -1.58
CA SER E 137 -64.31 7.38 -1.26
C SER E 137 -65.60 7.56 -0.45
N GLY E 138 -65.60 8.53 0.45
CA GLY E 138 -66.70 8.79 1.38
C GLY E 138 -66.74 7.82 2.56
N ASN E 139 -65.63 7.04 2.77
CA ASN E 139 -65.49 6.04 3.85
C ASN E 139 -64.78 6.66 5.06
N LEU E 140 -65.48 6.70 6.22
CA LEU E 140 -64.99 7.36 7.43
C LEU E 140 -63.77 6.71 8.10
N HIS E 141 -63.41 5.47 7.71
CA HIS E 141 -62.20 4.79 8.19
C HIS E 141 -60.94 5.44 7.58
N GLY E 142 -61.13 6.27 6.56
CA GLY E 142 -60.04 6.98 5.90
C GLY E 142 -59.96 8.44 6.30
N GLN E 143 -60.71 8.81 7.37
CA GLN E 143 -60.89 10.16 7.90
C GLN E 143 -60.73 10.35 9.44
N PRO E 144 -60.44 9.31 10.30
CA PRO E 144 -60.43 9.53 11.76
C PRO E 144 -59.44 10.57 12.28
N VAL E 145 -58.24 10.68 11.69
CA VAL E 145 -57.24 11.68 12.11
C VAL E 145 -57.75 13.13 11.92
N SER E 146 -58.51 13.43 10.84
CA SER E 146 -59.03 14.77 10.60
C SER E 146 -59.98 15.27 11.70
N PHE E 147 -60.84 14.36 12.24
CA PHE E 147 -61.78 14.72 13.31
C PHE E 147 -61.08 14.99 14.65
N LEU E 148 -59.89 14.40 14.83
CA LEU E 148 -59.10 14.47 16.08
C LEU E 148 -58.13 15.66 16.17
N LEU E 149 -57.64 16.18 15.03
CA LEU E 149 -56.64 17.25 15.01
C LEU E 149 -57.18 18.65 15.29
N LYS E 150 -56.54 19.37 16.24
CA LYS E 150 -56.90 20.74 16.64
C LYS E 150 -56.72 21.74 15.51
N GLU E 151 -55.65 21.55 14.69
CA GLU E 151 -55.32 22.42 13.54
C GLU E 151 -56.34 22.34 12.40
N LEU E 152 -57.17 21.29 12.37
CA LEU E 152 -58.17 21.09 11.33
C LEU E 152 -59.56 21.58 11.77
N LYS E 153 -59.64 22.27 12.92
CA LYS E 153 -60.87 22.89 13.43
C LYS E 153 -61.20 24.05 12.46
N GLY E 154 -62.43 24.07 11.96
CA GLY E 154 -62.89 25.03 10.97
C GLY E 154 -62.88 24.45 9.56
N LYS E 155 -62.29 23.24 9.42
CA LYS E 155 -62.19 22.53 8.13
C LYS E 155 -63.05 21.25 8.14
N ILE E 156 -63.65 20.93 9.29
CA ILE E 156 -64.51 19.77 9.45
C ILE E 156 -65.94 20.28 9.50
N PRO E 157 -66.79 19.98 8.49
CA PRO E 157 -68.18 20.47 8.54
C PRO E 157 -69.04 19.76 9.58
N ASP E 158 -70.24 20.28 9.86
CA ASP E 158 -71.17 19.69 10.80
C ASP E 158 -71.75 18.38 10.23
N VAL E 159 -71.06 17.27 10.50
CA VAL E 159 -71.46 15.94 10.05
C VAL E 159 -72.43 15.32 11.08
N PRO E 160 -73.65 14.84 10.67
CA PRO E 160 -74.56 14.22 11.65
C PRO E 160 -73.92 12.99 12.32
N GLY E 161 -74.00 12.97 13.65
CA GLY E 161 -73.42 11.93 14.50
C GLY E 161 -72.11 12.34 15.14
N PHE E 162 -71.53 13.48 14.73
CA PHE E 162 -70.22 13.91 15.25
C PHE E 162 -70.21 15.23 16.03
N SER E 163 -71.39 15.75 16.47
CA SER E 163 -71.43 16.99 17.24
C SER E 163 -70.75 16.87 18.63
N TRP E 164 -70.60 15.64 19.15
CA TRP E 164 -69.94 15.35 20.43
C TRP E 164 -68.41 15.50 20.34
N VAL E 165 -67.85 15.43 19.12
CA VAL E 165 -66.40 15.46 18.85
C VAL E 165 -65.78 16.83 19.14
N THR E 166 -64.71 16.81 19.93
CA THR E 166 -63.87 17.96 20.24
C THR E 166 -62.44 17.52 19.85
N PRO E 167 -61.76 18.23 18.90
CA PRO E 167 -60.39 17.84 18.53
C PRO E 167 -59.52 17.77 19.79
N CYS E 168 -58.86 16.63 20.01
CA CYS E 168 -58.09 16.41 21.23
C CYS E 168 -56.57 16.31 21.02
N ILE E 169 -56.10 16.26 19.77
CA ILE E 169 -54.66 16.14 19.51
C ILE E 169 -54.16 17.19 18.57
N SER E 170 -52.95 17.70 18.84
CA SER E 170 -52.30 18.66 17.95
C SER E 170 -51.45 17.89 16.95
N ALA E 171 -51.21 18.48 15.78
CA ALA E 171 -50.41 17.88 14.70
C ALA E 171 -49.03 17.41 15.16
N LYS E 172 -48.45 18.07 16.20
CA LYS E 172 -47.14 17.74 16.79
C LYS E 172 -47.15 16.50 17.69
N ASP E 173 -48.33 16.02 18.08
CA ASP E 173 -48.55 14.88 18.99
C ASP E 173 -48.83 13.53 18.29
N ILE E 174 -48.59 13.44 16.98
CA ILE E 174 -48.84 12.23 16.20
C ILE E 174 -47.63 11.90 15.33
N VAL E 175 -47.27 10.60 15.25
CA VAL E 175 -46.20 10.10 14.39
C VAL E 175 -46.77 8.95 13.57
N TYR E 176 -46.65 9.03 12.24
CA TYR E 176 -47.06 7.95 11.33
C TYR E 176 -45.88 7.02 11.05
N ILE E 177 -46.16 5.71 10.93
CA ILE E 177 -45.17 4.69 10.55
C ILE E 177 -45.80 3.71 9.56
N GLY E 178 -45.12 3.47 8.43
CA GLY E 178 -45.57 2.52 7.42
C GLY E 178 -46.37 3.03 6.24
N LEU E 179 -46.50 4.38 6.06
CA LEU E 179 -47.25 5.01 4.98
C LEU E 179 -46.74 4.64 3.61
N ARG E 180 -47.67 4.35 2.65
CA ARG E 180 -47.32 4.01 1.27
C ARG E 180 -48.45 4.25 0.25
N ASP E 181 -49.66 4.67 0.72
CA ASP E 181 -50.81 4.98 -0.12
C ASP E 181 -51.59 6.16 0.48
N VAL E 182 -51.17 7.37 0.09
CA VAL E 182 -51.66 8.63 0.62
C VAL E 182 -52.34 9.43 -0.50
N ASP E 183 -53.59 9.88 -0.28
CA ASP E 183 -54.33 10.70 -1.26
C ASP E 183 -53.68 12.11 -1.43
N PRO E 184 -53.85 12.80 -2.58
CA PRO E 184 -53.26 14.14 -2.73
C PRO E 184 -53.68 15.13 -1.63
N GLY E 185 -54.98 15.12 -1.29
CA GLY E 185 -55.55 15.96 -0.24
C GLY E 185 -54.89 15.69 1.10
N GLU E 186 -54.64 14.40 1.40
CA GLU E 186 -53.99 13.94 2.62
C GLU E 186 -52.53 14.36 2.67
N HIS E 187 -51.80 14.21 1.54
CA HIS E 187 -50.40 14.62 1.43
C HIS E 187 -50.29 16.14 1.64
N TYR E 188 -51.25 16.91 1.08
CA TYR E 188 -51.29 18.37 1.28
C TYR E 188 -51.40 18.66 2.79
N ILE E 189 -52.35 17.99 3.49
CA ILE E 189 -52.58 18.16 4.93
C ILE E 189 -51.34 17.81 5.74
N LEU E 190 -50.78 16.61 5.49
CA LEU E 190 -49.56 16.11 6.13
C LEU E 190 -48.41 17.11 6.07
N LYS E 191 -48.16 17.69 4.87
CA LYS E 191 -47.07 18.64 4.67
C LYS E 191 -47.38 20.02 5.24
N THR E 192 -48.59 20.59 5.00
CA THR E 192 -48.99 21.93 5.49
C THR E 192 -49.02 22.00 7.03
N LEU E 193 -49.43 20.91 7.70
CA LEU E 193 -49.49 20.86 9.16
C LEU E 193 -48.15 20.47 9.81
N GLY E 194 -47.21 19.98 8.99
CA GLY E 194 -45.87 19.57 9.41
C GLY E 194 -45.87 18.39 10.35
N ILE E 195 -46.75 17.41 10.11
CA ILE E 195 -46.87 16.18 10.90
C ILE E 195 -45.62 15.30 10.70
N LYS E 196 -45.10 14.71 11.79
CA LYS E 196 -43.94 13.80 11.71
C LYS E 196 -44.39 12.46 11.11
N TYR E 197 -43.63 11.92 10.14
CA TYR E 197 -43.98 10.65 9.50
C TYR E 197 -42.79 9.87 9.01
N PHE E 198 -42.95 8.55 9.00
CA PHE E 198 -41.98 7.63 8.46
C PHE E 198 -42.73 6.79 7.45
N SER E 199 -42.77 7.26 6.20
CA SER E 199 -43.37 6.47 5.13
C SER E 199 -42.42 5.25 4.91
N MET E 200 -42.78 4.30 4.00
CA MET E 200 -41.92 3.15 3.73
C MET E 200 -40.54 3.57 3.20
N THR E 201 -40.47 4.78 2.58
CA THR E 201 -39.24 5.38 2.04
C THR E 201 -38.28 5.65 3.21
N GLU E 202 -38.79 6.25 4.32
CA GLU E 202 -38.00 6.56 5.51
C GLU E 202 -37.59 5.26 6.20
N VAL E 203 -38.52 4.26 6.31
CA VAL E 203 -38.21 2.95 6.89
C VAL E 203 -37.04 2.28 6.10
N ASP E 204 -37.09 2.32 4.76
CA ASP E 204 -36.05 1.75 3.90
C ASP E 204 -34.71 2.45 4.08
N ARG E 205 -34.75 3.80 4.14
CA ARG E 205 -33.58 4.65 4.31
C ARG E 205 -32.90 4.45 5.67
N LEU E 206 -33.68 4.51 6.75
CA LEU E 206 -33.15 4.52 8.11
C LEU E 206 -33.01 3.18 8.79
N GLY E 207 -33.92 2.26 8.46
CA GLY E 207 -34.00 0.99 9.16
C GLY E 207 -34.99 1.20 10.28
N ILE E 208 -35.71 0.15 10.67
CA ILE E 208 -36.73 0.25 11.73
C ILE E 208 -36.13 0.67 13.10
N GLY E 209 -34.85 0.36 13.35
CA GLY E 209 -34.16 0.73 14.58
C GLY E 209 -34.10 2.24 14.77
N LYS E 210 -33.61 2.96 13.74
CA LYS E 210 -33.53 4.43 13.72
C LYS E 210 -34.94 5.04 13.72
N VAL E 211 -35.91 4.42 12.98
CA VAL E 211 -37.32 4.88 12.94
C VAL E 211 -37.88 4.94 14.36
N MET E 212 -37.73 3.86 15.14
CA MET E 212 -38.22 3.80 16.53
C MET E 212 -37.48 4.75 17.45
N GLU E 213 -36.15 4.87 17.30
CA GLU E 213 -35.32 5.78 18.08
C GLU E 213 -35.81 7.22 17.88
N GLU E 214 -36.07 7.61 16.61
CA GLU E 214 -36.56 8.93 16.23
C GLU E 214 -38.02 9.19 16.64
N THR E 215 -38.89 8.17 16.50
CA THR E 215 -40.31 8.25 16.89
C THR E 215 -40.45 8.52 18.38
N LEU E 216 -39.82 7.68 19.21
CA LEU E 216 -39.89 7.76 20.68
C LEU E 216 -39.23 9.03 21.23
N SER E 217 -38.10 9.50 20.64
CA SER E 217 -37.41 10.74 21.03
C SER E 217 -38.29 11.94 20.70
N TYR E 218 -38.94 11.94 19.50
CA TYR E 218 -39.84 13.01 19.05
C TYR E 218 -41.04 13.15 20.01
N LEU E 219 -41.61 12.01 20.46
CA LEU E 219 -42.77 12.02 21.34
C LEU E 219 -42.48 12.11 22.83
N LEU E 220 -41.32 11.58 23.30
CA LEU E 220 -40.99 11.53 24.74
C LEU E 220 -39.77 12.37 25.21
N GLY E 221 -39.03 12.95 24.28
CA GLY E 221 -37.84 13.75 24.56
C GLY E 221 -38.00 14.87 25.58
N ARG E 222 -39.06 15.69 25.42
CA ARG E 222 -39.39 16.83 26.30
C ARG E 222 -39.78 16.39 27.70
N LYS E 223 -40.57 15.28 27.81
CA LYS E 223 -41.07 14.67 29.05
C LYS E 223 -41.79 13.37 28.75
N LYS E 224 -41.81 12.44 29.72
CA LYS E 224 -42.57 11.18 29.59
C LYS E 224 -44.05 11.53 29.55
N ARG E 225 -44.80 10.86 28.67
CA ARG E 225 -46.23 11.09 28.47
C ARG E 225 -46.88 9.80 27.99
N PRO E 226 -48.21 9.61 28.17
CA PRO E 226 -48.84 8.36 27.72
C PRO E 226 -48.81 8.17 26.20
N ILE E 227 -48.60 6.92 25.75
CA ILE E 227 -48.56 6.56 24.33
C ILE E 227 -49.83 5.83 23.93
N HIS E 228 -50.43 6.26 22.79
CA HIS E 228 -51.57 5.61 22.17
C HIS E 228 -51.08 5.06 20.84
N LEU E 229 -51.09 3.75 20.70
CA LEU E 229 -50.69 3.09 19.46
C LEU E 229 -51.97 2.67 18.74
N SER E 230 -52.21 3.23 17.55
CA SER E 230 -53.36 2.86 16.74
C SER E 230 -52.81 2.03 15.59
N PHE E 231 -52.98 0.70 15.70
CA PHE E 231 -52.40 -0.26 14.76
C PHE E 231 -53.40 -0.78 13.72
N ASP E 232 -53.21 -0.36 12.46
CA ASP E 232 -54.01 -0.85 11.33
C ASP E 232 -53.19 -1.99 10.77
N VAL E 233 -53.75 -3.21 10.76
CA VAL E 233 -53.05 -4.41 10.27
C VAL E 233 -52.53 -4.24 8.83
N ASP E 234 -53.15 -3.32 8.02
CA ASP E 234 -52.66 -3.11 6.64
C ASP E 234 -51.34 -2.28 6.60
N GLY E 235 -50.81 -1.93 7.78
CA GLY E 235 -49.51 -1.27 7.91
C GLY E 235 -48.44 -2.28 7.55
N LEU E 236 -48.69 -3.55 7.95
CA LEU E 236 -47.83 -4.71 7.63
C LEU E 236 -48.12 -5.16 6.22
N ASP E 237 -47.12 -5.76 5.56
CA ASP E 237 -47.23 -6.24 4.19
C ASP E 237 -48.36 -7.29 4.04
N PRO E 238 -49.10 -7.29 2.90
CA PRO E 238 -50.16 -8.30 2.70
C PRO E 238 -49.69 -9.76 2.74
N SER E 239 -48.36 -10.01 2.71
CA SER E 239 -47.82 -11.36 2.84
C SER E 239 -47.95 -11.84 4.29
N PHE E 240 -48.24 -10.91 5.23
CA PHE E 240 -48.41 -11.23 6.67
C PHE E 240 -49.85 -11.03 7.15
N THR E 241 -50.51 -9.96 6.67
CA THR E 241 -51.88 -9.63 7.04
C THR E 241 -52.76 -9.47 5.77
N PRO E 242 -52.98 -10.55 4.95
CA PRO E 242 -53.78 -10.39 3.72
C PRO E 242 -55.28 -10.19 3.94
N ALA E 243 -55.84 -10.69 5.05
CA ALA E 243 -57.27 -10.59 5.36
C ALA E 243 -57.60 -9.21 5.94
N THR E 244 -57.54 -8.20 5.05
CA THR E 244 -57.78 -6.79 5.36
C THR E 244 -58.40 -6.10 4.13
N GLY E 245 -59.17 -5.05 4.37
CA GLY E 245 -59.92 -4.29 3.38
C GLY E 245 -59.15 -3.51 2.33
N THR E 246 -58.09 -2.81 2.75
CA THR E 246 -57.30 -1.98 1.85
C THR E 246 -55.80 -2.39 1.85
N PRO E 247 -55.46 -3.61 1.38
CA PRO E 247 -54.04 -4.02 1.39
C PRO E 247 -53.22 -3.25 0.37
N VAL E 248 -51.96 -2.95 0.74
CA VAL E 248 -51.00 -2.25 -0.13
C VAL E 248 -49.67 -2.98 -0.07
N VAL E 249 -49.09 -3.34 -1.22
CA VAL E 249 -47.80 -4.04 -1.32
C VAL E 249 -46.63 -3.20 -0.78
N GLY E 250 -45.51 -3.87 -0.46
CA GLY E 250 -44.30 -3.24 0.05
C GLY E 250 -44.44 -2.72 1.46
N GLY E 251 -45.13 -3.49 2.31
CA GLY E 251 -45.41 -3.08 3.68
C GLY E 251 -44.35 -3.44 4.69
N LEU E 252 -44.60 -3.08 5.94
CA LEU E 252 -43.73 -3.42 7.06
C LEU E 252 -43.69 -4.93 7.19
N THR E 253 -42.51 -5.47 7.50
CA THR E 253 -42.39 -6.92 7.65
C THR E 253 -42.96 -7.35 9.01
N TYR E 254 -43.03 -8.68 9.22
CA TYR E 254 -43.49 -9.29 10.47
C TYR E 254 -42.50 -8.83 11.59
N ARG E 255 -41.19 -8.90 11.29
CA ARG E 255 -40.10 -8.51 12.16
C ARG E 255 -40.20 -7.02 12.52
N GLU E 256 -40.45 -6.12 11.54
CA GLU E 256 -40.58 -4.68 11.79
C GLU E 256 -41.80 -4.39 12.67
N GLY E 257 -42.90 -5.08 12.43
CA GLY E 257 -44.11 -4.95 13.25
C GLY E 257 -43.83 -5.32 14.69
N LEU E 258 -43.06 -6.43 14.90
CA LEU E 258 -42.66 -6.91 16.21
C LEU E 258 -41.72 -5.92 16.89
N TYR E 259 -40.76 -5.37 16.12
CA TYR E 259 -39.79 -4.41 16.61
C TYR E 259 -40.43 -3.12 17.12
N ILE E 260 -41.39 -2.57 16.35
CA ILE E 260 -42.12 -1.36 16.71
C ILE E 260 -42.76 -1.56 18.07
N THR E 261 -43.51 -2.66 18.22
CA THR E 261 -44.29 -2.96 19.41
C THR E 261 -43.41 -3.35 20.61
N GLU E 262 -42.27 -4.04 20.39
CA GLU E 262 -41.31 -4.35 21.46
C GLU E 262 -40.73 -3.03 22.04
N GLU E 263 -40.36 -2.09 21.16
CA GLU E 263 -39.82 -0.79 21.58
C GLU E 263 -40.82 0.06 22.35
N ILE E 264 -42.10 0.03 21.93
CA ILE E 264 -43.18 0.74 22.63
C ILE E 264 -43.40 0.13 24.02
N TYR E 265 -43.40 -1.22 24.12
CA TYR E 265 -43.57 -1.88 25.42
C TYR E 265 -42.48 -1.41 26.41
N LYS E 266 -41.21 -1.46 25.98
CA LYS E 266 -40.01 -1.10 26.75
C LYS E 266 -40.03 0.29 27.38
N THR E 267 -40.79 1.24 26.80
CA THR E 267 -40.91 2.59 27.37
C THR E 267 -41.73 2.57 28.68
N GLY E 268 -42.62 1.59 28.79
CA GLY E 268 -43.52 1.42 29.94
C GLY E 268 -44.62 2.45 29.92
N LEU E 269 -44.80 3.13 28.76
CA LEU E 269 -45.77 4.21 28.61
C LEU E 269 -46.97 3.90 27.72
N LEU E 270 -47.11 2.65 27.22
CA LEU E 270 -48.28 2.28 26.43
C LEU E 270 -49.49 2.44 27.34
N SER E 271 -50.47 3.24 26.89
CA SER E 271 -51.65 3.60 27.67
C SER E 271 -52.95 3.26 26.92
N GLY E 272 -52.86 3.18 25.60
CA GLY E 272 -53.99 2.85 24.73
C GLY E 272 -53.51 2.12 23.49
N LEU E 273 -54.27 1.11 23.07
CA LEU E 273 -53.94 0.30 21.88
C LEU E 273 -55.19 -0.05 21.07
N ASP E 274 -55.10 0.10 19.74
CA ASP E 274 -56.14 -0.26 18.76
C ASP E 274 -55.59 -1.29 17.82
N ILE E 275 -56.26 -2.44 17.66
CA ILE E 275 -55.87 -3.49 16.70
C ILE E 275 -57.01 -3.51 15.72
N MET E 276 -56.80 -2.83 14.57
CA MET E 276 -57.86 -2.59 13.61
C MET E 276 -57.70 -3.21 12.25
N GLU E 277 -58.83 -3.27 11.55
CA GLU E 277 -59.02 -3.68 10.16
C GLU E 277 -58.76 -5.17 9.88
N VAL E 278 -58.80 -6.04 10.91
CA VAL E 278 -58.72 -7.49 10.69
C VAL E 278 -60.08 -7.90 10.13
N ASN E 279 -60.09 -8.36 8.87
CA ASN E 279 -61.33 -8.80 8.26
C ASN E 279 -61.25 -10.29 7.87
N PRO E 280 -61.86 -11.20 8.69
CA PRO E 280 -61.79 -12.64 8.38
C PRO E 280 -62.59 -13.10 7.15
N SER E 281 -63.44 -12.24 6.57
CA SER E 281 -64.17 -12.59 5.35
C SER E 281 -63.31 -12.34 4.10
N LEU E 282 -62.12 -11.71 4.26
CA LEU E 282 -61.31 -11.28 3.13
C LEU E 282 -60.07 -12.13 2.88
N GLY E 283 -59.92 -13.26 3.54
CA GLY E 283 -58.82 -14.16 3.26
C GLY E 283 -59.16 -15.06 2.07
N LYS E 284 -58.32 -15.04 0.99
CA LYS E 284 -58.49 -15.83 -0.25
C LYS E 284 -58.55 -17.35 0.01
N THR E 285 -58.01 -17.79 1.17
CA THR E 285 -57.98 -19.18 1.61
C THR E 285 -58.23 -19.17 3.12
N PRO E 286 -58.65 -20.29 3.76
CA PRO E 286 -58.75 -20.29 5.24
C PRO E 286 -57.42 -19.94 5.93
N GLU E 287 -56.27 -20.33 5.32
CA GLU E 287 -54.93 -20.07 5.83
C GLU E 287 -54.60 -18.57 5.87
N GLU E 288 -55.06 -17.78 4.87
CA GLU E 288 -54.84 -16.34 4.80
C GLU E 288 -55.52 -15.61 5.97
N VAL E 289 -56.65 -16.16 6.47
CA VAL E 289 -57.42 -15.60 7.60
C VAL E 289 -56.61 -15.87 8.87
N THR E 290 -56.22 -17.15 9.08
CA THR E 290 -55.46 -17.62 10.22
C THR E 290 -54.13 -16.90 10.33
N ARG E 291 -53.44 -16.69 9.18
CA ARG E 291 -52.16 -15.97 9.10
C ARG E 291 -52.32 -14.54 9.62
N THR E 292 -53.41 -13.84 9.19
CA THR E 292 -53.70 -12.46 9.58
C THR E 292 -53.98 -12.37 11.08
N VAL E 293 -54.84 -13.27 11.59
CA VAL E 293 -55.23 -13.35 13.00
C VAL E 293 -54.00 -13.66 13.87
N ASN E 294 -53.17 -14.67 13.47
CA ASN E 294 -51.95 -15.00 14.21
C ASN E 294 -50.98 -13.82 14.25
N THR E 295 -50.83 -13.10 13.13
CA THR E 295 -49.93 -11.92 13.08
C THR E 295 -50.45 -10.85 14.03
N ALA E 296 -51.78 -10.55 13.98
CA ALA E 296 -52.41 -9.54 14.85
C ALA E 296 -52.25 -9.89 16.32
N VAL E 297 -52.35 -11.19 16.68
CA VAL E 297 -52.17 -11.68 18.05
C VAL E 297 -50.71 -11.48 18.48
N ALA E 298 -49.74 -11.80 17.61
CA ALA E 298 -48.31 -11.64 17.89
C ALA E 298 -47.93 -10.19 18.16
N ILE E 299 -48.46 -9.24 17.35
CA ILE E 299 -48.27 -7.79 17.52
C ILE E 299 -48.77 -7.39 18.91
N THR E 300 -50.00 -7.81 19.26
CA THR E 300 -50.65 -7.50 20.53
C THR E 300 -49.82 -8.02 21.72
N LEU E 301 -49.34 -9.29 21.66
CA LEU E 301 -48.53 -9.87 22.75
C LEU E 301 -47.23 -9.09 22.98
N ALA E 302 -46.58 -8.64 21.88
CA ALA E 302 -45.36 -7.84 21.92
C ALA E 302 -45.63 -6.49 22.61
N CYS E 303 -46.84 -5.93 22.44
CA CYS E 303 -47.25 -4.66 23.09
C CYS E 303 -47.27 -4.80 24.59
N PHE E 304 -47.53 -6.02 25.09
CA PHE E 304 -47.61 -6.28 26.52
C PHE E 304 -46.48 -7.15 27.08
N GLY E 305 -45.29 -7.04 26.47
CA GLY E 305 -44.10 -7.67 27.02
C GLY E 305 -43.44 -8.86 26.39
N LEU E 306 -44.14 -9.59 25.49
CA LEU E 306 -43.55 -10.79 24.90
C LEU E 306 -42.37 -10.37 24.02
N ALA E 307 -41.17 -10.88 24.31
CA ALA E 307 -39.94 -10.48 23.62
C ALA E 307 -39.29 -11.63 22.90
N ARG E 308 -38.79 -11.37 21.70
CA ARG E 308 -38.13 -12.41 20.90
C ARG E 308 -36.85 -12.98 21.55
N GLU E 309 -36.12 -12.21 22.38
CA GLU E 309 -34.94 -12.75 23.09
C GLU E 309 -35.32 -13.72 24.21
N GLY E 310 -36.58 -13.66 24.63
CA GLY E 310 -37.11 -14.48 25.71
C GLY E 310 -37.61 -13.63 26.86
N ASN E 311 -38.29 -14.26 27.80
CA ASN E 311 -38.84 -13.64 29.01
C ASN E 311 -38.68 -14.68 30.12
N HIS E 312 -38.54 -14.22 31.37
CA HIS E 312 -38.46 -15.08 32.54
C HIS E 312 -39.06 -14.40 33.77
N LYS E 313 -39.58 -15.20 34.70
CA LYS E 313 -40.18 -14.72 35.95
C LYS E 313 -39.06 -14.35 36.94
N PRO E 314 -39.26 -13.40 37.88
CA PRO E 314 -38.17 -13.03 38.81
C PRO E 314 -37.87 -14.07 39.91
N ILE E 315 -37.37 -15.25 39.48
CA ILE E 315 -36.99 -16.41 40.28
C ILE E 315 -35.63 -16.98 39.77
N ASP E 316 -34.97 -17.82 40.58
CA ASP E 316 -33.69 -18.43 40.18
C ASP E 316 -34.01 -19.78 39.52
N TYR E 317 -33.96 -19.80 38.18
CA TYR E 317 -34.23 -20.97 37.35
C TYR E 317 -33.17 -22.08 37.49
N LEU E 318 -31.93 -21.72 37.88
CA LEU E 318 -30.86 -22.69 38.08
C LEU E 318 -30.86 -23.34 39.48
N ASN E 319 -31.64 -22.77 40.41
CA ASN E 319 -31.79 -23.26 41.78
C ASN E 319 -33.26 -23.18 42.22
N PRO E 320 -34.14 -24.08 41.75
CA PRO E 320 -35.55 -24.00 42.18
C PRO E 320 -35.77 -24.52 43.60
N SER F 2 70.78 20.20 6.52
CA SER F 2 69.39 19.75 6.52
C SER F 2 69.21 18.46 7.34
N ALA F 3 67.95 18.22 7.78
CA ALA F 3 67.55 17.04 8.57
C ALA F 3 67.89 15.75 7.83
N LYS F 4 68.14 14.66 8.57
CA LYS F 4 68.45 13.33 8.01
C LYS F 4 67.36 12.92 6.99
N SER F 5 66.07 13.15 7.36
CA SER F 5 64.91 12.84 6.52
C SER F 5 64.78 13.78 5.28
N ARG F 6 65.62 14.84 5.19
CA ARG F 6 65.58 15.75 4.05
C ARG F 6 66.92 15.80 3.30
N THR F 7 67.83 14.83 3.59
CA THR F 7 69.16 14.74 2.97
C THR F 7 69.08 13.61 1.94
N ILE F 8 69.24 13.97 0.67
CA ILE F 8 68.97 13.05 -0.46
C ILE F 8 70.11 12.91 -1.47
N GLY F 9 70.25 11.69 -1.96
CA GLY F 9 71.17 11.30 -3.01
C GLY F 9 70.34 10.77 -4.16
N ILE F 10 70.25 11.55 -5.26
CA ILE F 10 69.44 11.19 -6.43
C ILE F 10 70.22 10.33 -7.43
N ILE F 11 69.62 9.18 -7.80
CA ILE F 11 70.19 8.28 -8.80
C ILE F 11 69.19 8.13 -9.95
N GLY F 12 69.64 8.37 -11.16
CA GLY F 12 68.84 8.13 -12.34
C GLY F 12 69.14 6.73 -12.83
N ALA F 13 68.09 5.92 -13.08
CA ALA F 13 68.27 4.56 -13.57
C ALA F 13 67.44 4.36 -14.88
N PRO F 14 67.95 4.91 -16.01
CA PRO F 14 67.19 4.82 -17.27
C PRO F 14 67.28 3.43 -17.91
N PHE F 15 66.52 2.49 -17.37
CA PHE F 15 66.51 1.09 -17.79
C PHE F 15 65.11 0.57 -18.09
N SER F 16 64.94 -0.14 -19.21
CA SER F 16 63.64 -0.65 -19.65
C SER F 16 63.55 -2.15 -19.91
N LYS F 17 64.71 -2.84 -20.04
CA LYS F 17 64.76 -4.25 -20.42
C LYS F 17 64.16 -5.27 -19.41
N GLY F 18 63.64 -4.80 -18.28
CA GLY F 18 62.96 -5.67 -17.33
C GLY F 18 61.52 -5.93 -17.76
N GLN F 19 61.06 -5.21 -18.80
CA GLN F 19 59.72 -5.30 -19.37
C GLN F 19 59.71 -5.05 -20.92
N PRO F 20 58.64 -5.38 -21.66
CA PRO F 20 58.72 -5.22 -23.13
C PRO F 20 58.35 -3.86 -23.72
N ARG F 21 57.76 -2.95 -22.93
CA ARG F 21 57.32 -1.65 -23.48
C ARG F 21 58.37 -0.55 -23.41
N GLY F 22 58.76 -0.04 -24.58
CA GLY F 22 59.76 1.01 -24.70
C GLY F 22 59.28 2.33 -24.14
N GLY F 23 60.20 3.10 -23.55
CA GLY F 23 59.93 4.43 -23.03
C GLY F 23 60.18 4.67 -21.55
N VAL F 24 60.14 3.60 -20.71
CA VAL F 24 60.34 3.71 -19.26
C VAL F 24 61.77 4.22 -18.93
N GLU F 25 62.73 4.08 -19.89
CA GLU F 25 64.12 4.57 -19.79
C GLU F 25 64.11 6.09 -19.63
N GLU F 26 63.08 6.74 -20.19
CA GLU F 26 62.95 8.19 -20.19
C GLU F 26 62.37 8.76 -18.88
N GLY F 27 61.92 7.89 -17.96
CA GLY F 27 61.40 8.26 -16.64
C GLY F 27 62.30 9.23 -15.89
N PRO F 28 63.63 8.96 -15.75
CA PRO F 28 64.50 9.94 -15.05
C PRO F 28 64.56 11.31 -15.74
N THR F 29 64.60 11.34 -17.09
CA THR F 29 64.63 12.57 -17.89
C THR F 29 63.37 13.42 -17.66
N VAL F 30 62.17 12.82 -17.76
CA VAL F 30 60.91 13.55 -17.58
C VAL F 30 60.72 14.03 -16.15
N LEU F 31 61.16 13.24 -15.13
CA LEU F 31 61.05 13.64 -13.73
C LEU F 31 61.98 14.82 -13.43
N ARG F 32 63.18 14.85 -14.04
CA ARG F 32 64.14 15.94 -13.88
C ARG F 32 63.64 17.22 -14.56
N LYS F 33 63.07 17.09 -15.78
CA LYS F 33 62.55 18.21 -16.57
C LYS F 33 61.37 18.87 -15.87
N ALA F 34 60.61 18.10 -15.07
CA ALA F 34 59.48 18.61 -14.30
C ALA F 34 59.92 19.45 -13.09
N GLY F 35 61.24 19.52 -12.86
CA GLY F 35 61.87 20.31 -11.78
C GLY F 35 61.92 19.64 -10.41
N LEU F 36 61.95 18.29 -10.36
CA LEU F 36 62.00 17.55 -9.10
C LEU F 36 63.11 18.02 -8.14
N LEU F 37 64.35 18.13 -8.63
CA LEU F 37 65.50 18.54 -7.84
C LEU F 37 65.33 19.95 -7.27
N GLU F 38 64.85 20.90 -8.10
CA GLU F 38 64.61 22.29 -7.70
C GLU F 38 63.51 22.37 -6.62
N LYS F 39 62.38 21.66 -6.85
CA LYS F 39 61.24 21.60 -5.92
C LYS F 39 61.65 21.00 -4.56
N LEU F 40 62.56 20.01 -4.56
CA LEU F 40 63.06 19.42 -3.32
C LEU F 40 63.90 20.42 -2.55
N LYS F 41 64.77 21.19 -3.25
CA LYS F 41 65.61 22.24 -2.64
C LYS F 41 64.76 23.37 -2.07
N GLU F 42 63.58 23.63 -2.68
CA GLU F 42 62.61 24.65 -2.25
C GLU F 42 61.97 24.31 -0.90
N GLN F 43 61.94 23.01 -0.53
CA GLN F 43 61.36 22.55 0.72
C GLN F 43 62.46 22.12 1.75
N GLU F 44 63.59 22.86 1.75
CA GLU F 44 64.74 22.73 2.65
C GLU F 44 65.46 21.37 2.59
N CYS F 45 65.55 20.76 1.39
CA CYS F 45 66.27 19.51 1.21
C CYS F 45 67.70 19.78 0.76
N ASP F 46 68.65 18.99 1.27
CA ASP F 46 70.05 19.04 0.86
C ASP F 46 70.13 17.90 -0.16
N VAL F 47 70.12 18.27 -1.46
CA VAL F 47 70.08 17.36 -2.62
C VAL F 47 71.43 17.27 -3.35
N LYS F 48 71.92 16.03 -3.51
CA LYS F 48 73.13 15.73 -4.27
C LYS F 48 72.71 14.80 -5.41
N ASP F 49 73.00 15.21 -6.65
CA ASP F 49 72.67 14.44 -7.84
C ASP F 49 73.85 13.55 -8.25
N TYR F 50 73.67 12.23 -8.13
CA TYR F 50 74.69 11.25 -8.49
C TYR F 50 74.63 10.89 -9.98
N GLY F 51 73.77 11.60 -10.72
CA GLY F 51 73.60 11.46 -12.15
C GLY F 51 72.83 10.23 -12.57
N ASP F 52 72.81 9.98 -13.90
CA ASP F 52 72.12 8.85 -14.50
C ASP F 52 73.10 7.71 -14.74
N LEU F 53 72.75 6.50 -14.31
CA LEU F 53 73.63 5.36 -14.48
C LEU F 53 73.73 4.92 -15.93
N PRO F 54 74.96 4.78 -16.48
CA PRO F 54 75.08 4.35 -17.87
C PRO F 54 74.86 2.85 -17.96
N PHE F 55 73.87 2.42 -18.74
CA PHE F 55 73.61 0.99 -18.89
C PHE F 55 74.06 0.54 -20.26
N ALA F 56 75.30 0.00 -20.32
CA ALA F 56 75.93 -0.49 -21.54
C ALA F 56 75.13 -1.62 -22.16
N ASP F 57 75.00 -1.61 -23.49
CA ASP F 57 74.27 -2.61 -24.24
C ASP F 57 74.95 -3.98 -24.11
N ILE F 58 74.12 -5.03 -23.92
CA ILE F 58 74.55 -6.43 -23.86
C ILE F 58 73.90 -7.06 -25.10
N PRO F 59 74.64 -7.08 -26.25
CA PRO F 59 74.04 -7.55 -27.52
C PRO F 59 73.62 -9.03 -27.59
N ASN F 60 74.42 -9.97 -27.05
CA ASN F 60 74.05 -11.39 -27.12
C ASN F 60 73.38 -11.89 -25.81
N ASP F 61 72.27 -11.21 -25.41
CA ASP F 61 71.53 -11.53 -24.18
C ASP F 61 70.31 -12.40 -24.44
N SER F 62 70.57 -13.69 -24.71
CA SER F 62 69.55 -14.71 -24.99
C SER F 62 68.67 -15.03 -23.75
N PRO F 63 67.41 -15.47 -23.91
CA PRO F 63 66.56 -15.70 -22.74
C PRO F 63 66.92 -16.91 -21.90
N PHE F 64 66.71 -16.81 -20.58
CA PHE F 64 66.85 -17.93 -19.66
C PHE F 64 65.44 -18.51 -19.66
N GLN F 65 65.23 -19.63 -20.39
CA GLN F 65 63.92 -20.25 -20.59
C GLN F 65 62.99 -19.19 -21.22
N ILE F 66 61.99 -18.71 -20.46
CA ILE F 66 61.01 -17.69 -20.84
C ILE F 66 61.47 -16.26 -20.47
N VAL F 67 62.38 -16.17 -19.49
CA VAL F 67 62.84 -14.93 -18.88
C VAL F 67 63.69 -14.12 -19.85
N LYS F 68 63.19 -12.92 -20.22
CA LYS F 68 63.80 -12.02 -21.21
C LYS F 68 64.87 -11.09 -20.63
N ASN F 69 65.91 -10.82 -21.44
CA ASN F 69 67.07 -9.94 -21.16
C ASN F 69 67.69 -10.17 -19.76
N PRO F 70 68.02 -11.44 -19.37
CA PRO F 70 68.51 -11.67 -17.99
C PRO F 70 69.83 -10.97 -17.62
N ARG F 71 70.84 -11.00 -18.52
CA ARG F 71 72.14 -10.38 -18.26
C ARG F 71 72.03 -8.86 -18.14
N SER F 72 71.20 -8.23 -19.01
CA SER F 72 70.96 -6.78 -19.00
C SER F 72 70.31 -6.35 -17.67
N VAL F 73 69.25 -7.07 -17.26
CA VAL F 73 68.52 -6.80 -16.00
C VAL F 73 69.42 -7.02 -14.77
N GLY F 74 70.14 -8.14 -14.74
CA GLY F 74 71.05 -8.47 -13.66
C GLY F 74 72.19 -7.47 -13.50
N LYS F 75 72.78 -7.03 -14.64
CA LYS F 75 73.88 -6.06 -14.64
C LYS F 75 73.41 -4.68 -14.21
N ALA F 76 72.25 -4.23 -14.71
CA ALA F 76 71.68 -2.94 -14.32
C ALA F 76 71.47 -2.90 -12.82
N SER F 77 70.88 -3.97 -12.25
CA SER F 77 70.65 -4.07 -10.81
C SER F 77 71.96 -4.14 -10.02
N GLU F 78 73.00 -4.85 -10.56
CA GLU F 78 74.30 -4.94 -9.92
C GLU F 78 74.95 -3.56 -9.78
N GLN F 79 74.88 -2.74 -10.85
CA GLN F 79 75.41 -1.38 -10.91
C GLN F 79 74.68 -0.49 -9.93
N LEU F 80 73.33 -0.59 -9.93
CA LEU F 80 72.46 0.19 -9.04
C LEU F 80 72.71 -0.13 -7.58
N ALA F 81 72.92 -1.44 -7.24
CA ALA F 81 73.24 -1.91 -5.89
C ALA F 81 74.53 -1.25 -5.34
N GLY F 82 75.53 -1.12 -6.21
CA GLY F 82 76.79 -0.46 -5.89
C GLY F 82 76.60 1.03 -5.65
N LYS F 83 75.83 1.68 -6.54
CA LYS F 83 75.55 3.12 -6.46
C LYS F 83 74.72 3.49 -5.22
N VAL F 84 73.64 2.71 -4.92
CA VAL F 84 72.79 2.93 -3.75
C VAL F 84 73.62 2.79 -2.46
N ALA F 85 74.48 1.76 -2.37
CA ALA F 85 75.36 1.51 -1.22
C ALA F 85 76.29 2.72 -0.98
N GLU F 86 76.81 3.31 -2.08
CA GLU F 86 77.69 4.50 -2.06
C GLU F 86 76.90 5.70 -1.47
N VAL F 87 75.66 5.93 -1.94
CA VAL F 87 74.77 7.01 -1.49
C VAL F 87 74.48 6.83 0.00
N LYS F 88 74.13 5.58 0.41
CA LYS F 88 73.86 5.23 1.80
C LYS F 88 75.06 5.46 2.72
N LYS F 89 76.29 5.15 2.26
CA LYS F 89 77.53 5.37 3.01
C LYS F 89 77.80 6.86 3.27
N ASN F 90 77.33 7.73 2.33
CA ASN F 90 77.44 9.18 2.39
C ASN F 90 76.37 9.86 3.29
N GLY F 91 75.63 9.03 4.05
CA GLY F 91 74.60 9.48 4.99
C GLY F 91 73.42 10.18 4.32
N ARG F 92 73.04 9.72 3.12
CA ARG F 92 71.92 10.28 2.35
C ARG F 92 70.87 9.23 2.05
N ILE F 93 69.60 9.68 1.94
CA ILE F 93 68.48 8.80 1.57
C ILE F 93 68.58 8.62 0.05
N SER F 94 68.69 7.37 -0.40
CA SER F 94 68.79 7.11 -1.83
C SER F 94 67.43 7.29 -2.49
N LEU F 95 67.40 8.08 -3.59
CA LEU F 95 66.20 8.34 -4.40
C LEU F 95 66.46 7.84 -5.82
N VAL F 96 65.90 6.65 -6.12
CA VAL F 96 66.07 6.02 -7.42
C VAL F 96 64.95 6.42 -8.37
N LEU F 97 65.31 7.03 -9.50
CA LEU F 97 64.35 7.42 -10.52
C LEU F 97 64.38 6.36 -11.61
N GLY F 98 63.32 5.57 -11.68
CA GLY F 98 63.20 4.53 -12.69
C GLY F 98 62.58 5.02 -13.99
N GLY F 99 62.58 4.18 -15.03
CA GLY F 99 63.07 2.81 -15.03
C GLY F 99 62.03 1.82 -14.55
N ASP F 100 62.10 0.57 -15.07
CA ASP F 100 61.17 -0.47 -14.69
C ASP F 100 61.50 -1.01 -13.29
N HIS F 101 60.52 -1.64 -12.63
CA HIS F 101 60.64 -2.16 -11.26
C HIS F 101 61.66 -3.31 -11.05
N SER F 102 62.26 -3.91 -12.13
CA SER F 102 63.29 -4.95 -11.92
C SER F 102 64.50 -4.36 -11.17
N LEU F 103 64.68 -3.02 -11.31
CA LEU F 103 65.74 -2.25 -10.65
C LEU F 103 65.68 -2.31 -9.11
N ALA F 104 64.52 -2.68 -8.51
CA ALA F 104 64.34 -2.85 -7.06
C ALA F 104 65.30 -3.93 -6.52
N ILE F 105 65.70 -4.91 -7.38
CA ILE F 105 66.68 -5.95 -6.99
C ILE F 105 67.96 -5.20 -6.53
N GLY F 106 68.48 -4.34 -7.39
CA GLY F 106 69.66 -3.56 -7.09
C GLY F 106 69.47 -2.49 -6.03
N SER F 107 68.33 -1.78 -6.08
CA SER F 107 68.04 -0.74 -5.10
C SER F 107 68.00 -1.30 -3.66
N ILE F 108 67.16 -2.33 -3.40
CA ILE F 108 67.04 -2.94 -2.08
C ILE F 108 68.35 -3.67 -1.66
N SER F 109 68.96 -4.50 -2.55
CA SER F 109 70.23 -5.19 -2.24
C SER F 109 71.31 -4.18 -1.78
N GLY F 110 71.46 -3.08 -2.54
CA GLY F 110 72.41 -2.01 -2.26
C GLY F 110 72.18 -1.29 -0.95
N HIS F 111 70.92 -1.04 -0.62
CA HIS F 111 70.47 -0.40 0.61
C HIS F 111 70.73 -1.33 1.80
N ALA F 112 70.44 -2.66 1.66
CA ALA F 112 70.66 -3.67 2.69
C ALA F 112 72.14 -3.88 3.03
N ARG F 113 73.06 -3.56 2.11
CA ARG F 113 74.50 -3.66 2.34
C ARG F 113 74.95 -2.70 3.46
N VAL F 114 74.31 -1.52 3.56
CA VAL F 114 74.62 -0.51 4.57
C VAL F 114 73.65 -0.63 5.77
N HIS F 115 72.37 -0.99 5.51
CA HIS F 115 71.35 -1.17 6.54
C HIS F 115 70.66 -2.55 6.40
N PRO F 116 71.27 -3.64 6.94
CA PRO F 116 70.66 -4.97 6.79
C PRO F 116 69.34 -5.20 7.54
N ASP F 117 69.03 -4.32 8.50
CA ASP F 117 67.82 -4.36 9.32
C ASP F 117 66.61 -3.62 8.70
N LEU F 118 66.75 -3.12 7.44
CA LEU F 118 65.68 -2.37 6.75
C LEU F 118 64.35 -3.13 6.62
N GLY F 119 63.28 -2.37 6.52
CA GLY F 119 61.93 -2.85 6.28
C GLY F 119 61.48 -2.28 4.95
N VAL F 120 60.68 -3.06 4.19
CA VAL F 120 60.21 -2.63 2.87
C VAL F 120 58.69 -2.36 2.86
N ILE F 121 58.30 -1.20 2.31
CA ILE F 121 56.91 -0.88 2.02
C ILE F 121 56.86 -0.88 0.50
N TRP F 122 56.05 -1.77 -0.09
CA TRP F 122 55.94 -1.97 -1.54
C TRP F 122 54.56 -1.52 -2.02
N VAL F 123 54.51 -0.31 -2.63
CA VAL F 123 53.28 0.30 -3.14
C VAL F 123 53.18 -0.04 -4.62
N ASP F 124 52.16 -0.87 -4.97
CA ASP F 124 51.98 -1.40 -6.30
C ASP F 124 50.61 -2.07 -6.48
N ALA F 125 50.14 -2.23 -7.75
CA ALA F 125 48.92 -2.97 -8.07
C ALA F 125 49.28 -4.47 -8.07
N HIS F 126 50.59 -4.74 -8.23
CA HIS F 126 51.22 -6.04 -8.35
C HIS F 126 52.14 -6.46 -7.19
N THR F 127 52.30 -7.81 -6.97
CA THR F 127 53.21 -8.34 -5.95
C THR F 127 54.64 -8.38 -6.44
N ASP F 128 54.84 -8.58 -7.77
CA ASP F 128 56.17 -8.66 -8.41
C ASP F 128 57.06 -9.73 -7.73
N ILE F 129 56.43 -10.81 -7.27
CA ILE F 129 57.05 -11.90 -6.53
C ILE F 129 57.12 -13.21 -7.34
N ASN F 130 56.85 -13.15 -8.65
CA ASN F 130 56.99 -14.35 -9.48
C ASN F 130 58.46 -14.77 -9.47
N THR F 131 58.75 -16.07 -9.56
CA THR F 131 60.14 -16.53 -9.63
C THR F 131 60.44 -16.73 -11.12
N PRO F 132 61.72 -16.89 -11.56
CA PRO F 132 61.96 -17.19 -12.99
C PRO F 132 61.24 -18.44 -13.50
N LEU F 133 60.69 -19.28 -12.59
CA LEU F 133 59.96 -20.50 -12.93
C LEU F 133 58.43 -20.38 -12.85
N THR F 134 57.89 -19.45 -12.01
CA THR F 134 56.44 -19.25 -11.91
C THR F 134 55.92 -18.24 -12.93
N THR F 135 56.82 -17.35 -13.41
CA THR F 135 56.48 -16.32 -14.38
C THR F 135 55.87 -16.92 -15.65
N THR F 136 54.84 -16.25 -16.20
CA THR F 136 54.16 -16.67 -17.43
C THR F 136 54.52 -15.70 -18.54
N SER F 137 54.78 -14.43 -18.18
CA SER F 137 55.15 -13.36 -19.11
C SER F 137 56.65 -13.38 -19.46
N GLY F 138 57.48 -13.75 -18.48
CA GLY F 138 58.96 -13.79 -18.60
C GLY F 138 59.61 -12.43 -18.43
N ASN F 139 58.84 -11.45 -17.94
CA ASN F 139 59.33 -10.10 -17.69
C ASN F 139 59.82 -9.99 -16.25
N LEU F 140 61.10 -9.62 -16.10
CA LEU F 140 61.80 -9.52 -14.82
C LEU F 140 61.28 -8.40 -13.89
N HIS F 141 60.56 -7.39 -14.42
CA HIS F 141 59.98 -6.33 -13.60
C HIS F 141 58.80 -6.87 -12.72
N GLY F 142 58.36 -8.09 -13.00
CA GLY F 142 57.32 -8.80 -12.26
C GLY F 142 57.84 -9.92 -11.38
N GLN F 143 59.16 -9.87 -11.09
CA GLN F 143 59.92 -10.87 -10.32
C GLN F 143 60.89 -10.32 -9.24
N PRO F 144 61.12 -8.98 -9.06
CA PRO F 144 62.17 -8.53 -8.12
C PRO F 144 62.10 -9.05 -6.69
N VAL F 145 60.88 -9.16 -6.11
CA VAL F 145 60.69 -9.64 -4.73
C VAL F 145 61.23 -11.07 -4.54
N SER F 146 61.03 -11.94 -5.54
CA SER F 146 61.51 -13.32 -5.45
C SER F 146 63.04 -13.45 -5.29
N PHE F 147 63.81 -12.59 -5.97
CA PHE F 147 65.29 -12.61 -5.89
C PHE F 147 65.79 -12.08 -4.53
N LEU F 148 64.99 -11.26 -3.85
CA LEU F 148 65.33 -10.61 -2.58
C LEU F 148 64.97 -11.40 -1.32
N LEU F 149 63.93 -12.26 -1.38
CA LEU F 149 63.44 -12.99 -0.21
C LEU F 149 64.28 -14.20 0.20
N LYS F 150 64.66 -14.26 1.51
CA LYS F 150 65.45 -15.37 2.07
C LYS F 150 64.72 -16.71 2.02
N GLU F 151 63.39 -16.69 2.23
CA GLU F 151 62.53 -17.88 2.20
C GLU F 151 62.40 -18.52 0.82
N LEU F 152 62.76 -17.77 -0.24
CA LEU F 152 62.66 -18.28 -1.61
C LEU F 152 64.01 -18.81 -2.13
N LYS F 153 65.03 -18.89 -1.24
CA LYS F 153 66.33 -19.45 -1.55
C LYS F 153 66.12 -20.96 -1.80
N GLY F 154 66.62 -21.44 -2.93
CA GLY F 154 66.46 -22.82 -3.37
C GLY F 154 65.35 -22.96 -4.39
N LYS F 155 64.59 -21.87 -4.61
CA LYS F 155 63.48 -21.82 -5.58
C LYS F 155 63.82 -20.86 -6.73
N ILE F 156 64.96 -20.19 -6.66
CA ILE F 156 65.43 -19.28 -7.70
C ILE F 156 66.56 -20.00 -8.44
N PRO F 157 66.37 -20.37 -9.72
CA PRO F 157 67.46 -21.07 -10.44
C PRO F 157 68.63 -20.15 -10.79
N ASP F 158 69.75 -20.72 -11.26
CA ASP F 158 70.92 -19.95 -11.66
C ASP F 158 70.65 -19.17 -12.95
N VAL F 159 70.14 -17.93 -12.80
CA VAL F 159 69.81 -17.06 -13.92
C VAL F 159 71.07 -16.23 -14.32
N PRO F 160 71.51 -16.25 -15.61
CA PRO F 160 72.70 -15.46 -15.99
C PRO F 160 72.48 -13.97 -15.70
N GLY F 161 73.47 -13.37 -15.03
CA GLY F 161 73.45 -11.98 -14.64
C GLY F 161 73.09 -11.76 -13.18
N PHE F 162 72.64 -12.83 -12.48
CA PHE F 162 72.21 -12.71 -11.10
C PHE F 162 73.05 -13.52 -10.07
N SER F 163 74.26 -14.00 -10.43
CA SER F 163 75.10 -14.74 -9.48
C SER F 163 75.58 -13.87 -8.27
N TRP F 164 75.58 -12.54 -8.45
CA TRP F 164 75.97 -11.57 -7.41
C TRP F 164 74.91 -11.43 -6.31
N VAL F 165 73.64 -11.81 -6.62
CA VAL F 165 72.48 -11.67 -5.74
C VAL F 165 72.53 -12.60 -4.53
N THR F 166 72.34 -12.02 -3.34
CA THR F 166 72.21 -12.70 -2.07
C THR F 166 70.86 -12.21 -1.48
N PRO F 167 69.89 -13.12 -1.20
CA PRO F 167 68.61 -12.68 -0.61
C PRO F 167 68.88 -11.90 0.68
N CYS F 168 68.35 -10.67 0.75
CA CYS F 168 68.64 -9.77 1.86
C CYS F 168 67.44 -9.47 2.78
N ILE F 169 66.21 -9.87 2.38
CA ILE F 169 65.02 -9.60 3.19
C ILE F 169 64.23 -10.86 3.49
N SER F 170 63.69 -10.94 4.69
CA SER F 170 62.81 -12.04 5.10
C SER F 170 61.37 -11.63 4.80
N ALA F 171 60.50 -12.63 4.58
CA ALA F 171 59.08 -12.42 4.27
C ALA F 171 58.37 -11.52 5.27
N LYS F 172 58.82 -11.50 6.54
CA LYS F 172 58.27 -10.69 7.63
C LYS F 172 58.67 -9.19 7.56
N ASP F 173 59.62 -8.86 6.69
CA ASP F 173 60.19 -7.51 6.55
C ASP F 173 59.68 -6.70 5.36
N ILE F 174 58.57 -7.14 4.78
CA ILE F 174 57.94 -6.49 3.65
C ILE F 174 56.43 -6.34 3.87
N VAL F 175 55.88 -5.17 3.52
CA VAL F 175 54.43 -4.91 3.57
C VAL F 175 53.99 -4.40 2.20
N TYR F 176 52.99 -5.06 1.59
CA TYR F 176 52.43 -4.60 0.32
C TYR F 176 51.24 -3.68 0.58
N ILE F 177 51.08 -2.64 -0.27
CA ILE F 177 49.92 -1.72 -0.24
C ILE F 177 49.45 -1.45 -1.67
N GLY F 178 48.16 -1.64 -1.93
CA GLY F 178 47.52 -1.38 -3.22
C GLY F 178 47.27 -2.54 -4.19
N LEU F 179 47.59 -3.77 -3.77
CA LEU F 179 47.48 -5.00 -4.57
C LEU F 179 46.10 -5.22 -5.20
N ARG F 180 46.05 -5.50 -6.53
CA ARG F 180 44.77 -5.74 -7.22
C ARG F 180 44.90 -6.64 -8.48
N ASP F 181 46.14 -7.05 -8.88
CA ASP F 181 46.38 -7.93 -10.01
C ASP F 181 47.55 -8.85 -9.65
N VAL F 182 47.20 -9.99 -9.02
CA VAL F 182 48.18 -10.95 -8.52
C VAL F 182 48.00 -12.27 -9.28
N ASP F 183 49.09 -12.81 -9.87
CA ASP F 183 49.05 -14.09 -10.59
C ASP F 183 48.80 -15.29 -9.60
N PRO F 184 48.22 -16.43 -10.02
CA PRO F 184 48.01 -17.56 -9.08
C PRO F 184 49.27 -18.00 -8.31
N GLY F 185 50.39 -18.12 -9.04
CA GLY F 185 51.68 -18.50 -8.48
C GLY F 185 52.15 -17.53 -7.41
N GLU F 186 51.93 -16.24 -7.64
CA GLU F 186 52.25 -15.15 -6.72
C GLU F 186 51.37 -15.21 -5.48
N HIS F 187 50.04 -15.42 -5.66
CA HIS F 187 49.09 -15.52 -4.56
C HIS F 187 49.47 -16.71 -3.67
N TYR F 188 49.88 -17.84 -4.30
CA TYR F 188 50.33 -19.01 -3.57
C TYR F 188 51.53 -18.63 -2.68
N ILE F 189 52.53 -17.93 -3.25
CA ILE F 189 53.74 -17.49 -2.54
C ILE F 189 53.38 -16.55 -1.38
N LEU F 190 52.59 -15.51 -1.67
CA LEU F 190 52.14 -14.50 -0.70
C LEU F 190 51.47 -15.15 0.55
N LYS F 191 50.58 -16.15 0.32
CA LYS F 191 49.90 -16.87 1.39
C LYS F 191 50.78 -17.88 2.11
N THR F 192 51.56 -18.72 1.39
CA THR F 192 52.42 -19.77 1.98
C THR F 192 53.54 -19.15 2.84
N LEU F 193 54.06 -17.97 2.43
CA LEU F 193 55.12 -17.30 3.20
C LEU F 193 54.59 -16.40 4.32
N GLY F 194 53.28 -16.16 4.32
CA GLY F 194 52.60 -15.35 5.31
C GLY F 194 53.02 -13.90 5.33
N ILE F 195 53.25 -13.32 4.14
CA ILE F 195 53.65 -11.91 3.95
C ILE F 195 52.48 -11.00 4.34
N LYS F 196 52.77 -9.87 5.00
CA LYS F 196 51.75 -8.88 5.37
C LYS F 196 51.38 -8.07 4.10
N TYR F 197 50.07 -7.90 3.85
CA TYR F 197 49.60 -7.16 2.67
C TYR F 197 48.27 -6.45 2.89
N PHE F 198 48.11 -5.35 2.20
CA PHE F 198 46.89 -4.59 2.16
C PHE F 198 46.51 -4.48 0.69
N SER F 199 45.71 -5.44 0.19
CA SER F 199 45.25 -5.34 -1.18
C SER F 199 44.21 -4.21 -1.20
N MET F 200 43.66 -3.85 -2.38
CA MET F 200 42.63 -2.80 -2.45
C MET F 200 41.42 -3.14 -1.59
N THR F 201 41.19 -4.45 -1.35
CA THR F 201 40.10 -4.97 -0.50
C THR F 201 40.32 -4.52 0.95
N GLU F 202 41.56 -4.63 1.46
CA GLU F 202 41.92 -4.19 2.81
C GLU F 202 41.86 -2.67 2.91
N VAL F 203 42.34 -1.93 1.87
CA VAL F 203 42.27 -0.46 1.83
C VAL F 203 40.79 -0.02 1.92
N ASP F 204 39.90 -0.70 1.16
CA ASP F 204 38.46 -0.39 1.15
C ASP F 204 37.82 -0.64 2.50
N ARG F 205 38.18 -1.78 3.11
CA ARG F 205 37.66 -2.21 4.41
C ARG F 205 38.09 -1.29 5.56
N LEU F 206 39.41 -1.00 5.64
CA LEU F 206 39.99 -0.29 6.76
C LEU F 206 40.09 1.23 6.63
N GLY F 207 40.31 1.70 5.41
CA GLY F 207 40.58 3.10 5.15
C GLY F 207 42.09 3.23 5.19
N ILE F 208 42.64 4.18 4.43
CA ILE F 208 44.08 4.38 4.35
C ILE F 208 44.73 4.76 5.73
N GLY F 209 43.95 5.39 6.62
CA GLY F 209 44.41 5.76 7.96
C GLY F 209 44.81 4.54 8.77
N LYS F 210 43.91 3.54 8.85
CA LYS F 210 44.14 2.28 9.56
C LYS F 210 45.23 1.46 8.85
N VAL F 211 45.25 1.47 7.49
CA VAL F 211 46.29 0.78 6.68
C VAL F 211 47.69 1.24 7.10
N MET F 212 47.88 2.56 7.18
CA MET F 212 49.19 3.14 7.56
C MET F 212 49.53 2.86 9.01
N GLU F 213 48.53 2.96 9.91
CA GLU F 213 48.70 2.68 11.34
C GLU F 213 49.19 1.25 11.53
N GLU F 214 48.56 0.30 10.81
CA GLU F 214 48.92 -1.14 10.85
C GLU F 214 50.26 -1.45 10.17
N THR F 215 50.55 -0.81 9.03
CA THR F 215 51.81 -0.98 8.27
C THR F 215 53.01 -0.56 9.13
N LEU F 216 52.99 0.68 9.65
CA LEU F 216 54.07 1.23 10.46
C LEU F 216 54.26 0.51 11.80
N SER F 217 53.17 0.10 12.48
CA SER F 217 53.24 -0.68 13.72
C SER F 217 53.85 -2.06 13.45
N TYR F 218 53.47 -2.72 12.33
CA TYR F 218 53.97 -4.05 11.93
C TYR F 218 55.48 -4.01 11.68
N LEU F 219 55.97 -2.94 11.02
CA LEU F 219 57.39 -2.81 10.70
C LEU F 219 58.24 -2.15 11.79
N LEU F 220 57.68 -1.22 12.57
CA LEU F 220 58.46 -0.46 13.57
C LEU F 220 58.14 -0.72 15.06
N GLY F 221 57.11 -1.54 15.33
CA GLY F 221 56.67 -1.89 16.68
C GLY F 221 57.71 -2.41 17.65
N ARG F 222 58.55 -3.36 17.19
CA ARG F 222 59.62 -3.96 18.00
C ARG F 222 60.74 -2.97 18.31
N LYS F 223 61.10 -2.14 17.32
CA LYS F 223 62.16 -1.10 17.37
C LYS F 223 62.19 -0.29 16.08
N LYS F 224 62.68 0.96 16.17
CA LYS F 224 62.85 1.83 15.00
C LYS F 224 63.89 1.18 14.09
N ARG F 225 63.63 1.22 12.79
CA ARG F 225 64.47 0.61 11.77
C ARG F 225 64.38 1.39 10.43
N PRO F 226 65.41 1.32 9.55
CA PRO F 226 65.30 2.06 8.28
C PRO F 226 64.17 1.54 7.40
N ILE F 227 63.43 2.48 6.76
CA ILE F 227 62.34 2.15 5.85
C ILE F 227 62.78 2.34 4.40
N HIS F 228 62.48 1.35 3.54
CA HIS F 228 62.69 1.40 2.10
C HIS F 228 61.30 1.37 1.46
N LEU F 229 60.93 2.47 0.80
CA LEU F 229 59.65 2.57 0.10
C LEU F 229 59.93 2.36 -1.39
N SER F 230 59.36 1.28 -1.96
CA SER F 230 59.50 0.98 -3.38
C SER F 230 58.15 1.31 -3.99
N PHE F 231 58.07 2.47 -4.65
CA PHE F 231 56.83 3.00 -5.20
C PHE F 231 56.70 2.78 -6.71
N ASP F 232 55.78 1.91 -7.08
CA ASP F 232 55.45 1.68 -8.48
C ASP F 232 54.28 2.61 -8.71
N VAL F 233 54.37 3.51 -9.72
CA VAL F 233 53.28 4.47 -10.04
C VAL F 233 51.95 3.78 -10.42
N ASP F 234 51.99 2.50 -10.85
CA ASP F 234 50.76 1.76 -11.17
C ASP F 234 49.99 1.33 -9.91
N GLY F 235 50.57 1.57 -8.72
CA GLY F 235 49.90 1.34 -7.44
C GLY F 235 48.71 2.27 -7.33
N LEU F 236 48.87 3.54 -7.86
CA LEU F 236 47.82 4.57 -7.96
C LEU F 236 46.94 4.28 -9.15
N ASP F 237 45.68 4.73 -9.07
CA ASP F 237 44.69 4.52 -10.12
C ASP F 237 45.12 5.14 -11.45
N PRO F 238 44.83 4.46 -12.60
CA PRO F 238 45.20 5.03 -13.92
C PRO F 238 44.60 6.40 -14.23
N SER F 239 43.62 6.88 -13.42
CA SER F 239 43.07 8.22 -13.58
C SER F 239 44.09 9.28 -13.11
N PHE F 240 45.13 8.84 -12.37
CA PHE F 240 46.20 9.73 -11.85
C PHE F 240 47.54 9.46 -12.50
N THR F 241 47.87 8.18 -12.73
CA THR F 241 49.14 7.77 -13.34
C THR F 241 48.89 6.89 -14.60
N PRO F 242 48.24 7.42 -15.68
CA PRO F 242 47.96 6.56 -16.85
C PRO F 242 49.18 6.18 -17.69
N ALA F 243 50.23 7.02 -17.72
CA ALA F 243 51.45 6.76 -18.51
C ALA F 243 52.38 5.75 -17.79
N THR F 244 51.93 4.48 -17.80
CA THR F 244 52.57 3.34 -17.17
C THR F 244 52.26 2.06 -17.98
N GLY F 245 53.17 1.10 -17.93
CA GLY F 245 53.14 -0.16 -18.68
C GLY F 245 52.05 -1.15 -18.36
N THR F 246 51.78 -1.37 -17.06
CA THR F 246 50.78 -2.34 -16.61
C THR F 246 49.68 -1.67 -15.73
N PRO F 247 48.84 -0.76 -16.29
CA PRO F 247 47.80 -0.11 -15.47
C PRO F 247 46.65 -1.05 -15.14
N VAL F 248 46.10 -0.90 -13.92
CA VAL F 248 44.98 -1.70 -13.40
C VAL F 248 43.99 -0.75 -12.71
N VAL F 249 42.71 -0.81 -13.12
CA VAL F 249 41.64 0.02 -12.56
C VAL F 249 41.39 -0.24 -11.07
N GLY F 250 40.73 0.72 -10.41
CA GLY F 250 40.38 0.66 -9.00
C GLY F 250 41.57 0.81 -8.08
N GLY F 251 42.49 1.70 -8.45
CA GLY F 251 43.72 1.91 -7.71
C GLY F 251 43.65 2.90 -6.57
N LEU F 252 44.78 3.09 -5.89
CA LEU F 252 44.89 4.06 -4.81
C LEU F 252 44.65 5.43 -5.38
N THR F 253 43.93 6.28 -4.65
CA THR F 253 43.66 7.65 -5.11
C THR F 253 44.91 8.52 -4.94
N TYR F 254 44.86 9.74 -5.50
CA TYR F 254 45.91 10.74 -5.41
C TYR F 254 46.12 11.05 -3.91
N ARG F 255 45.01 11.27 -3.18
CA ARG F 255 44.95 11.54 -1.76
C ARG F 255 45.56 10.38 -0.94
N GLU F 256 45.20 9.12 -1.25
CA GLU F 256 45.74 7.96 -0.54
C GLU F 256 47.26 7.84 -0.77
N GLY F 257 47.72 8.12 -1.98
CA GLY F 257 49.14 8.10 -2.34
C GLY F 257 49.91 9.11 -1.51
N LEU F 258 49.33 10.33 -1.37
CA LEU F 258 49.95 11.38 -0.57
C LEU F 258 49.91 11.03 0.92
N TYR F 259 48.79 10.45 1.40
CA TYR F 259 48.66 10.04 2.78
C TYR F 259 49.71 8.99 3.20
N ILE F 260 49.92 7.98 2.34
CA ILE F 260 50.93 6.94 2.59
C ILE F 260 52.30 7.59 2.80
N THR F 261 52.69 8.45 1.86
CA THR F 261 54.01 9.09 1.84
C THR F 261 54.17 10.14 2.95
N GLU F 262 53.10 10.88 3.31
CA GLU F 262 53.13 11.84 4.43
C GLU F 262 53.39 11.07 5.74
N GLU F 263 52.71 9.93 5.95
CA GLU F 263 52.91 9.11 7.15
C GLU F 263 54.32 8.52 7.25
N ILE F 264 54.89 8.08 6.10
CA ILE F 264 56.25 7.54 6.05
C ILE F 264 57.27 8.66 6.39
N TYR F 265 57.06 9.87 5.83
CA TYR F 265 57.95 11.00 6.15
C TYR F 265 58.00 11.26 7.66
N LYS F 266 56.83 11.38 8.28
CA LYS F 266 56.63 11.67 9.71
C LYS F 266 57.37 10.72 10.67
N THR F 267 57.65 9.47 10.25
CA THR F 267 58.42 8.52 11.08
C THR F 267 59.89 8.97 11.23
N GLY F 268 60.40 9.72 10.24
CA GLY F 268 61.79 10.18 10.19
C GLY F 268 62.72 9.04 9.83
N LEU F 269 62.15 7.91 9.35
CA LEU F 269 62.93 6.69 9.09
C LEU F 269 63.05 6.30 7.62
N LEU F 270 62.54 7.15 6.67
CA LEU F 270 62.74 6.87 5.25
C LEU F 270 64.24 6.89 4.98
N SER F 271 64.74 5.82 4.38
CA SER F 271 66.17 5.61 4.16
C SER F 271 66.47 5.31 2.68
N GLY F 272 65.48 4.78 1.98
CA GLY F 272 65.57 4.45 0.56
C GLY F 272 64.23 4.62 -0.12
N LEU F 273 64.24 5.19 -1.34
CA LEU F 273 63.02 5.40 -2.11
C LEU F 273 63.22 5.09 -3.59
N ASP F 274 62.24 4.39 -4.21
CA ASP F 274 62.20 4.04 -5.63
C ASP F 274 60.94 4.63 -6.22
N ILE F 275 61.06 5.42 -7.31
CA ILE F 275 59.91 5.98 -8.03
C ILE F 275 59.99 5.31 -9.39
N MET F 276 59.18 4.26 -9.56
CA MET F 276 59.27 3.40 -10.73
C MET F 276 58.08 3.35 -11.65
N GLU F 277 58.34 2.86 -12.86
CA GLU F 277 57.41 2.54 -13.94
C GLU F 277 56.73 3.76 -14.59
N VAL F 278 57.32 4.97 -14.47
CA VAL F 278 56.79 6.14 -15.19
C VAL F 278 57.27 5.96 -16.65
N ASN F 279 56.36 5.69 -17.60
CA ASN F 279 56.72 5.56 -19.01
C ASN F 279 56.06 6.72 -19.83
N PRO F 280 56.83 7.80 -20.16
CA PRO F 280 56.25 8.94 -20.91
C PRO F 280 55.84 8.66 -22.35
N SER F 281 56.17 7.47 -22.89
CA SER F 281 55.76 7.08 -24.24
C SER F 281 54.34 6.48 -24.23
N LEU F 282 53.80 6.20 -23.03
CA LEU F 282 52.52 5.51 -22.89
C LEU F 282 51.30 6.39 -22.54
N GLY F 283 51.45 7.69 -22.58
CA GLY F 283 50.30 8.56 -22.38
C GLY F 283 49.49 8.59 -23.67
N LYS F 284 48.13 8.49 -23.57
CA LYS F 284 47.24 8.54 -24.77
C LYS F 284 47.20 9.96 -25.36
N THR F 285 47.56 10.98 -24.53
CA THR F 285 47.60 12.40 -24.90
C THR F 285 48.83 13.00 -24.22
N PRO F 286 49.37 14.16 -24.67
CA PRO F 286 50.48 14.80 -23.92
C PRO F 286 50.10 15.10 -22.45
N GLU F 287 48.81 15.41 -22.18
CA GLU F 287 48.27 15.70 -20.85
C GLU F 287 48.37 14.48 -19.91
N GLU F 288 48.17 13.26 -20.41
CA GLU F 288 48.27 12.06 -19.57
C GLU F 288 49.69 11.83 -19.08
N VAL F 289 50.71 12.21 -19.88
CA VAL F 289 52.12 12.13 -19.50
C VAL F 289 52.37 13.16 -18.39
N THR F 290 51.97 14.44 -18.61
CA THR F 290 52.17 15.52 -17.65
C THR F 290 51.49 15.19 -16.32
N ARG F 291 50.25 14.64 -16.38
CA ARG F 291 49.48 14.18 -15.23
C ARG F 291 50.25 13.14 -14.41
N THR F 292 50.83 12.12 -15.11
CA THR F 292 51.59 11.02 -14.49
C THR F 292 52.84 11.55 -13.83
N VAL F 293 53.61 12.40 -14.55
CA VAL F 293 54.84 13.02 -14.07
C VAL F 293 54.55 13.91 -12.84
N ASN F 294 53.52 14.78 -12.93
CA ASN F 294 53.13 15.64 -11.80
C ASN F 294 52.73 14.82 -10.57
N THR F 295 52.01 13.69 -10.77
CA THR F 295 51.60 12.83 -9.66
C THR F 295 52.83 12.21 -9.02
N ALA F 296 53.76 11.66 -9.84
CA ALA F 296 55.00 11.08 -9.36
C ALA F 296 55.87 12.08 -8.56
N VAL F 297 55.92 13.35 -9.04
CA VAL F 297 56.66 14.43 -8.39
C VAL F 297 56.02 14.73 -7.02
N ALA F 298 54.66 14.81 -6.96
CA ALA F 298 53.92 15.10 -5.72
C ALA F 298 54.16 14.03 -4.66
N ILE F 299 54.14 12.74 -5.05
CA ILE F 299 54.43 11.60 -4.18
C ILE F 299 55.83 11.78 -3.57
N THR F 300 56.83 12.07 -4.45
CA THR F 300 58.24 12.25 -4.06
C THR F 300 58.38 13.40 -3.06
N LEU F 301 57.76 14.56 -3.32
CA LEU F 301 57.84 15.73 -2.42
C LEU F 301 57.28 15.43 -1.03
N ALA F 302 56.13 14.72 -0.94
CA ALA F 302 55.56 14.34 0.36
C ALA F 302 56.49 13.37 1.11
N CYS F 303 57.29 12.53 0.38
CA CYS F 303 58.28 11.63 1.02
C CYS F 303 59.33 12.44 1.77
N PHE F 304 59.60 13.66 1.31
CA PHE F 304 60.62 14.51 1.91
C PHE F 304 60.06 15.75 2.62
N GLY F 305 58.84 15.64 3.16
CA GLY F 305 58.28 16.67 4.02
C GLY F 305 57.14 17.55 3.59
N LEU F 306 56.86 17.65 2.28
CA LEU F 306 55.76 18.52 1.83
C LEU F 306 54.43 18.01 2.37
N ALA F 307 53.74 18.84 3.17
CA ALA F 307 52.49 18.45 3.82
C ALA F 307 51.31 19.26 3.37
N ARG F 308 50.18 18.60 3.17
CA ARG F 308 48.97 19.28 2.70
C ARG F 308 48.45 20.34 3.69
N GLU F 309 48.68 20.17 5.02
CA GLU F 309 48.26 21.16 6.03
C GLU F 309 49.11 22.43 5.95
N GLY F 310 50.29 22.33 5.32
CA GLY F 310 51.22 23.43 5.17
C GLY F 310 52.55 23.13 5.81
N ASN F 311 53.54 23.95 5.52
CA ASN F 311 54.89 23.88 6.07
C ASN F 311 55.37 25.28 6.37
N HIS F 312 56.20 25.45 7.40
CA HIS F 312 56.80 26.76 7.73
C HIS F 312 58.20 26.59 8.29
N LYS F 313 59.06 27.61 8.09
CA LYS F 313 60.44 27.61 8.60
C LYS F 313 60.42 27.96 10.09
N PRO F 314 61.43 27.51 10.91
CA PRO F 314 61.38 27.83 12.37
C PRO F 314 61.77 29.29 12.69
N ILE F 315 60.86 30.22 12.30
CA ILE F 315 60.96 31.68 12.46
C ILE F 315 59.58 32.23 12.87
N ASP F 316 59.54 33.46 13.41
CA ASP F 316 58.28 34.09 13.79
C ASP F 316 57.79 34.91 12.60
N TYR F 317 56.80 34.37 11.87
CA TYR F 317 56.20 34.98 10.68
C TYR F 317 55.36 36.22 11.00
N LEU F 318 54.83 36.32 12.24
CA LEU F 318 54.03 37.47 12.67
C LEU F 318 54.89 38.64 13.19
N ASN F 319 56.21 38.39 13.43
CA ASN F 319 57.16 39.41 13.88
C ASN F 319 58.50 39.23 13.15
N PRO F 320 58.61 39.64 11.86
CA PRO F 320 59.88 39.46 11.14
C PRO F 320 60.91 40.50 11.55
#